data_5XLP
#
_entry.id   5XLP
#
_cell.length_a   1
_cell.length_b   1
_cell.length_c   1
_cell.angle_alpha   90.00
_cell.angle_beta   90.00
_cell.angle_gamma   90.00
#
_symmetry.space_group_name_H-M   'P 1'
#
loop_
_entity.id
_entity.type
_entity.pdbx_description
1 polymer 'CRISPR-associated protein Csy3'
2 polymer 'crRNA with 20nt spacer sequence'
3 polymer 'Uncharacterized protein AcrF1'
#
loop_
_entity_poly.entity_id
_entity_poly.type
_entity_poly.pdbx_seq_one_letter_code
_entity_poly.pdbx_strand_id
1 'polypeptide(L)'
;MSKPILSTASVLAFERKLDPSDALMSAGAWAQRDASQEWPAVTVREKSVRGTISNRLKTKDRDPAKLDASIQSPNLQTVD
VANLPSDADTLKVRFTLRVLGGAGTPSACNDAAYRDKLLQTVATYVNDQGFAELARRYAHNLANARFLWRNRVGAEAVEV
RINHIRQGEVARAWRFDALAIGLRDFKADAELDALAELIASGLSGSGHVLLEVVAFARIGDGQEVFPSQELILDKGDKKG
QKSKTLYSVRDAAAIHSQKIGNALRTIDTWYPDEDGLGPIAVEPYGSVTSQGKAYRQPKQKLDFYTLLDNWVLRDEAPAV
EQQHYVIANLIRGGVFGEAEEK
;
C,D,E,F
2 'polyribonucleotide' CUAAGAAAUUCACGGCGGGCUUGAUGUCGUUCACUGCCGUGUAGGCAG K
3 'polypeptide(L)' MKFIKYLSTAHLNYMNIAVYENGSKIKARVENVVNGKSVGARDFDSTEQLESWFYGLPGSGLGRIENAMNEISRRENP M
#
loop_
_chem_comp.id
_chem_comp.type
_chem_comp.name
_chem_comp.formula
A RNA linking ADENOSINE-5'-MONOPHOSPHATE 'C10 H14 N5 O7 P'
C RNA linking CYTIDINE-5'-MONOPHOSPHATE 'C9 H14 N3 O8 P'
G RNA linking GUANOSINE-5'-MONOPHOSPHATE 'C10 H14 N5 O8 P'
U RNA linking URIDINE-5'-MONOPHOSPHATE 'C9 H13 N2 O9 P'
#
# COMPACT_ATOMS: atom_id res chain seq x y z
N GLU A 15 -26.67 -6.94 39.77
CA GLU A 15 -25.29 -7.41 39.87
C GLU A 15 -25.08 -8.59 38.93
N ARG A 16 -23.87 -8.63 38.35
CA ARG A 16 -23.43 -9.66 37.41
C ARG A 16 -24.40 -9.77 36.22
N LYS A 17 -24.46 -8.68 35.46
CA LYS A 17 -25.31 -8.65 34.28
C LYS A 17 -24.76 -9.56 33.19
N LEU A 18 -25.60 -9.85 32.21
CA LEU A 18 -25.23 -10.75 31.14
C LEU A 18 -24.21 -10.10 30.21
N ASP A 19 -23.52 -10.93 29.46
CA ASP A 19 -22.44 -10.44 28.61
C ASP A 19 -23.01 -9.81 27.35
N PRO A 20 -22.47 -8.67 26.90
CA PRO A 20 -22.76 -8.22 25.53
C PRO A 20 -21.96 -8.97 24.49
N SER A 21 -21.02 -9.82 24.91
CA SER A 21 -20.14 -10.54 24.00
C SER A 21 -19.69 -11.82 24.69
N ASP A 22 -20.18 -12.96 24.23
CA ASP A 22 -19.77 -14.26 24.74
C ASP A 22 -19.27 -15.12 23.61
N ALA A 23 -18.37 -16.05 23.95
CA ALA A 23 -17.85 -17.02 23.00
C ALA A 23 -17.32 -18.20 23.78
N LEU A 24 -17.54 -19.40 23.24
CA LEU A 24 -17.01 -20.61 23.85
C LEU A 24 -16.48 -21.54 22.77
N MET A 25 -15.26 -22.05 22.98
CA MET A 25 -14.56 -22.83 21.98
C MET A 25 -15.14 -24.22 21.83
N SER A 26 -15.20 -24.70 20.59
CA SER A 26 -15.85 -25.97 20.28
C SER A 26 -14.93 -27.12 20.67
N ALA A 27 -14.93 -27.44 21.96
CA ALA A 27 -14.19 -28.58 22.45
C ALA A 27 -14.85 -29.88 22.01
N GLY A 28 -14.05 -30.91 21.85
CA GLY A 28 -14.55 -32.16 21.31
C GLY A 28 -14.93 -32.02 19.85
N ALA A 29 -14.12 -31.29 19.09
CA ALA A 29 -14.38 -31.11 17.67
C ALA A 29 -13.99 -32.37 16.87
N TRP A 30 -14.16 -32.28 15.56
CA TRP A 30 -14.09 -33.47 14.73
C TRP A 30 -13.28 -33.21 13.47
N ALA A 31 -12.93 -34.30 12.78
CA ALA A 31 -12.13 -34.28 11.56
C ALA A 31 -13.00 -34.64 10.36
N GLN A 32 -12.36 -34.78 9.20
CA GLN A 32 -13.04 -35.11 7.97
C GLN A 32 -13.07 -36.62 7.75
N ARG A 33 -13.76 -37.02 6.70
CA ARG A 33 -14.01 -38.43 6.43
C ARG A 33 -13.23 -38.88 5.21
N ASP A 34 -12.96 -40.18 5.15
CA ASP A 34 -12.08 -40.73 4.13
C ASP A 34 -12.78 -41.89 3.45
N ALA A 35 -13.62 -41.58 2.46
CA ALA A 35 -14.29 -42.63 1.73
C ALA A 35 -13.29 -43.36 0.84
N SER A 36 -13.06 -44.62 1.15
CA SER A 36 -12.12 -45.44 0.40
C SER A 36 -12.57 -46.88 0.58
N GLN A 37 -12.42 -47.69 -0.46
CA GLN A 37 -13.21 -48.91 -0.58
C GLN A 37 -12.37 -50.17 -0.59
N GLU A 38 -12.90 -51.20 0.07
CA GLU A 38 -12.17 -52.36 0.56
C GLU A 38 -13.13 -53.55 0.49
N TRP A 39 -12.68 -54.74 0.86
CA TRP A 39 -13.58 -55.87 0.87
C TRP A 39 -13.62 -56.50 2.27
N PRO A 40 -14.78 -56.97 2.73
CA PRO A 40 -14.85 -57.61 4.04
C PRO A 40 -14.16 -58.96 4.01
N ALA A 41 -13.60 -59.33 5.16
CA ALA A 41 -12.56 -60.33 5.41
C ALA A 41 -11.22 -59.96 4.75
N VAL A 42 -11.11 -58.79 4.14
CA VAL A 42 -9.83 -58.16 3.83
C VAL A 42 -9.90 -56.88 4.66
N THR A 43 -10.71 -56.95 5.72
CA THR A 43 -11.05 -55.82 6.57
C THR A 43 -9.84 -55.26 7.31
N VAL A 44 -9.00 -56.14 7.85
CA VAL A 44 -7.92 -55.72 8.75
C VAL A 44 -6.79 -55.05 7.98
N ARG A 45 -6.73 -55.22 6.66
CA ARG A 45 -5.60 -54.79 5.85
C ARG A 45 -5.77 -53.39 5.29
N GLU A 46 -6.39 -52.50 6.07
CA GLU A 46 -6.59 -51.13 5.66
C GLU A 46 -5.26 -50.40 5.69
N LYS A 47 -4.52 -50.50 4.60
CA LYS A 47 -3.42 -49.59 4.35
C LYS A 47 -3.56 -48.86 3.02
N SER A 48 -3.73 -49.59 1.93
CA SER A 48 -3.77 -49.05 0.58
C SER A 48 -5.18 -49.10 0.02
N VAL A 49 -6.15 -48.80 0.87
CA VAL A 49 -7.55 -48.89 0.50
C VAL A 49 -7.88 -47.74 -0.44
N ARG A 50 -8.27 -48.09 -1.67
CA ARG A 50 -8.30 -47.13 -2.76
C ARG A 50 -9.45 -46.14 -2.58
N GLY A 51 -9.14 -44.86 -2.68
CA GLY A 51 -10.13 -43.84 -2.43
C GLY A 51 -10.99 -43.55 -3.65
N THR A 52 -12.15 -42.95 -3.39
CA THR A 52 -13.21 -42.83 -4.38
C THR A 52 -13.37 -41.38 -4.79
N ILE A 53 -13.64 -41.15 -6.07
CA ILE A 53 -13.77 -39.80 -6.61
C ILE A 53 -15.15 -39.64 -7.22
N VAL A 93 -19.87 -42.99 -6.97
CA VAL A 93 -20.19 -44.38 -7.22
C VAL A 93 -19.18 -45.20 -6.44
N ARG A 94 -19.58 -46.37 -5.94
CA ARG A 94 -18.57 -47.25 -5.40
C ARG A 94 -17.69 -47.83 -6.50
N PHE A 95 -16.63 -48.52 -6.08
CA PHE A 95 -15.81 -49.20 -7.06
C PHE A 95 -16.41 -50.56 -7.39
N THR A 96 -15.69 -51.32 -8.21
CA THR A 96 -16.30 -52.43 -8.92
C THR A 96 -16.45 -53.66 -8.02
N LEU A 97 -15.39 -54.01 -7.29
CA LEU A 97 -15.39 -55.25 -6.53
C LEU A 97 -15.18 -55.04 -5.05
N ARG A 98 -15.05 -53.79 -4.62
CA ARG A 98 -14.82 -53.47 -3.22
C ARG A 98 -16.16 -53.28 -2.51
N VAL A 99 -16.38 -54.05 -1.46
CA VAL A 99 -17.67 -54.10 -0.81
C VAL A 99 -17.68 -53.31 0.50
N LEU A 100 -16.57 -53.33 1.24
CA LEU A 100 -16.46 -52.45 2.39
C LEU A 100 -16.39 -51.00 1.95
N GLY A 101 -16.84 -50.12 2.83
CA GLY A 101 -16.53 -48.73 2.75
C GLY A 101 -15.22 -48.42 3.43
N GLY A 102 -15.18 -47.28 4.10
CA GLY A 102 -14.00 -46.90 4.83
C GLY A 102 -14.24 -45.55 5.44
N ALA A 103 -13.81 -45.34 6.68
CA ALA A 103 -14.03 -44.06 7.31
C ALA A 103 -12.89 -43.82 8.29
N GLY A 104 -11.90 -43.06 7.85
CA GLY A 104 -10.88 -42.57 8.77
C GLY A 104 -11.28 -41.20 9.27
N THR A 105 -11.88 -41.13 10.45
CA THR A 105 -12.31 -39.87 11.03
C THR A 105 -11.66 -39.69 12.40
N PRO A 106 -10.53 -39.03 12.46
CA PRO A 106 -9.86 -38.80 13.76
C PRO A 106 -10.30 -37.53 14.49
N SER A 107 -11.43 -37.62 15.17
CA SER A 107 -11.88 -36.50 16.02
C SER A 107 -11.02 -36.45 17.26
N ALA A 108 -10.80 -35.24 17.76
CA ALA A 108 -10.00 -35.04 18.95
C ALA A 108 -10.77 -34.21 19.96
N CYS A 109 -10.61 -34.55 21.22
CA CYS A 109 -11.32 -33.88 22.30
C CYS A 109 -10.46 -32.76 22.86
N ASN A 110 -11.07 -31.62 23.12
CA ASN A 110 -10.35 -30.58 23.82
C ASN A 110 -10.82 -30.47 25.26
N ASP A 111 -9.93 -29.98 26.11
CA ASP A 111 -10.14 -29.97 27.54
C ASP A 111 -10.95 -28.74 27.93
N ALA A 112 -11.14 -28.54 29.25
CA ALA A 112 -11.51 -27.26 29.87
C ALA A 112 -12.82 -26.71 29.30
N ALA A 113 -13.90 -27.40 29.68
CA ALA A 113 -15.14 -27.38 28.93
C ALA A 113 -15.80 -26.01 28.86
N TYR A 114 -15.63 -25.19 29.90
CA TYR A 114 -16.22 -23.85 29.89
C TYR A 114 -15.17 -22.75 29.82
N ARG A 115 -13.92 -23.09 29.56
CA ARG A 115 -12.86 -22.10 29.43
C ARG A 115 -13.13 -21.25 28.19
N ASP A 116 -13.55 -20.01 28.42
CA ASP A 116 -14.08 -19.19 27.35
C ASP A 116 -12.98 -18.72 26.40
N LYS A 117 -13.42 -18.01 25.37
CA LYS A 117 -12.53 -17.22 24.54
C LYS A 117 -12.68 -15.73 24.80
N LEU A 118 -13.87 -15.27 25.13
CA LEU A 118 -14.11 -13.86 25.38
C LEU A 118 -14.70 -13.69 26.77
N LEU A 119 -14.47 -12.50 27.33
CA LEU A 119 -14.86 -12.22 28.72
C LEU A 119 -15.37 -10.79 28.76
N GLN A 120 -16.67 -10.59 28.53
CA GLN A 120 -17.24 -9.26 28.71
C GLN A 120 -17.25 -8.83 30.16
N THR A 121 -17.37 -9.79 31.08
CA THR A 121 -17.16 -9.57 32.49
C THR A 121 -16.41 -10.77 33.03
N VAL A 122 -15.23 -10.54 33.60
CA VAL A 122 -14.40 -11.63 34.10
C VAL A 122 -15.06 -12.29 35.31
N ALA A 123 -15.86 -11.52 36.07
CA ALA A 123 -16.60 -12.10 37.18
C ALA A 123 -17.65 -13.10 36.69
N THR A 124 -18.29 -12.80 35.55
CA THR A 124 -19.20 -13.76 34.94
C THR A 124 -18.46 -15.01 34.48
N TYR A 125 -17.24 -14.83 33.97
CA TYR A 125 -16.39 -15.96 33.61
C TYR A 125 -16.04 -16.81 34.82
N VAL A 126 -15.77 -16.18 35.96
CA VAL A 126 -15.45 -16.91 37.19
C VAL A 126 -16.67 -17.65 37.68
N ASN A 127 -17.86 -17.04 37.54
CA ASN A 127 -19.11 -17.72 37.85
C ASN A 127 -19.25 -18.98 37.02
N ASP A 128 -19.13 -18.84 35.70
CA ASP A 128 -19.35 -19.94 34.78
C ASP A 128 -18.31 -21.04 34.94
N GLN A 129 -17.10 -20.67 35.33
CA GLN A 129 -16.12 -21.68 35.68
C GLN A 129 -16.50 -22.39 36.97
N GLY A 130 -17.11 -21.66 37.91
CA GLY A 130 -17.67 -22.29 39.08
C GLY A 130 -18.77 -23.26 38.74
N PHE A 131 -19.61 -22.90 37.77
CA PHE A 131 -20.61 -23.81 37.26
C PHE A 131 -19.98 -25.00 36.55
N ALA A 132 -18.84 -24.80 35.90
CA ALA A 132 -18.16 -25.91 35.26
C ALA A 132 -17.63 -26.87 36.30
N GLU A 133 -17.19 -26.36 37.44
CA GLU A 133 -16.82 -27.22 38.54
C GLU A 133 -18.05 -27.87 39.17
N LEU A 134 -19.22 -27.24 39.05
CA LEU A 134 -20.43 -27.85 39.55
C LEU A 134 -20.86 -29.02 38.68
N ALA A 135 -21.04 -28.78 37.39
CA ALA A 135 -21.46 -29.85 36.52
C ALA A 135 -20.31 -30.75 36.09
N ARG A 136 -19.11 -30.51 36.58
CA ARG A 136 -17.96 -31.35 36.30
C ARG A 136 -17.48 -32.13 37.51
N ARG A 137 -17.32 -31.47 38.64
CA ARG A 137 -16.98 -32.13 39.89
C ARG A 137 -18.23 -32.68 40.58
N TYR A 138 -19.28 -31.86 40.63
CA TYR A 138 -20.54 -32.33 41.22
C TYR A 138 -21.22 -33.34 40.29
N ALA A 139 -21.62 -32.90 39.11
CA ALA A 139 -22.20 -33.81 38.13
C ALA A 139 -21.08 -34.48 37.34
N HIS A 140 -21.26 -35.74 36.99
CA HIS A 140 -20.22 -36.50 36.33
C HIS A 140 -20.56 -36.63 34.85
N ASN A 141 -19.60 -37.12 34.07
CA ASN A 141 -19.78 -37.32 32.65
C ASN A 141 -19.65 -38.78 32.23
N LEU A 142 -20.03 -39.72 33.11
CA LEU A 142 -20.19 -41.11 32.69
C LEU A 142 -21.25 -41.23 31.62
N ALA A 143 -22.48 -40.85 31.95
CA ALA A 143 -23.58 -40.99 31.00
C ALA A 143 -23.54 -39.93 29.93
N ASN A 144 -22.84 -38.81 30.13
CA ASN A 144 -22.65 -37.85 29.06
C ASN A 144 -21.79 -38.43 27.96
N ALA A 145 -20.65 -39.01 28.34
CA ALA A 145 -19.82 -39.72 27.38
C ALA A 145 -20.47 -41.01 26.90
N ARG A 146 -21.40 -41.56 27.66
CA ARG A 146 -22.16 -42.69 27.18
C ARG A 146 -23.25 -42.25 26.21
N PHE A 147 -23.64 -40.99 26.23
CA PHE A 147 -24.35 -40.46 25.06
C PHE A 147 -23.38 -40.35 23.89
N LEU A 148 -22.19 -39.80 24.12
CA LEU A 148 -21.26 -39.59 23.01
C LEU A 148 -20.65 -40.87 22.47
N TRP A 149 -20.84 -42.00 23.13
CA TRP A 149 -20.43 -43.28 22.57
C TRP A 149 -21.64 -44.16 22.30
N ARG A 150 -22.40 -44.50 23.34
CA ARG A 150 -23.54 -45.40 23.24
C ARG A 150 -24.66 -44.88 22.35
N ASN A 151 -24.65 -43.60 22.03
CA ASN A 151 -25.51 -43.05 20.99
C ASN A 151 -24.70 -42.36 19.89
N ARG A 152 -23.44 -42.77 19.73
CA ARG A 152 -22.67 -42.44 18.54
C ARG A 152 -21.81 -43.57 18.01
N VAL A 153 -21.54 -44.61 18.81
CA VAL A 153 -20.87 -45.79 18.25
C VAL A 153 -21.81 -46.52 17.32
N GLY A 154 -23.09 -46.58 17.68
CA GLY A 154 -24.14 -46.83 16.72
C GLY A 154 -24.00 -45.72 15.71
N ALA A 155 -23.47 -46.09 14.55
CA ALA A 155 -22.85 -45.12 13.66
C ALA A 155 -23.89 -44.26 12.97
N GLU A 156 -24.52 -43.36 13.72
CA GLU A 156 -25.11 -42.18 13.10
C GLU A 156 -24.05 -41.34 12.43
N ALA A 157 -22.79 -41.48 12.86
CA ALA A 157 -21.58 -41.15 12.12
C ALA A 157 -21.71 -41.28 10.61
N VAL A 158 -21.91 -42.50 10.13
CA VAL A 158 -22.00 -42.72 8.69
C VAL A 158 -23.47 -42.52 8.33
N GLU A 159 -23.86 -41.27 8.05
CA GLU A 159 -25.26 -40.87 8.19
C GLU A 159 -26.19 -41.54 7.19
N VAL A 160 -26.07 -41.23 5.92
CA VAL A 160 -27.07 -41.69 4.98
C VAL A 160 -26.73 -43.10 4.51
N ARG A 161 -25.50 -43.51 4.70
CA ARG A 161 -25.08 -44.83 4.27
C ARG A 161 -25.47 -45.92 5.28
N ILE A 162 -26.00 -45.53 6.44
CA ILE A 162 -26.37 -46.50 7.48
C ILE A 162 -27.57 -47.36 7.05
N ASN A 163 -28.29 -46.95 6.01
CA ASN A 163 -29.49 -47.67 5.59
C ASN A 163 -29.08 -49.00 4.98
N HIS A 164 -29.39 -50.07 5.72
CA HIS A 164 -29.17 -51.46 5.33
C HIS A 164 -27.69 -51.72 5.03
N ILE A 165 -26.91 -51.54 6.08
CA ILE A 165 -25.54 -52.02 6.06
C ILE A 165 -25.57 -53.53 6.10
N ARG A 166 -24.63 -54.18 5.41
CA ARG A 166 -24.43 -55.59 5.65
C ARG A 166 -23.86 -55.84 7.04
N GLN A 167 -22.78 -55.16 7.39
CA GLN A 167 -22.20 -55.26 8.73
C GLN A 167 -21.40 -54.01 9.01
N GLY A 168 -21.91 -53.14 9.87
CA GLY A 168 -21.21 -51.90 10.16
C GLY A 168 -20.20 -52.06 11.27
N GLU A 169 -18.94 -52.27 10.89
CA GLU A 169 -17.87 -52.49 11.85
C GLU A 169 -17.25 -51.16 12.25
N VAL A 170 -17.19 -50.91 13.55
CA VAL A 170 -16.72 -49.65 14.10
C VAL A 170 -15.51 -49.96 14.98
N ALA A 171 -14.33 -49.56 14.53
CA ALA A 171 -13.10 -49.79 15.27
C ALA A 171 -12.53 -48.42 15.67
N ARG A 172 -13.00 -47.92 16.80
CA ARG A 172 -12.60 -46.60 17.28
C ARG A 172 -11.25 -46.72 17.94
N ALA A 173 -10.20 -46.56 17.15
CA ALA A 173 -8.85 -46.71 17.65
C ALA A 173 -8.31 -45.39 18.19
N TRP A 174 -7.22 -45.49 18.95
CA TRP A 174 -6.61 -44.31 19.54
C TRP A 174 -5.12 -44.54 19.75
N ARG A 175 -4.35 -43.47 19.55
CA ARG A 175 -2.91 -43.50 19.67
C ARG A 175 -2.41 -42.42 20.64
N PHE A 176 -1.39 -42.78 21.43
CA PHE A 176 -0.58 -41.75 22.09
C PHE A 176 0.04 -40.83 21.07
N ASP A 177 0.61 -41.43 20.04
CA ASP A 177 1.67 -40.90 19.19
C ASP A 177 1.43 -41.52 17.84
N ALA A 178 2.48 -41.77 17.06
CA ALA A 178 2.36 -42.79 16.03
C ALA A 178 1.91 -44.13 16.61
N LEU A 179 2.35 -44.46 17.83
CA LEU A 179 1.98 -45.71 18.48
C LEU A 179 0.53 -45.70 18.93
N ALA A 180 -0.23 -46.69 18.47
CA ALA A 180 -1.64 -46.83 18.76
C ALA A 180 -1.85 -47.79 19.91
N ILE A 181 -2.54 -47.34 20.96
CA ILE A 181 -2.79 -48.14 22.15
C ILE A 181 -4.28 -48.24 22.46
N GLY A 182 -4.98 -47.11 22.42
CA GLY A 182 -6.43 -47.13 22.58
C GLY A 182 -7.07 -47.89 21.45
N LEU A 183 -7.57 -49.10 21.75
CA LEU A 183 -8.01 -50.01 20.72
C LEU A 183 -9.25 -50.75 21.21
N ARG A 184 -10.32 -50.71 20.42
CA ARG A 184 -11.55 -51.40 20.73
C ARG A 184 -12.40 -51.57 19.47
N ASP A 185 -13.17 -52.65 19.44
CA ASP A 185 -13.92 -53.10 18.28
C ASP A 185 -15.42 -53.09 18.60
N PHE A 186 -16.24 -52.87 17.58
CA PHE A 186 -17.68 -52.77 17.78
C PHE A 186 -18.43 -53.35 16.59
N LYS A 187 -19.76 -53.24 16.67
CA LYS A 187 -20.66 -53.56 15.56
C LYS A 187 -21.86 -52.64 15.74
N ALA A 188 -21.91 -51.57 14.93
CA ALA A 188 -22.95 -50.57 15.09
C ALA A 188 -24.32 -51.12 14.73
N ASP A 189 -24.37 -52.12 13.85
CA ASP A 189 -25.62 -52.80 13.57
C ASP A 189 -26.10 -53.63 14.75
N ALA A 190 -25.20 -54.04 15.64
CA ALA A 190 -25.56 -54.71 16.87
C ALA A 190 -25.91 -53.74 17.99
N GLU A 191 -26.28 -52.50 17.64
CA GLU A 191 -26.60 -51.47 18.62
C GLU A 191 -27.86 -50.73 18.18
N LEU A 192 -28.57 -50.20 19.16
CA LEU A 192 -29.78 -49.43 18.93
C LEU A 192 -29.44 -48.04 18.41
N ASP A 193 -30.42 -47.41 17.77
CA ASP A 193 -30.29 -46.02 17.34
C ASP A 193 -31.44 -45.16 17.83
N ALA A 194 -32.22 -45.64 18.79
CA ALA A 194 -33.13 -44.80 19.53
C ALA A 194 -32.90 -44.84 21.02
N LEU A 195 -32.12 -45.79 21.53
CA LEU A 195 -31.82 -45.90 22.95
C LEU A 195 -30.36 -46.26 23.13
N ALA A 196 -29.88 -46.11 24.36
CA ALA A 196 -28.53 -46.47 24.75
C ALA A 196 -28.61 -47.63 25.74
N GLU A 197 -27.76 -48.64 25.55
CA GLU A 197 -27.73 -49.79 26.43
C GLU A 197 -26.38 -49.94 27.10
N LEU A 198 -26.39 -50.68 28.21
CA LEU A 198 -25.20 -50.88 29.04
C LEU A 198 -24.27 -51.86 28.35
N ILE A 199 -23.08 -51.41 27.96
CA ILE A 199 -22.07 -52.22 27.31
C ILE A 199 -20.73 -51.91 27.95
N ALA A 200 -19.96 -52.96 28.29
CA ALA A 200 -18.70 -52.78 29.00
C ALA A 200 -17.64 -52.09 28.17
N SER A 201 -17.45 -52.53 26.92
CA SER A 201 -16.46 -51.89 26.07
C SER A 201 -16.92 -50.50 25.62
N GLY A 202 -18.22 -50.30 25.50
CA GLY A 202 -18.74 -48.96 25.32
C GLY A 202 -18.42 -48.06 26.50
N LEU A 203 -18.35 -48.65 27.70
CA LEU A 203 -17.84 -47.90 28.84
C LEU A 203 -16.33 -47.80 28.85
N SER A 204 -15.62 -48.65 28.11
CA SER A 204 -14.18 -48.43 27.98
C SER A 204 -13.92 -47.22 27.11
N GLY A 205 -14.63 -47.11 25.99
CA GLY A 205 -14.47 -45.93 25.15
C GLY A 205 -15.03 -44.68 25.79
N SER A 206 -16.16 -44.78 26.48
CA SER A 206 -16.73 -43.58 27.07
C SER A 206 -15.98 -43.17 28.32
N GLY A 207 -15.42 -44.12 29.07
CA GLY A 207 -14.51 -43.75 30.15
C GLY A 207 -13.20 -43.23 29.62
N HIS A 208 -12.87 -43.59 28.38
CA HIS A 208 -11.71 -43.01 27.73
C HIS A 208 -11.97 -41.57 27.35
N VAL A 209 -13.19 -41.26 26.93
CA VAL A 209 -13.56 -39.87 26.67
C VAL A 209 -13.70 -39.11 27.99
N LEU A 210 -14.06 -39.80 29.06
CA LEU A 210 -13.91 -39.23 30.40
C LEU A 210 -12.47 -38.89 30.70
N LEU A 211 -11.54 -39.73 30.24
CA LEU A 211 -10.14 -39.37 30.32
C LEU A 211 -9.76 -38.29 29.31
N GLU A 212 -10.65 -37.91 28.40
CA GLU A 212 -10.35 -36.86 27.44
C GLU A 212 -10.82 -35.49 27.91
N VAL A 213 -12.12 -35.31 28.11
CA VAL A 213 -12.76 -33.99 28.08
C VAL A 213 -12.36 -33.14 29.27
N VAL A 214 -12.04 -33.77 30.38
CA VAL A 214 -11.97 -33.06 31.65
C VAL A 214 -10.50 -32.91 32.02
N ALA A 215 -9.65 -32.78 30.99
CA ALA A 215 -8.22 -32.47 31.10
C ALA A 215 -7.44 -33.55 31.85
N PHE A 216 -7.30 -34.70 31.20
CA PHE A 216 -6.42 -35.74 31.72
C PHE A 216 -5.39 -36.20 30.72
N ALA A 217 -5.80 -36.52 29.48
CA ALA A 217 -4.86 -36.96 28.47
C ALA A 217 -5.36 -36.49 27.11
N ARG A 218 -4.42 -36.06 26.28
CA ARG A 218 -4.76 -35.59 24.95
C ARG A 218 -5.13 -36.77 24.06
N ILE A 219 -6.36 -36.75 23.55
CA ILE A 219 -6.94 -37.90 22.89
C ILE A 219 -7.52 -37.47 21.55
N GLY A 220 -6.92 -37.98 20.46
CA GLY A 220 -7.48 -37.82 19.13
C GLY A 220 -7.72 -39.18 18.52
N ASP A 221 -9.00 -39.53 18.34
CA ASP A 221 -9.42 -40.91 18.10
C ASP A 221 -9.43 -41.23 16.63
N GLY A 222 -8.33 -41.77 16.13
CA GLY A 222 -8.28 -42.23 14.75
C GLY A 222 -9.21 -43.42 14.56
N GLN A 223 -10.32 -43.17 13.89
CA GLN A 223 -11.39 -44.15 13.76
C GLN A 223 -11.29 -44.89 12.43
N GLU A 224 -11.73 -46.13 12.44
CA GLU A 224 -11.81 -46.94 11.24
C GLU A 224 -13.19 -47.58 11.25
N VAL A 225 -14.13 -46.98 10.51
CA VAL A 225 -15.50 -47.45 10.46
C VAL A 225 -15.77 -48.02 9.08
N PHE A 226 -16.24 -49.26 9.03
CA PHE A 226 -16.33 -50.03 7.79
C PHE A 226 -17.74 -50.54 7.53
N PRO A 227 -18.48 -49.94 6.58
CA PRO A 227 -19.73 -50.56 6.13
C PRO A 227 -19.47 -51.60 5.05
N SER A 228 -19.80 -52.86 5.34
CA SER A 228 -19.47 -53.99 4.47
C SER A 228 -20.57 -54.24 3.45
N GLN A 229 -21.24 -53.17 3.02
CA GLN A 229 -22.62 -53.21 2.52
C GLN A 229 -22.82 -54.03 1.26
N GLU A 230 -22.27 -53.58 0.14
CA GLU A 230 -22.60 -54.17 -1.14
C GLU A 230 -21.56 -53.74 -2.15
N LEU A 231 -21.78 -54.13 -3.40
CA LEU A 231 -20.98 -53.70 -4.54
C LEU A 231 -21.36 -52.30 -4.98
N ILE A 232 -21.16 -52.02 -6.26
CA ILE A 232 -20.82 -50.75 -6.91
C ILE A 232 -21.78 -49.59 -6.63
N LEU A 233 -22.71 -49.75 -5.68
CA LEU A 233 -23.76 -48.80 -5.31
C LEU A 233 -23.34 -47.36 -5.06
N ASP A 234 -24.31 -46.47 -5.02
CA ASP A 234 -24.03 -45.06 -4.81
C ASP A 234 -23.84 -44.79 -3.33
N LYS A 235 -23.76 -43.52 -2.96
CA LYS A 235 -23.63 -43.12 -1.57
C LYS A 235 -24.49 -41.89 -1.32
N GLY A 236 -24.27 -41.24 -0.18
CA GLY A 236 -24.96 -40.04 0.20
C GLY A 236 -23.97 -38.99 0.67
N ASP A 237 -22.86 -38.86 -0.05
CA ASP A 237 -21.70 -38.12 0.39
C ASP A 237 -21.96 -36.62 0.41
N LYS A 238 -21.06 -35.89 1.06
CA LYS A 238 -21.35 -34.51 1.45
C LYS A 238 -21.36 -33.60 0.24
N LYS A 239 -22.24 -32.60 0.29
CA LYS A 239 -22.54 -31.78 -0.87
C LYS A 239 -22.04 -30.35 -0.70
N GLY A 240 -22.27 -29.55 -1.74
CA GLY A 240 -21.95 -28.14 -1.72
C GLY A 240 -23.16 -27.30 -2.05
N GLN A 241 -22.90 -26.10 -2.57
CA GLN A 241 -23.93 -25.11 -2.83
C GLN A 241 -23.81 -24.57 -4.24
N LYS A 242 -24.84 -23.84 -4.65
CA LYS A 242 -24.94 -23.23 -5.97
C LYS A 242 -25.23 -21.74 -5.86
N SER A 243 -24.67 -21.10 -4.84
CA SER A 243 -24.79 -19.65 -4.70
C SER A 243 -23.61 -19.02 -5.43
N LYS A 244 -23.92 -18.29 -6.51
CA LYS A 244 -22.97 -17.59 -7.37
C LYS A 244 -21.95 -18.54 -8.01
N THR A 245 -22.34 -19.80 -8.17
CA THR A 245 -21.63 -20.77 -9.01
C THR A 245 -22.54 -21.42 -10.04
N LEU A 246 -23.85 -21.11 -10.03
CA LEU A 246 -24.81 -21.70 -10.95
C LEU A 246 -24.98 -20.90 -12.23
N TYR A 247 -24.19 -19.83 -12.41
CA TYR A 247 -24.21 -19.04 -13.63
C TYR A 247 -23.14 -19.49 -14.61
N SER A 248 -21.90 -19.64 -14.12
CA SER A 248 -20.81 -20.14 -14.94
C SER A 248 -20.90 -21.63 -15.18
N VAL A 249 -21.62 -22.38 -14.33
CA VAL A 249 -21.78 -23.83 -14.49
C VAL A 249 -23.14 -24.17 -15.08
N ARG A 250 -24.21 -23.93 -14.30
CA ARG A 250 -25.63 -24.15 -14.66
C ARG A 250 -25.95 -25.58 -15.09
N ASP A 251 -25.02 -26.51 -14.99
CA ASP A 251 -25.17 -27.87 -15.49
C ASP A 251 -25.07 -28.89 -14.37
N ALA A 252 -23.97 -28.88 -13.62
CA ALA A 252 -23.97 -29.51 -12.32
C ALA A 252 -24.86 -28.69 -11.40
N ALA A 253 -25.68 -29.38 -10.62
CA ALA A 253 -26.53 -28.73 -9.64
C ALA A 253 -26.39 -29.36 -8.26
N ALA A 254 -25.43 -30.27 -8.08
CA ALA A 254 -25.18 -30.88 -6.78
C ALA A 254 -23.68 -31.14 -6.72
N ILE A 255 -22.95 -30.23 -6.11
CA ILE A 255 -21.50 -30.28 -6.08
C ILE A 255 -21.07 -31.06 -4.84
N HIS A 256 -20.48 -32.23 -5.02
CA HIS A 256 -19.92 -32.93 -3.88
C HIS A 256 -18.56 -32.34 -3.53
N SER A 257 -18.37 -32.03 -2.26
CA SER A 257 -17.10 -31.49 -1.82
C SER A 257 -16.07 -32.60 -1.73
N GLN A 258 -14.85 -32.30 -2.18
CA GLN A 258 -13.79 -33.28 -2.26
C GLN A 258 -12.63 -32.94 -1.35
N LYS A 259 -12.03 -33.97 -0.79
CA LYS A 259 -10.66 -33.89 -0.30
C LYS A 259 -9.73 -34.10 -1.49
N ILE A 260 -8.46 -34.33 -1.23
CA ILE A 260 -7.49 -34.42 -2.30
C ILE A 260 -7.69 -35.74 -3.04
N GLY A 261 -8.43 -35.69 -4.14
CA GLY A 261 -8.77 -36.86 -4.90
C GLY A 261 -9.64 -37.84 -4.15
N ASN A 262 -10.56 -37.36 -3.31
CA ASN A 262 -11.38 -38.25 -2.51
C ASN A 262 -12.77 -37.65 -2.29
N ALA A 263 -13.57 -38.37 -1.51
CA ALA A 263 -14.98 -38.06 -1.29
C ALA A 263 -15.17 -37.67 0.17
N LEU A 264 -15.45 -36.40 0.41
CA LEU A 264 -15.67 -35.92 1.76
C LEU A 264 -17.01 -36.38 2.31
N ARG A 265 -17.03 -36.61 3.60
CA ARG A 265 -18.21 -36.30 4.42
C ARG A 265 -17.71 -35.29 5.43
N THR A 266 -18.15 -34.04 5.25
CA THR A 266 -17.54 -32.89 5.89
C THR A 266 -17.79 -32.91 7.41
N ILE A 267 -17.13 -31.99 8.11
CA ILE A 267 -17.21 -31.99 9.56
C ILE A 267 -18.55 -31.42 10.01
N ASP A 268 -19.18 -30.65 9.15
CA ASP A 268 -20.40 -29.98 9.56
C ASP A 268 -21.59 -30.92 9.67
N THR A 269 -21.65 -31.98 8.87
CA THR A 269 -22.67 -32.98 9.15
C THR A 269 -22.20 -33.91 10.24
N TRP A 270 -20.89 -34.08 10.35
CA TRP A 270 -20.32 -35.08 11.22
C TRP A 270 -20.42 -34.71 12.70
N TYR A 271 -20.35 -33.43 13.02
CA TYR A 271 -20.42 -33.03 14.42
C TYR A 271 -21.84 -33.19 14.99
N PRO A 272 -22.92 -33.01 14.24
CA PRO A 272 -24.21 -33.53 14.70
C PRO A 272 -24.41 -35.02 14.49
N ASP A 273 -23.38 -35.81 14.32
CA ASP A 273 -23.51 -37.22 14.66
C ASP A 273 -23.13 -37.45 16.11
N GLU A 274 -22.25 -36.60 16.62
CA GLU A 274 -21.90 -36.62 18.02
C GLU A 274 -22.38 -35.34 18.69
N ASP A 275 -23.48 -34.80 18.21
CA ASP A 275 -24.30 -33.86 18.95
C ASP A 275 -25.74 -34.32 19.05
N GLY A 276 -26.16 -35.27 18.22
CA GLY A 276 -27.48 -35.86 18.39
C GLY A 276 -27.51 -36.76 19.62
N LEU A 277 -27.72 -36.16 20.79
CA LEU A 277 -27.81 -36.91 22.03
C LEU A 277 -29.17 -36.71 22.67
N GLY A 278 -29.58 -35.47 22.90
CA GLY A 278 -30.47 -35.11 23.97
C GLY A 278 -31.88 -35.66 23.91
N PRO A 279 -32.20 -36.60 24.83
CA PRO A 279 -33.58 -37.01 25.07
C PRO A 279 -34.18 -36.14 26.17
N ILE A 280 -33.84 -34.87 26.17
CA ILE A 280 -34.22 -33.95 27.22
C ILE A 280 -35.01 -32.88 26.45
N ALA A 281 -35.52 -33.29 25.29
CA ALA A 281 -36.39 -32.46 24.49
C ALA A 281 -37.70 -32.26 25.21
N VAL A 282 -38.42 -31.19 24.85
CA VAL A 282 -39.60 -30.81 25.61
C VAL A 282 -40.76 -31.76 25.31
N GLU A 283 -41.16 -31.82 24.07
CA GLU A 283 -42.32 -32.61 23.68
C GLU A 283 -42.09 -34.13 23.66
N PRO A 284 -41.18 -34.70 22.86
CA PRO A 284 -41.25 -36.15 22.61
C PRO A 284 -40.68 -36.96 23.76
N TYR A 285 -40.74 -38.27 23.59
CA TYR A 285 -40.24 -39.21 24.59
C TYR A 285 -39.09 -40.07 24.09
N GLY A 286 -39.31 -40.86 23.05
CA GLY A 286 -38.30 -41.76 22.54
C GLY A 286 -38.28 -41.73 21.03
N SER A 287 -39.08 -40.83 20.47
CA SER A 287 -39.13 -40.65 19.04
C SER A 287 -37.87 -39.98 18.51
N VAL A 288 -37.43 -38.93 19.19
CA VAL A 288 -36.52 -37.94 18.63
C VAL A 288 -35.26 -37.87 19.48
N THR A 289 -34.13 -38.28 18.90
CA THR A 289 -32.81 -38.08 19.48
C THR A 289 -32.18 -36.89 18.77
N SER A 290 -32.64 -35.69 19.12
CA SER A 290 -32.27 -34.50 18.37
C SER A 290 -30.84 -34.08 18.71
N GLN A 291 -30.35 -33.10 17.96
CA GLN A 291 -29.02 -32.56 18.13
C GLN A 291 -29.07 -31.40 19.12
N GLY A 292 -28.35 -31.56 20.24
CA GLY A 292 -28.45 -30.60 21.32
C GLY A 292 -27.81 -29.28 20.98
N LYS A 293 -28.64 -28.27 20.72
CA LYS A 293 -28.14 -27.00 20.21
C LYS A 293 -28.78 -25.86 20.98
N ALA A 294 -28.29 -24.66 20.67
CA ALA A 294 -29.01 -23.47 21.08
C ALA A 294 -30.30 -23.41 20.28
N TYR A 295 -31.41 -23.23 21.00
CA TYR A 295 -32.80 -23.27 20.54
C TYR A 295 -33.24 -24.62 20.01
N ARG A 296 -32.37 -25.64 20.01
CA ARG A 296 -32.68 -27.06 19.77
C ARG A 296 -33.43 -27.28 18.45
N GLN A 297 -32.94 -26.67 17.38
CA GLN A 297 -33.62 -26.77 16.10
C GLN A 297 -33.01 -27.88 15.26
N PRO A 298 -33.76 -28.88 14.82
CA PRO A 298 -33.28 -29.77 13.77
C PRO A 298 -33.60 -29.20 12.40
N LYS A 299 -32.62 -29.30 11.50
CA LYS A 299 -32.74 -28.65 10.21
C LYS A 299 -33.69 -29.41 9.30
N GLN A 300 -33.91 -30.69 9.56
CA GLN A 300 -34.83 -31.47 8.74
C GLN A 300 -36.26 -31.03 8.97
N LYS A 301 -36.77 -31.25 10.17
CA LYS A 301 -38.20 -31.14 10.42
C LYS A 301 -38.67 -29.70 10.56
N LEU A 302 -37.74 -28.75 10.58
CA LEU A 302 -38.00 -27.32 10.73
C LEU A 302 -38.77 -27.01 12.00
N ASP A 303 -38.52 -27.81 13.03
CA ASP A 303 -39.20 -27.66 14.31
C ASP A 303 -38.30 -26.93 15.28
N PHE A 304 -38.91 -26.37 16.30
CA PHE A 304 -38.19 -25.71 17.37
C PHE A 304 -38.66 -26.34 18.66
N TYR A 305 -38.07 -27.48 18.99
CA TYR A 305 -38.05 -27.93 20.37
C TYR A 305 -37.35 -26.85 21.17
N THR A 306 -37.82 -26.63 22.41
CA THR A 306 -37.39 -25.52 23.26
C THR A 306 -37.57 -24.18 22.55
N LEU A 307 -38.83 -23.86 22.31
CA LEU A 307 -39.18 -22.57 21.75
C LEU A 307 -38.98 -21.49 22.82
N LEU A 308 -39.11 -20.23 22.39
CA LEU A 308 -39.11 -19.09 23.31
C LEU A 308 -40.16 -19.22 24.40
N ASP A 309 -41.32 -19.78 24.07
CA ASP A 309 -42.41 -19.81 25.03
C ASP A 309 -42.13 -20.78 26.16
N ASN A 310 -41.43 -21.87 25.88
CA ASN A 310 -40.88 -22.68 26.94
C ASN A 310 -39.67 -21.97 27.52
N TRP A 311 -39.37 -22.28 28.78
CA TRP A 311 -38.20 -21.75 29.45
C TRP A 311 -37.01 -22.67 29.32
N VAL A 312 -36.91 -23.38 28.21
CA VAL A 312 -35.87 -24.40 28.03
C VAL A 312 -34.81 -23.91 27.02
N LEU A 313 -34.63 -22.59 26.92
CA LEU A 313 -33.68 -22.00 25.99
C LEU A 313 -32.26 -22.07 26.53
N ARG A 314 -31.30 -22.33 25.64
CA ARG A 314 -29.90 -22.22 26.02
C ARG A 314 -29.52 -20.76 26.26
N ASP A 315 -30.22 -19.83 25.63
CA ASP A 315 -30.06 -18.44 25.98
C ASP A 315 -30.91 -18.02 27.17
N GLU A 316 -31.45 -18.98 27.94
CA GLU A 316 -32.09 -18.69 29.21
C GLU A 316 -31.60 -19.57 30.34
N ALA A 317 -30.94 -20.67 30.04
CA ALA A 317 -30.34 -21.50 31.07
C ALA A 317 -29.23 -20.85 31.89
N PRO A 318 -28.46 -19.84 31.41
CA PRO A 318 -27.66 -19.06 32.36
C PRO A 318 -28.36 -17.80 32.83
N ALA A 319 -29.41 -17.37 32.13
CA ALA A 319 -30.24 -16.31 32.67
C ALA A 319 -31.05 -16.82 33.85
N VAL A 320 -31.24 -18.12 33.92
CA VAL A 320 -31.77 -18.76 35.11
C VAL A 320 -30.67 -19.31 36.01
N GLU A 321 -29.68 -20.01 35.45
CA GLU A 321 -28.75 -20.71 36.31
C GLU A 321 -27.69 -19.78 36.88
N GLN A 322 -27.28 -18.76 36.11
CA GLN A 322 -26.27 -17.83 36.59
C GLN A 322 -26.73 -16.95 37.75
N GLN A 323 -28.02 -16.89 38.04
CA GLN A 323 -28.48 -16.17 39.21
C GLN A 323 -29.36 -17.01 40.12
N HIS A 324 -29.76 -18.21 39.70
CA HIS A 324 -30.87 -18.90 40.34
C HIS A 324 -30.65 -20.39 40.55
N TYR A 325 -29.68 -21.01 39.88
CA TYR A 325 -29.10 -22.30 40.23
C TYR A 325 -30.05 -23.48 40.11
N VAL A 326 -31.14 -23.35 39.35
CA VAL A 326 -32.14 -24.41 39.27
C VAL A 326 -32.31 -24.79 37.81
N ILE A 327 -31.75 -25.94 37.42
CA ILE A 327 -32.11 -26.55 36.15
C ILE A 327 -32.53 -27.99 36.40
N ALA A 328 -31.77 -28.70 37.24
CA ALA A 328 -32.06 -30.04 37.75
C ALA A 328 -32.10 -31.08 36.62
N ASN A 329 -30.91 -31.37 36.10
CA ASN A 329 -30.52 -32.50 35.24
C ASN A 329 -31.00 -32.35 33.81
N LEU A 330 -31.68 -31.26 33.48
CA LEU A 330 -31.65 -30.70 32.15
C LEU A 330 -30.41 -29.83 31.94
N ILE A 331 -29.57 -29.76 32.98
CA ILE A 331 -28.24 -29.18 32.93
C ILE A 331 -27.42 -29.77 31.80
N ARG A 332 -27.59 -31.08 31.56
CA ARG A 332 -26.76 -31.82 30.62
C ARG A 332 -26.94 -31.32 29.20
N GLY A 333 -28.19 -31.10 28.78
CA GLY A 333 -28.50 -30.41 27.54
C GLY A 333 -28.50 -28.91 27.64
N GLY A 334 -27.90 -28.36 28.69
CA GLY A 334 -27.66 -26.95 28.81
C GLY A 334 -26.18 -26.71 28.95
N VAL A 335 -25.44 -27.80 29.17
CA VAL A 335 -23.98 -27.76 29.19
C VAL A 335 -23.39 -28.22 27.87
N PHE A 336 -23.91 -29.31 27.29
CA PHE A 336 -23.51 -29.67 25.94
C PHE A 336 -23.98 -28.66 24.89
N GLY A 337 -24.83 -27.71 25.26
CA GLY A 337 -24.87 -26.47 24.52
C GLY A 337 -23.58 -25.69 24.59
N GLU A 338 -22.78 -25.89 25.62
CA GLU A 338 -21.48 -25.24 25.71
C GLU A 338 -20.32 -26.19 25.49
N ALA A 339 -20.58 -27.44 25.12
CA ALA A 339 -19.52 -28.26 24.53
C ALA A 339 -19.42 -28.02 23.03
N GLU A 340 -20.05 -26.97 22.53
CA GLU A 340 -19.88 -26.46 21.18
C GLU A 340 -19.55 -24.97 21.20
N GLU B 15 8.33 25.52 29.97
CA GLU B 15 9.46 25.11 29.15
C GLU B 15 9.31 23.66 28.74
N ARG B 16 9.75 23.36 27.51
CA ARG B 16 9.71 22.03 26.90
C ARG B 16 8.28 21.48 26.90
N LYS B 17 7.41 22.16 26.18
CA LYS B 17 6.02 21.73 26.08
C LYS B 17 5.93 20.45 25.25
N LEU B 18 4.77 19.79 25.34
CA LEU B 18 4.56 18.54 24.66
C LEU B 18 4.43 18.75 23.16
N ASP B 19 4.63 17.68 22.42
CA ASP B 19 4.64 17.78 20.97
C ASP B 19 3.22 17.84 20.43
N PRO B 20 2.95 18.71 19.44
CA PRO B 20 1.71 18.57 18.68
C PRO B 20 1.76 17.46 17.66
N SER B 21 2.92 16.83 17.47
CA SER B 21 3.10 15.79 16.46
C SER B 21 4.24 14.89 16.92
N ASP B 22 3.93 13.67 17.31
CA ASP B 22 4.94 12.69 17.70
C ASP B 22 4.75 11.43 16.86
N ALA B 23 5.85 10.70 16.68
CA ALA B 23 5.85 9.43 15.99
C ALA B 23 7.08 8.66 16.41
N LEU B 24 6.91 7.34 16.58
CA LEU B 24 8.03 6.48 16.89
C LEU B 24 7.92 5.18 16.10
N MET B 25 9.04 4.79 15.48
CA MET B 25 9.06 3.67 14.57
C MET B 25 8.96 2.33 15.30
N SER B 26 8.22 1.39 14.71
CA SER B 26 7.94 0.11 15.36
C SER B 26 9.16 -0.79 15.24
N ALA B 27 10.12 -0.57 16.13
CA ALA B 27 11.28 -1.43 16.21
C ALA B 27 10.91 -2.78 16.78
N GLY B 28 11.64 -3.80 16.39
CA GLY B 28 11.30 -5.16 16.77
C GLY B 28 10.01 -5.60 16.12
N ALA B 29 9.83 -5.26 14.85
CA ALA B 29 8.64 -5.67 14.11
C ALA B 29 8.74 -7.13 13.69
N TRP B 30 7.71 -7.58 12.99
CA TRP B 30 7.53 -9.00 12.76
C TRP B 30 7.15 -9.28 11.31
N ALA B 31 7.23 -10.56 10.93
CA ALA B 31 6.94 -11.05 9.59
C ALA B 31 5.65 -11.85 9.59
N GLN B 32 5.34 -12.45 8.44
CA GLN B 32 4.13 -13.24 8.28
C GLN B 32 4.40 -14.70 8.59
N ARG B 33 3.34 -15.49 8.56
CA ARG B 33 3.39 -16.89 8.97
C ARG B 33 3.23 -17.80 7.77
N ASP B 34 3.73 -19.01 7.90
CA ASP B 34 3.81 -19.94 6.79
C ASP B 34 3.20 -21.27 7.22
N ALA B 35 1.89 -21.38 7.13
CA ALA B 35 1.23 -22.62 7.48
C ALA B 35 1.51 -23.65 6.40
N SER B 36 2.24 -24.69 6.77
CA SER B 36 2.61 -25.75 5.85
C SER B 36 2.83 -26.99 6.69
N GLN B 37 2.47 -28.16 6.17
CA GLN B 37 2.21 -29.31 7.01
C GLN B 37 3.13 -30.49 6.75
N GLU B 38 3.51 -31.16 7.83
CA GLU B 38 4.68 -32.02 7.93
C GLU B 38 4.31 -33.12 8.93
N TRP B 39 5.22 -34.07 9.15
CA TRP B 39 4.94 -35.09 10.15
C TRP B 39 6.03 -35.12 11.21
N PRO B 40 5.69 -35.33 12.48
CA PRO B 40 6.73 -35.39 13.52
C PRO B 40 7.55 -36.65 13.37
N ALA B 41 8.82 -36.53 13.77
CA ALA B 41 9.99 -37.36 13.44
C ALA B 41 10.34 -37.31 11.95
N VAL B 42 9.67 -36.48 11.16
CA VAL B 42 10.14 -36.04 9.85
C VAL B 42 10.28 -34.54 10.06
N THR B 43 10.48 -34.17 11.33
CA THR B 43 10.50 -32.78 11.79
C THR B 43 11.65 -31.99 11.19
N VAL B 44 12.84 -32.59 11.16
CA VAL B 44 14.06 -31.87 10.79
C VAL B 44 14.11 -31.58 9.30
N ARG B 45 13.30 -32.26 8.49
CA ARG B 45 13.40 -32.21 7.03
C ARG B 45 12.50 -31.15 6.43
N GLU B 46 12.37 -30.01 7.11
CA GLU B 46 11.54 -28.91 6.62
C GLU B 46 12.27 -28.24 5.45
N LYS B 47 12.04 -28.80 4.27
CA LYS B 47 12.37 -28.09 3.04
C LYS B 47 11.17 -27.93 2.13
N SER B 48 10.52 -29.05 1.78
CA SER B 48 9.42 -29.09 0.83
C SER B 48 8.11 -29.35 1.54
N VAL B 49 7.93 -28.71 2.69
CA VAL B 49 6.76 -28.93 3.51
C VAL B 49 5.57 -28.26 2.85
N ARG B 50 4.57 -29.06 2.48
CA ARG B 50 3.54 -28.61 1.56
C ARG B 50 2.60 -27.63 2.24
N GLY B 51 2.38 -26.50 1.59
CA GLY B 51 1.57 -25.45 2.18
C GLY B 51 0.09 -25.67 1.98
N THR B 52 -0.70 -25.01 2.83
CA THR B 52 -2.12 -25.27 2.96
C THR B 52 -2.92 -24.11 2.42
N ILE B 53 -4.04 -24.40 1.77
CA ILE B 53 -4.88 -23.38 1.15
C ILE B 53 -6.27 -23.47 1.75
N SER B 54 -6.77 -22.34 2.20
CA SER B 54 -8.00 -22.25 2.97
C SER B 54 -9.18 -22.60 2.07
N ASN B 55 -9.71 -23.80 2.25
CA ASN B 55 -10.86 -24.27 1.48
C ASN B 55 -12.10 -23.46 1.86
N ARG B 56 -13.10 -23.50 1.00
CA ARG B 56 -14.39 -22.86 1.27
C ARG B 56 -15.36 -23.93 1.74
N LEU B 57 -15.48 -24.07 3.05
CA LEU B 57 -16.65 -24.76 3.60
C LEU B 57 -17.89 -23.95 3.30
N LYS B 58 -19.00 -24.65 3.14
CA LYS B 58 -20.29 -24.03 2.89
C LYS B 58 -21.29 -24.69 3.83
N THR B 59 -21.87 -23.89 4.73
CA THR B 59 -22.55 -24.38 5.91
C THR B 59 -24.00 -23.91 5.94
N LYS B 60 -24.87 -24.71 6.55
CA LYS B 60 -26.21 -24.28 6.93
C LYS B 60 -26.32 -24.27 8.45
N ASP B 61 -27.09 -23.34 8.99
CA ASP B 61 -27.02 -23.11 10.41
C ASP B 61 -28.37 -22.81 11.01
N ARG B 62 -28.37 -22.77 12.34
CA ARG B 62 -29.48 -22.34 13.16
C ARG B 62 -29.32 -20.85 13.41
N ASP B 63 -30.08 -20.33 14.36
CA ASP B 63 -29.84 -18.96 14.80
C ASP B 63 -29.47 -18.92 16.27
N PRO B 64 -28.18 -19.05 16.58
CA PRO B 64 -27.75 -18.98 17.98
C PRO B 64 -27.76 -17.59 18.55
N ALA B 65 -27.88 -16.58 17.71
CA ALA B 65 -27.93 -15.20 18.19
C ALA B 65 -29.21 -14.97 18.98
N LYS B 66 -29.06 -14.38 20.16
CA LYS B 66 -30.22 -13.97 20.92
C LYS B 66 -30.99 -12.90 20.17
N LEU B 67 -32.30 -12.91 20.34
CA LEU B 67 -33.10 -11.84 19.81
C LEU B 67 -32.95 -10.58 20.63
N ASP B 68 -33.20 -9.45 19.98
CA ASP B 68 -33.67 -8.30 20.73
C ASP B 68 -35.03 -8.63 21.30
N ALA B 69 -35.27 -8.19 22.53
CA ALA B 69 -36.45 -8.59 23.28
C ALA B 69 -37.28 -7.38 23.71
N SER B 70 -37.13 -6.25 23.02
CA SER B 70 -37.84 -5.05 23.46
C SER B 70 -39.29 -5.07 22.99
N ILE B 71 -39.50 -4.92 21.68
CA ILE B 71 -40.85 -4.87 21.14
C ILE B 71 -40.85 -5.66 19.85
N GLN B 72 -41.30 -6.92 19.94
CA GLN B 72 -41.21 -7.86 18.84
C GLN B 72 -42.41 -8.78 18.87
N SER B 73 -43.01 -9.00 17.70
CA SER B 73 -44.08 -9.99 17.68
C SER B 73 -43.49 -11.39 17.75
N PRO B 74 -44.07 -12.27 18.58
CA PRO B 74 -43.50 -13.61 18.76
C PRO B 74 -43.63 -14.52 17.55
N ASN B 75 -44.42 -14.13 16.54
CA ASN B 75 -44.52 -14.93 15.34
C ASN B 75 -43.24 -14.91 14.52
N LEU B 76 -42.43 -13.88 14.66
CA LEU B 76 -41.26 -13.74 13.80
C LEU B 76 -40.21 -14.78 14.10
N GLN B 77 -39.85 -14.94 15.38
CA GLN B 77 -38.75 -15.81 15.76
C GLN B 77 -39.05 -17.28 15.53
N THR B 78 -40.33 -17.68 15.56
CA THR B 78 -40.71 -19.03 15.20
C THR B 78 -40.35 -19.33 13.76
N VAL B 79 -40.67 -18.38 12.88
CA VAL B 79 -40.27 -18.45 11.50
C VAL B 79 -38.74 -18.43 11.38
N ASP B 80 -38.09 -17.63 12.22
CA ASP B 80 -36.65 -17.43 12.10
C ASP B 80 -35.88 -18.69 12.44
N VAL B 81 -36.11 -19.23 13.64
CA VAL B 81 -35.39 -20.42 14.09
C VAL B 81 -35.87 -21.64 13.31
N ALA B 82 -37.09 -21.58 12.76
CA ALA B 82 -37.53 -22.64 11.85
C ALA B 82 -36.67 -22.73 10.60
N ASN B 83 -36.07 -21.62 10.17
CA ASN B 83 -35.44 -21.51 8.86
C ASN B 83 -33.97 -21.90 8.87
N LEU B 84 -33.28 -21.55 7.81
CA LEU B 84 -31.83 -21.77 7.67
C LEU B 84 -31.20 -20.51 7.07
N PRO B 85 -30.41 -19.76 7.81
CA PRO B 85 -29.57 -18.70 7.21
C PRO B 85 -28.17 -19.22 6.88
N SER B 86 -28.13 -20.12 5.89
CA SER B 86 -26.91 -20.76 5.46
C SER B 86 -25.93 -19.76 4.85
N ASP B 87 -24.65 -20.14 4.84
CA ASP B 87 -23.60 -19.26 4.36
C ASP B 87 -22.36 -20.10 4.05
N ALA B 88 -21.58 -19.59 3.10
CA ALA B 88 -20.27 -20.14 2.85
C ALA B 88 -19.31 -19.56 3.88
N ASP B 89 -18.32 -20.34 4.25
CA ASP B 89 -17.31 -19.83 5.16
C ASP B 89 -16.01 -20.51 4.79
N THR B 90 -15.14 -19.72 4.18
CA THR B 90 -13.81 -20.12 3.79
C THR B 90 -13.09 -20.53 5.05
N LEU B 91 -12.75 -21.80 5.18
CA LEU B 91 -12.18 -22.33 6.42
C LEU B 91 -11.10 -23.35 6.07
N LYS B 92 -9.96 -23.22 6.70
CA LYS B 92 -8.81 -24.01 6.31
C LYS B 92 -8.85 -25.36 6.99
N VAL B 93 -8.34 -26.37 6.31
CA VAL B 93 -8.32 -27.74 6.79
C VAL B 93 -6.87 -28.19 6.76
N ARG B 94 -6.47 -29.06 7.68
CA ARG B 94 -5.16 -29.67 7.53
C ARG B 94 -5.14 -30.65 6.36
N PHE B 95 -3.95 -31.12 6.03
CA PHE B 95 -3.86 -32.15 5.02
C PHE B 95 -4.09 -33.52 5.65
N THR B 96 -3.95 -34.55 4.82
CA THR B 96 -4.52 -35.84 5.16
C THR B 96 -3.66 -36.61 6.15
N LEU B 97 -2.35 -36.66 5.92
CA LEU B 97 -1.48 -37.49 6.74
C LEU B 97 -0.40 -36.69 7.45
N ARG B 98 -0.37 -35.38 7.26
CA ARG B 98 0.64 -34.52 7.86
C ARG B 98 0.15 -34.05 9.22
N VAL B 99 0.93 -34.33 10.25
CA VAL B 99 0.53 -34.09 11.62
C VAL B 99 1.18 -32.84 12.20
N LEU B 100 2.43 -32.58 11.85
CA LEU B 100 3.04 -31.31 12.24
C LEU B 100 2.36 -30.15 11.51
N GLY B 101 2.41 -29.00 12.14
CA GLY B 101 2.16 -27.76 11.46
C GLY B 101 3.42 -27.22 10.83
N GLY B 102 3.56 -25.91 10.89
CA GLY B 102 4.75 -25.28 10.37
C GLY B 102 4.62 -23.80 10.54
N ALA B 103 5.68 -23.12 10.93
CA ALA B 103 5.59 -21.68 11.11
C ALA B 103 6.96 -21.08 10.82
N GLY B 104 7.12 -20.57 9.60
CA GLY B 104 8.28 -19.77 9.28
C GLY B 104 7.96 -18.32 9.50
N THR B 105 8.34 -17.77 10.65
CA THR B 105 8.08 -16.36 10.97
C THR B 105 9.39 -15.67 11.27
N PRO B 106 10.01 -15.05 10.31
CA PRO B 106 11.27 -14.32 10.54
C PRO B 106 11.10 -12.87 10.96
N SER B 107 10.83 -12.65 12.24
CA SER B 107 10.77 -11.30 12.78
C SER B 107 12.18 -10.75 12.90
N ALA B 108 12.32 -9.45 12.70
CA ALA B 108 13.62 -8.80 12.79
C ALA B 108 13.53 -7.63 13.74
N CYS B 109 14.59 -7.42 14.49
CA CYS B 109 14.65 -6.37 15.50
C CYS B 109 15.29 -5.14 14.89
N ASN B 110 14.72 -3.98 15.18
CA ASN B 110 15.38 -2.75 14.79
C ASN B 110 16.01 -2.06 15.99
N ASP B 111 17.05 -1.29 15.72
CA ASP B 111 17.87 -0.69 16.76
C ASP B 111 17.23 0.59 17.25
N ALA B 112 17.94 1.31 18.14
CA ALA B 112 17.74 2.74 18.43
C ALA B 112 16.31 3.03 18.89
N ALA B 113 16.03 2.56 20.12
CA ALA B 113 14.67 2.30 20.56
C ALA B 113 13.79 3.54 20.61
N TYR B 114 14.37 4.70 20.90
CA TYR B 114 13.58 5.93 20.95
C TYR B 114 13.93 6.90 19.83
N ARG B 115 14.70 6.45 18.84
CA ARG B 115 15.04 7.30 17.70
C ARG B 115 13.78 7.59 16.90
N ASP B 116 13.29 8.82 17.01
CA ASP B 116 11.97 9.15 16.49
C ASP B 116 11.94 9.18 14.98
N LYS B 117 10.74 9.41 14.46
CA LYS B 117 10.55 9.79 13.08
C LYS B 117 10.20 11.26 12.93
N LEU B 118 9.48 11.84 13.88
CA LEU B 118 9.08 13.23 13.81
C LEU B 118 9.57 13.96 15.05
N LEU B 119 9.78 15.27 14.90
CA LEU B 119 10.36 16.09 15.95
C LEU B 119 9.63 17.42 15.95
N GLN B 120 8.55 17.53 16.72
CA GLN B 120 7.90 18.83 16.86
C GLN B 120 8.75 19.80 17.65
N THR B 121 9.56 19.29 18.58
CA THR B 121 10.60 20.07 19.23
C THR B 121 11.82 19.17 19.35
N VAL B 122 12.94 19.60 18.76
CA VAL B 122 14.15 18.79 18.77
C VAL B 122 14.71 18.68 20.18
N ALA B 123 14.47 19.69 21.02
CA ALA B 123 14.88 19.62 22.42
C ALA B 123 14.12 18.53 23.17
N THR B 124 12.83 18.35 22.86
CA THR B 124 12.08 17.25 23.42
C THR B 124 12.63 15.91 22.94
N TYR B 125 13.06 15.85 21.69
CA TYR B 125 13.72 14.66 21.15
C TYR B 125 15.01 14.35 21.87
N VAL B 126 15.79 15.39 22.20
CA VAL B 126 17.05 15.22 22.93
C VAL B 126 16.77 14.74 24.35
N ASN B 127 15.69 15.26 24.95
CA ASN B 127 15.26 14.78 26.26
C ASN B 127 14.96 13.29 26.21
N ASP B 128 14.10 12.90 25.26
CA ASP B 128 13.65 11.51 25.16
C ASP B 128 14.78 10.57 24.81
N GLN B 129 15.76 11.05 24.06
CA GLN B 129 16.95 10.25 23.83
C GLN B 129 17.77 10.12 25.11
N GLY B 130 17.77 11.18 25.93
CA GLY B 130 18.39 11.08 27.25
C GLY B 130 17.67 10.07 28.12
N PHE B 131 16.35 10.02 28.04
CA PHE B 131 15.59 8.98 28.71
C PHE B 131 15.87 7.61 28.14
N ALA B 132 16.15 7.51 26.85
CA ALA B 132 16.50 6.23 26.27
C ALA B 132 17.84 5.76 26.78
N GLU B 133 18.76 6.69 27.02
CA GLU B 133 20.01 6.32 27.68
C GLU B 133 19.78 6.01 29.15
N LEU B 134 18.73 6.55 29.75
CA LEU B 134 18.42 6.22 31.13
C LEU B 134 17.88 4.80 31.23
N ALA B 135 16.83 4.50 30.51
CA ALA B 135 16.25 3.17 30.58
C ALA B 135 16.99 2.16 29.72
N ARG B 136 18.08 2.57 29.07
CA ARG B 136 18.90 1.67 28.29
C ARG B 136 20.27 1.43 28.90
N ARG B 137 20.96 2.50 29.29
CA ARG B 137 22.23 2.38 30.01
C ARG B 137 22.01 2.17 31.50
N TYR B 138 21.09 2.96 32.08
CA TYR B 138 20.76 2.78 33.49
C TYR B 138 19.97 1.50 33.71
N ALA B 139 18.77 1.42 33.14
CA ALA B 139 17.98 0.20 33.23
C ALA B 139 18.39 -0.73 32.11
N HIS B 140 18.40 -2.02 32.38
CA HIS B 140 18.88 -3.01 31.43
C HIS B 140 17.69 -3.71 30.80
N ASN B 141 17.95 -4.49 29.75
CA ASN B 141 16.91 -5.24 29.07
C ASN B 141 17.14 -6.76 29.12
N LEU B 142 17.75 -7.25 30.20
CA LEU B 142 17.76 -8.68 30.46
C LEU B 142 16.35 -9.22 30.62
N ALA B 143 15.63 -8.72 31.62
CA ALA B 143 14.29 -9.21 31.87
C ALA B 143 13.27 -8.67 30.89
N ASN B 144 13.57 -7.58 30.18
CA ASN B 144 12.69 -7.13 29.12
C ASN B 144 12.70 -8.13 27.96
N ALA B 145 13.89 -8.50 27.51
CA ALA B 145 14.01 -9.55 26.52
C ALA B 145 13.63 -10.92 27.06
N ARG B 146 13.67 -11.11 28.38
CA ARG B 146 13.15 -12.33 28.96
C ARG B 146 11.64 -12.31 29.04
N PHE B 147 11.00 -11.13 28.99
CA PHE B 147 9.59 -11.10 28.63
C PHE B 147 9.42 -11.50 27.17
N LEU B 148 10.22 -10.91 26.27
CA LEU B 148 10.03 -11.19 24.86
C LEU B 148 10.46 -12.58 24.43
N TRP B 149 11.10 -13.34 25.31
CA TRP B 149 11.37 -14.74 25.01
C TRP B 149 10.62 -15.64 25.97
N ARG B 150 10.90 -15.52 27.27
CA ARG B 150 10.32 -16.37 28.31
C ARG B 150 8.82 -16.25 28.44
N ASN B 151 8.23 -15.20 27.87
CA ASN B 151 6.79 -15.10 27.71
C ASN B 151 6.39 -14.93 26.24
N ARG B 152 7.26 -15.37 25.33
CA ARG B 152 6.87 -15.56 23.94
C ARG B 152 7.44 -16.82 23.31
N VAL B 153 8.46 -17.46 23.88
CA VAL B 153 8.88 -18.77 23.38
C VAL B 153 7.81 -19.81 23.70
N GLY B 154 7.21 -19.70 24.88
CA GLY B 154 5.92 -20.29 25.13
C GLY B 154 5.01 -19.69 24.09
N ALA B 155 4.69 -20.50 23.08
CA ALA B 155 4.22 -19.97 21.82
C ALA B 155 2.81 -19.46 21.91
N GLU B 156 2.62 -18.32 22.59
CA GLU B 156 1.48 -17.49 22.31
C GLU B 156 1.49 -17.00 20.88
N ALA B 157 2.68 -16.97 20.25
CA ALA B 157 2.90 -16.98 18.81
C ALA B 157 1.83 -17.71 18.02
N VAL B 158 1.71 -19.02 18.21
CA VAL B 158 0.74 -19.79 17.46
C VAL B 158 -0.56 -19.74 18.25
N GLU B 159 -1.37 -18.70 18.02
CA GLU B 159 -2.34 -18.26 19.02
C GLU B 159 -3.44 -19.27 19.29
N VAL B 160 -4.31 -19.50 18.32
CA VAL B 160 -5.51 -20.28 18.60
C VAL B 160 -5.19 -21.76 18.47
N ARG B 161 -4.10 -22.09 17.80
CA ARG B 161 -3.73 -23.47 17.60
C ARG B 161 -3.00 -24.05 18.80
N ILE B 162 -2.67 -23.22 19.81
CA ILE B 162 -1.95 -23.69 20.99
C ILE B 162 -2.80 -24.63 21.83
N ASN B 163 -4.12 -24.66 21.62
CA ASN B 163 -5.00 -25.48 22.44
C ASN B 163 -4.76 -26.95 22.15
N HIS B 164 -4.16 -27.62 23.13
CA HIS B 164 -3.87 -29.05 23.11
C HIS B 164 -3.00 -29.43 21.92
N ILE B 165 -1.81 -28.86 21.94
CA ILE B 165 -0.76 -29.31 21.06
C ILE B 165 -0.31 -30.68 21.53
N ARG B 166 0.04 -31.56 20.59
CA ARG B 166 0.74 -32.78 21.00
C ARG B 166 2.14 -32.45 21.50
N GLN B 167 2.92 -31.69 20.73
CA GLN B 167 4.24 -31.26 21.16
C GLN B 167 4.62 -30.01 20.38
N GLY B 168 4.61 -28.85 21.04
CA GLY B 168 4.92 -27.61 20.37
C GLY B 168 6.40 -27.33 20.34
N GLU B 169 7.06 -27.70 19.26
CA GLU B 169 8.50 -27.52 19.11
C GLU B 169 8.81 -26.15 18.53
N VAL B 170 9.66 -25.40 19.22
CA VAL B 170 9.98 -24.03 18.85
C VAL B 170 11.48 -23.97 18.60
N ALA B 171 11.86 -23.80 17.34
CA ALA B 171 13.27 -23.74 16.94
C ALA B 171 13.52 -22.34 16.40
N ARG B 172 13.82 -21.41 17.29
CA ARG B 172 14.04 -20.01 16.93
C ARG B 172 15.44 -19.89 16.37
N ALA B 173 15.57 -20.07 15.06
CA ALA B 173 16.87 -20.02 14.42
C ALA B 173 17.22 -18.60 13.99
N TRP B 174 18.50 -18.40 13.69
CA TRP B 174 18.97 -17.09 13.27
C TRP B 174 20.18 -17.24 12.36
N ARG B 175 20.27 -16.35 11.37
CA ARG B 175 21.33 -16.34 10.39
C ARG B 175 22.01 -14.98 10.32
N PHE B 176 23.34 -14.99 10.16
CA PHE B 176 24.06 -13.81 9.68
C PHE B 176 23.51 -13.38 8.34
N ASP B 177 23.37 -14.35 7.45
CA ASP B 177 23.36 -14.22 5.99
C ASP B 177 22.46 -15.33 5.51
N ALA B 178 22.72 -15.88 4.34
CA ALA B 178 22.23 -17.23 4.07
C ALA B 178 22.70 -18.22 5.14
N LEU B 179 23.92 -18.04 5.66
CA LEU B 179 24.48 -18.92 6.68
C LEU B 179 23.79 -18.71 8.03
N ALA B 180 23.25 -19.79 8.58
CA ALA B 180 22.53 -19.77 9.84
C ALA B 180 23.45 -20.20 10.97
N ILE B 181 23.56 -19.35 12.00
CA ILE B 181 24.43 -19.60 13.14
C ILE B 181 23.66 -19.55 14.45
N GLY B 182 22.83 -18.52 14.64
CA GLY B 182 21.97 -18.44 15.80
C GLY B 182 20.99 -19.59 15.80
N LEU B 183 21.20 -20.56 16.67
CA LEU B 183 20.46 -21.83 16.63
C LEU B 183 20.17 -22.28 18.05
N ARG B 184 18.90 -22.55 18.34
CA ARG B 184 18.48 -23.03 19.64
C ARG B 184 17.10 -23.69 19.52
N ASP B 185 16.87 -24.68 20.38
CA ASP B 185 15.70 -25.55 20.34
C ASP B 185 14.89 -25.39 21.63
N PHE B 186 13.59 -25.59 21.55
CA PHE B 186 12.72 -25.41 22.71
C PHE B 186 11.57 -26.39 22.70
N LYS B 187 10.69 -26.24 23.68
CA LYS B 187 9.43 -26.97 23.75
C LYS B 187 8.46 -26.05 24.48
N ALA B 188 7.58 -25.39 23.72
CA ALA B 188 6.69 -24.40 24.30
C ALA B 188 5.68 -25.03 25.25
N ASP B 189 5.34 -26.29 25.02
CA ASP B 189 4.49 -27.02 25.97
C ASP B 189 5.21 -27.28 27.28
N ALA B 190 6.54 -27.32 27.27
CA ALA B 190 7.33 -27.43 28.49
C ALA B 190 7.57 -26.09 29.17
N GLU B 191 6.72 -25.09 28.88
CA GLU B 191 6.86 -23.75 29.42
C GLU B 191 5.51 -23.24 29.87
N LEU B 192 5.55 -22.33 30.84
CA LEU B 192 4.34 -21.72 31.38
C LEU B 192 3.82 -20.66 30.42
N ASP B 193 2.54 -20.32 30.56
CA ASP B 193 1.95 -19.23 29.81
C ASP B 193 1.24 -18.23 30.72
N ALA B 194 1.51 -18.27 32.01
CA ALA B 194 1.14 -17.20 32.91
C ALA B 194 2.33 -16.63 33.66
N LEU B 195 3.47 -17.31 33.66
CA LEU B 195 4.67 -16.84 34.36
C LEU B 195 5.88 -17.11 33.50
N ALA B 196 7.00 -16.49 33.87
CA ALA B 196 8.28 -16.68 33.22
C ALA B 196 9.23 -17.35 34.20
N GLU B 197 9.97 -18.35 33.75
CA GLU B 197 10.92 -19.06 34.59
C GLU B 197 12.33 -18.95 34.05
N LEU B 198 13.28 -19.17 34.94
CA LEU B 198 14.70 -19.04 34.64
C LEU B 198 15.15 -20.23 33.80
N ILE B 199 15.56 -19.97 32.57
CA ILE B 199 16.04 -21.00 31.65
C ILE B 199 17.30 -20.48 30.97
N ALA B 200 18.34 -21.32 30.91
CA ALA B 200 19.63 -20.88 30.38
C ALA B 200 19.58 -20.60 28.88
N SER B 201 18.99 -21.50 28.09
CA SER B 201 18.90 -21.27 26.66
C SER B 201 17.90 -20.17 26.33
N GLY B 202 16.86 -20.01 27.17
CA GLY B 202 16.01 -18.85 27.06
C GLY B 202 16.77 -17.57 27.31
N LEU B 203 17.79 -17.62 28.14
CA LEU B 203 18.70 -16.48 28.26
C LEU B 203 19.70 -16.40 27.14
N SER B 204 19.93 -17.48 26.39
CA SER B 204 20.74 -17.36 25.20
C SER B 204 19.99 -16.60 24.13
N GLY B 205 18.72 -16.94 23.92
CA GLY B 205 17.91 -16.21 22.97
C GLY B 205 17.61 -14.79 23.42
N SER B 206 17.33 -14.61 24.70
CA SER B 206 17.00 -13.26 25.15
C SER B 206 18.25 -12.39 25.24
N GLY B 207 19.40 -12.97 25.56
CA GLY B 207 20.64 -12.21 25.46
C GLY B 207 21.03 -11.96 24.02
N HIS B 208 20.51 -12.79 23.11
CA HIS B 208 20.70 -12.54 21.70
C HIS B 208 19.84 -11.36 21.24
N VAL B 209 18.64 -11.23 21.80
CA VAL B 209 17.82 -10.06 21.52
C VAL B 209 18.40 -8.83 22.21
N LEU B 210 19.08 -9.03 23.34
CA LEU B 210 19.92 -7.97 23.90
C LEU B 210 21.00 -7.56 22.92
N LEU B 211 21.56 -8.53 22.20
CA LEU B 211 22.46 -8.18 21.11
C LEU B 211 21.73 -7.60 19.91
N GLU B 212 20.39 -7.62 19.90
CA GLU B 212 19.64 -7.04 18.79
C GLU B 212 19.25 -5.58 19.03
N VAL B 213 18.45 -5.33 20.08
CA VAL B 213 17.62 -4.14 20.15
C VAL B 213 18.45 -2.87 20.35
N VAL B 214 19.61 -3.01 20.96
CA VAL B 214 20.30 -1.85 21.50
C VAL B 214 21.50 -1.58 20.60
N ALA B 215 21.35 -1.89 19.31
CA ALA B 215 22.30 -1.58 18.23
C ALA B 215 23.65 -2.28 18.44
N PHE B 216 23.63 -3.60 18.25
CA PHE B 216 24.88 -4.35 18.22
C PHE B 216 25.03 -5.19 16.97
N ALA B 217 24.01 -5.96 16.60
CA ALA B 217 24.08 -6.79 15.42
C ALA B 217 22.69 -6.90 14.81
N ARG B 218 22.64 -6.86 13.48
CA ARG B 218 21.38 -6.97 12.77
C ARG B 218 20.87 -8.39 12.84
N ILE B 219 19.69 -8.57 13.43
CA ILE B 219 19.17 -9.88 13.77
C ILE B 219 17.74 -10.02 13.25
N GLY B 220 17.56 -10.92 12.28
CA GLY B 220 16.24 -11.30 11.82
C GLY B 220 16.05 -12.79 12.01
N ASP B 221 15.17 -13.16 12.94
CA ASP B 221 15.13 -14.52 13.49
C ASP B 221 14.20 -15.40 12.68
N GLY B 222 14.76 -16.12 11.72
CA GLY B 222 14.00 -17.10 10.97
C GLY B 222 13.59 -18.24 11.86
N GLN B 223 12.30 -18.27 12.19
CA GLN B 223 11.77 -19.21 13.17
C GLN B 223 11.16 -20.42 12.49
N GLU B 224 11.23 -21.55 13.17
CA GLU B 224 10.58 -22.77 12.72
C GLU B 224 9.84 -23.34 13.92
N VAL B 225 8.54 -23.08 13.98
CA VAL B 225 7.70 -23.50 15.10
C VAL B 225 6.75 -24.57 14.60
N PHE B 226 6.77 -25.73 15.26
CA PHE B 226 6.09 -26.93 14.78
C PHE B 226 5.11 -27.47 15.81
N PRO B 227 3.78 -27.31 15.59
CA PRO B 227 2.81 -28.03 16.41
C PRO B 227 2.55 -29.43 15.85
N SER B 228 2.89 -30.46 16.63
CA SER B 228 2.84 -31.84 16.16
C SER B 228 1.48 -32.46 16.41
N GLN B 229 0.42 -31.66 16.35
CA GLN B 229 -0.83 -31.88 17.05
C GLN B 229 -1.59 -33.13 16.66
N GLU B 230 -2.10 -33.17 15.44
CA GLU B 230 -3.02 -34.23 15.06
C GLU B 230 -3.12 -34.25 13.55
N LEU B 231 -4.00 -35.10 13.05
CA LEU B 231 -4.37 -35.19 11.64
C LEU B 231 -5.32 -34.08 11.26
N ILE B 232 -6.13 -34.34 10.24
CA ILE B 232 -6.70 -33.44 9.24
C ILE B 232 -7.51 -32.25 9.79
N LEU B 233 -7.45 -32.00 11.10
CA LEU B 233 -8.18 -30.97 11.83
C LEU B 233 -8.13 -29.55 11.28
N ASP B 234 -9.02 -28.71 11.76
CA ASP B 234 -9.10 -27.35 11.28
C ASP B 234 -8.04 -26.50 11.98
N LYS B 235 -8.10 -25.19 11.79
CA LYS B 235 -7.19 -24.26 12.44
C LYS B 235 -7.96 -23.03 12.89
N GLY B 236 -7.23 -21.99 13.24
CA GLY B 236 -7.78 -20.71 13.65
C GLY B 236 -7.10 -19.59 12.91
N ASP B 237 -6.87 -19.78 11.62
CA ASP B 237 -5.99 -18.93 10.82
C ASP B 237 -6.59 -17.54 10.61
N LYS B 238 -5.75 -16.63 10.14
CA LYS B 238 -6.07 -15.21 10.20
C LYS B 238 -7.17 -14.85 9.22
N LYS B 239 -8.03 -13.91 9.60
CA LYS B 239 -9.24 -13.62 8.87
C LYS B 239 -9.21 -12.26 8.21
N GLY B 240 -10.29 -11.93 7.52
CA GLY B 240 -10.47 -10.65 6.90
C GLY B 240 -11.75 -9.98 7.35
N GLN B 241 -12.27 -9.10 6.50
CA GLN B 241 -13.42 -8.29 6.82
C GLN B 241 -14.46 -8.36 5.71
N LYS B 242 -15.65 -7.84 6.01
CA LYS B 242 -16.78 -7.82 5.10
C LYS B 242 -17.33 -6.40 4.97
N SER B 243 -16.44 -5.42 5.00
CA SER B 243 -16.85 -4.03 4.76
C SER B 243 -16.74 -3.76 3.27
N LYS B 244 -17.89 -3.53 2.63
CA LYS B 244 -18.02 -3.24 1.19
C LYS B 244 -17.49 -4.38 0.32
N THR B 245 -17.50 -5.61 0.87
CA THR B 245 -17.30 -6.82 0.10
C THR B 245 -18.43 -7.82 0.32
N LEU B 246 -19.40 -7.51 1.19
CA LEU B 246 -20.50 -8.41 1.50
C LEU B 246 -21.71 -8.19 0.61
N TYR B 247 -21.61 -7.30 -0.38
CA TYR B 247 -22.68 -7.06 -1.34
C TYR B 247 -22.48 -7.89 -2.60
N SER B 248 -21.27 -7.85 -3.17
CA SER B 248 -20.95 -8.65 -4.34
C SER B 248 -20.74 -10.12 -4.00
N VAL B 249 -20.44 -10.44 -2.74
CA VAL B 249 -20.24 -11.82 -2.31
C VAL B 249 -21.46 -12.35 -1.57
N ARG B 250 -21.73 -11.82 -0.37
CA ARG B 250 -22.87 -12.15 0.51
C ARG B 250 -22.96 -13.63 0.88
N ASP B 251 -21.98 -14.45 0.52
CA ASP B 251 -22.05 -15.89 0.71
C ASP B 251 -20.93 -16.37 1.61
N ALA B 252 -19.68 -16.08 1.25
CA ALA B 252 -18.61 -16.13 2.23
C ALA B 252 -18.84 -15.00 3.23
N ALA B 253 -18.66 -15.32 4.51
CA ALA B 253 -18.76 -14.30 5.55
C ALA B 253 -17.55 -14.33 6.48
N ALA B 254 -16.53 -15.10 6.14
CA ALA B 254 -15.30 -15.14 6.93
C ALA B 254 -14.17 -15.38 5.93
N ILE B 255 -13.51 -14.31 5.52
CA ILE B 255 -12.49 -14.36 4.48
C ILE B 255 -11.14 -14.58 5.15
N HIS B 256 -10.54 -15.73 4.94
CA HIS B 256 -9.18 -15.93 5.42
C HIS B 256 -8.19 -15.26 4.48
N SER B 257 -7.29 -14.46 5.03
CA SER B 257 -6.29 -13.81 4.21
C SER B 257 -5.21 -14.80 3.82
N GLN B 258 -4.77 -14.73 2.56
CA GLN B 258 -3.82 -15.67 2.00
C GLN B 258 -2.52 -15.00 1.63
N LYS B 259 -1.43 -15.73 1.82
CA LYS B 259 -0.20 -15.48 1.08
C LYS B 259 -0.33 -16.17 -0.27
N ILE B 260 0.78 -16.30 -0.99
CA ILE B 260 0.73 -16.82 -2.33
C ILE B 260 0.49 -18.31 -2.26
N GLY B 261 -0.77 -18.69 -2.42
CA GLY B 261 -1.18 -20.08 -2.30
C GLY B 261 -0.99 -20.66 -0.92
N ASN B 262 -1.17 -19.87 0.13
CA ASN B 262 -0.94 -20.35 1.48
C ASN B 262 -1.90 -19.70 2.46
N ALA B 263 -1.71 -20.02 3.75
CA ALA B 263 -2.60 -19.63 4.83
C ALA B 263 -1.85 -18.69 5.76
N LEU B 264 -2.25 -17.42 5.76
CA LEU B 264 -1.62 -16.43 6.61
C LEU B 264 -2.02 -16.63 8.06
N ARG B 265 -1.10 -16.31 8.95
CA ARG B 265 -1.42 -15.69 10.22
C ARG B 265 -0.70 -14.36 10.20
N THR B 266 -1.46 -13.29 10.06
CA THR B 266 -0.95 -11.97 9.69
C THR B 266 -0.10 -11.38 10.80
N ILE B 267 0.57 -10.28 10.49
CA ILE B 267 1.50 -9.68 11.44
C ILE B 267 0.72 -8.97 12.54
N ASP B 268 -0.51 -8.59 12.27
CA ASP B 268 -1.25 -7.80 13.23
C ASP B 268 -1.72 -8.60 14.43
N THR B 269 -1.99 -9.90 14.28
CA THR B 269 -2.21 -10.68 15.49
C THR B 269 -0.87 -11.10 16.08
N TRP B 270 0.13 -11.23 15.23
CA TRP B 270 1.40 -11.80 15.63
C TRP B 270 2.22 -10.87 16.51
N TYR B 271 2.13 -9.57 16.30
CA TYR B 271 2.90 -8.64 17.10
C TYR B 271 2.38 -8.54 18.53
N PRO B 272 1.08 -8.66 18.82
CA PRO B 272 0.67 -8.94 20.20
C PRO B 272 0.82 -10.38 20.64
N ASP B 273 1.63 -11.19 19.99
CA ASP B 273 2.18 -12.33 20.70
C ASP B 273 3.48 -11.96 21.37
N GLU B 274 4.18 -10.99 20.81
CA GLU B 274 5.37 -10.46 21.41
C GLU B 274 5.14 -9.02 21.82
N ASP B 275 3.90 -8.70 22.19
CA ASP B 275 3.58 -7.53 22.97
C ASP B 275 2.81 -7.88 24.23
N GLY B 276 2.25 -9.09 24.30
CA GLY B 276 1.64 -9.54 25.54
C GLY B 276 2.70 -9.87 26.57
N LEU B 277 3.18 -8.85 27.26
CA LEU B 277 4.16 -9.03 28.31
C LEU B 277 3.62 -8.58 29.65
N GLY B 278 3.14 -7.34 29.75
CA GLY B 278 3.17 -6.57 30.97
C GLY B 278 2.33 -7.08 32.12
N PRO B 279 3.01 -7.57 33.18
CA PRO B 279 2.35 -7.82 34.46
C PRO B 279 2.44 -6.58 35.33
N ILE B 280 2.30 -5.41 34.72
CA ILE B 280 2.48 -4.15 35.39
C ILE B 280 1.13 -3.47 35.19
N ALA B 281 0.12 -4.30 34.98
CA ALA B 281 -1.26 -3.86 34.88
C ALA B 281 -1.72 -3.36 36.24
N VAL B 282 -2.75 -2.53 36.25
CA VAL B 282 -3.15 -1.85 37.47
C VAL B 282 -3.86 -2.82 38.41
N GLU B 283 -4.97 -3.38 37.95
CA GLU B 283 -5.77 -4.25 38.81
C GLU B 283 -5.20 -5.65 39.04
N PRO B 284 -4.95 -6.51 38.03
CA PRO B 284 -4.76 -7.93 38.34
C PRO B 284 -3.35 -8.22 38.86
N TYR B 285 -3.14 -9.49 39.17
CA TYR B 285 -1.85 -9.94 39.69
C TYR B 285 -1.17 -10.94 38.77
N GLY B 286 -1.80 -12.09 38.52
CA GLY B 286 -1.20 -13.13 37.71
C GLY B 286 -2.21 -13.71 36.75
N SER B 287 -3.39 -13.09 36.75
CA SER B 287 -4.45 -13.50 35.85
C SER B 287 -4.15 -13.12 34.42
N VAL B 288 -3.68 -11.89 34.21
CA VAL B 288 -3.74 -11.22 32.91
C VAL B 288 -2.32 -10.85 32.49
N THR B 289 -1.84 -11.47 31.42
CA THR B 289 -0.60 -11.07 30.75
C THR B 289 -1.00 -10.28 29.51
N SER B 290 -1.43 -9.03 29.73
CA SER B 290 -2.01 -8.25 28.66
C SER B 290 -0.95 -7.74 27.69
N GLN B 291 -1.41 -7.14 26.60
CA GLN B 291 -0.53 -6.60 25.57
C GLN B 291 -0.23 -5.15 25.90
N GLY B 292 1.05 -4.84 26.10
CA GLY B 292 1.45 -3.54 26.57
C GLY B 292 1.26 -2.48 25.51
N LYS B 293 0.24 -1.64 25.67
CA LYS B 293 -0.14 -0.70 24.65
C LYS B 293 -0.37 0.67 25.26
N ALA B 294 -0.60 1.64 24.38
CA ALA B 294 -1.16 2.90 24.83
C ALA B 294 -2.58 2.65 25.27
N TYR B 295 -2.90 3.12 26.48
CA TYR B 295 -4.15 2.92 27.22
C TYR B 295 -4.42 1.47 27.60
N ARG B 296 -3.53 0.53 27.24
CA ARG B 296 -3.50 -0.86 27.72
C ARG B 296 -4.83 -1.59 27.54
N GLN B 297 -5.41 -1.47 26.34
CA GLN B 297 -6.71 -2.07 26.08
C GLN B 297 -6.53 -3.42 25.41
N PRO B 298 -7.06 -4.50 25.99
CA PRO B 298 -7.18 -5.74 25.24
C PRO B 298 -8.49 -5.77 24.46
N LYS B 299 -8.41 -6.24 23.23
CA LYS B 299 -9.55 -6.16 22.34
C LYS B 299 -10.59 -7.21 22.69
N GLN B 300 -10.20 -8.28 23.37
CA GLN B 300 -11.15 -9.31 23.76
C GLN B 300 -12.10 -8.79 24.82
N LYS B 301 -11.56 -8.50 26.01
CA LYS B 301 -12.38 -8.29 27.18
C LYS B 301 -13.02 -6.91 27.21
N LEU B 302 -12.66 -6.04 26.27
CA LEU B 302 -13.15 -4.66 26.15
C LEU B 302 -12.89 -3.87 27.42
N ASP B 303 -11.80 -4.18 28.10
CA ASP B 303 -11.43 -3.53 29.33
C ASP B 303 -10.37 -2.48 29.05
N PHE B 304 -10.27 -1.54 29.98
CA PHE B 304 -9.24 -0.52 29.92
C PHE B 304 -8.51 -0.58 31.24
N TYR B 305 -7.55 -1.49 31.34
CA TYR B 305 -6.47 -1.35 32.30
C TYR B 305 -5.77 -0.05 31.97
N THR B 306 -5.31 0.66 33.02
CA THR B 306 -4.76 2.01 32.92
C THR B 306 -5.75 2.95 32.23
N LEU B 307 -6.87 3.16 32.92
CA LEU B 307 -7.85 4.13 32.46
C LEU B 307 -7.30 5.54 32.67
N LEU B 308 -8.04 6.53 32.16
CA LEU B 308 -7.73 7.94 32.40
C LEU B 308 -7.67 8.29 33.88
N ASP B 309 -8.52 7.64 34.68
CA ASP B 309 -8.61 8.02 36.09
C ASP B 309 -7.37 7.58 36.85
N ASN B 310 -6.78 6.45 36.47
CA ASN B 310 -5.45 6.14 36.94
C ASN B 310 -4.44 7.01 36.21
N TRP B 311 -3.30 7.22 36.86
CA TRP B 311 -2.21 7.97 36.25
C TRP B 311 -1.22 7.06 35.56
N VAL B 312 -1.69 5.95 35.00
CA VAL B 312 -0.84 4.94 34.42
C VAL B 312 -0.94 4.96 32.87
N LEU B 313 -1.26 6.13 32.31
CA LEU B 313 -1.42 6.29 30.88
C LEU B 313 -0.07 6.43 30.18
N ARG B 314 0.05 5.81 29.00
CA ARG B 314 1.24 6.05 28.18
C ARG B 314 1.22 7.48 27.63
N ASP B 315 0.06 8.07 27.49
CA ASP B 315 0.01 9.49 27.20
C ASP B 315 0.12 10.36 28.45
N GLU B 316 0.55 9.80 29.58
CA GLU B 316 0.89 10.60 30.75
C GLU B 316 2.23 10.24 31.34
N ALA B 317 2.81 9.11 30.98
CA ALA B 317 4.14 8.74 31.41
C ALA B 317 5.27 9.66 30.91
N PRO B 318 5.16 10.37 29.76
CA PRO B 318 6.12 11.46 29.54
C PRO B 318 5.61 12.81 29.99
N ALA B 319 4.30 12.93 30.21
CA ALA B 319 3.81 14.13 30.86
C ALA B 319 4.20 14.16 32.32
N VAL B 320 4.49 12.99 32.88
CA VAL B 320 5.12 12.89 34.18
C VAL B 320 6.63 12.74 34.07
N GLU B 321 7.13 11.87 33.20
CA GLU B 321 8.54 11.55 33.24
C GLU B 321 9.37 12.63 32.55
N GLN B 322 8.84 13.24 31.49
CA GLN B 322 9.58 14.28 30.78
C GLN B 322 9.81 15.55 31.59
N GLN B 323 9.11 15.74 32.69
CA GLN B 323 9.39 16.87 33.56
C GLN B 323 9.64 16.49 35.00
N HIS B 324 9.43 15.22 35.37
CA HIS B 324 9.31 14.86 36.78
C HIS B 324 10.03 13.57 37.16
N TYR B 325 10.42 12.73 36.20
CA TYR B 325 11.43 11.68 36.36
C TYR B 325 11.03 10.57 37.32
N VAL B 326 9.74 10.39 37.62
CA VAL B 326 9.32 9.40 38.60
C VAL B 326 8.33 8.47 37.93
N ILE B 327 8.76 7.25 37.60
CA ILE B 327 7.83 6.18 37.25
C ILE B 327 8.14 4.96 38.13
N ALA B 328 9.43 4.66 38.28
CA ALA B 328 9.97 3.64 39.19
C ALA B 328 9.46 2.23 38.82
N ASN B 329 10.00 1.74 37.69
CA ASN B 329 10.01 0.36 37.20
C ASN B 329 8.67 -0.08 36.63
N LEU B 330 7.68 0.79 36.62
CA LEU B 330 6.63 0.78 35.62
C LEU B 330 7.09 1.46 34.35
N ILE B 331 8.33 1.93 34.34
CA ILE B 331 9.04 2.44 33.17
C ILE B 331 8.99 1.43 32.04
N ARG B 332 9.08 0.14 32.38
CA ARG B 332 9.24 -0.93 31.40
C ARG B 332 8.00 -1.05 30.51
N GLY B 333 6.81 -0.99 31.11
CA GLY B 333 5.57 -0.86 30.39
C GLY B 333 5.20 0.55 30.02
N GLY B 334 6.16 1.47 30.06
CA GLY B 334 5.99 2.82 29.57
C GLY B 334 7.03 3.06 28.51
N VAL B 335 7.99 2.15 28.40
CA VAL B 335 8.98 2.18 27.34
C VAL B 335 8.62 1.21 26.22
N PHE B 336 8.19 -0.01 26.54
CA PHE B 336 7.64 -0.89 25.52
C PHE B 336 6.33 -0.39 24.94
N GLY B 337 5.74 0.66 25.52
CA GLY B 337 4.84 1.48 24.74
C GLY B 337 5.54 2.20 23.62
N GLU B 338 6.84 2.43 23.73
CA GLU B 338 7.58 3.04 22.64
C GLU B 338 8.50 2.07 21.91
N ALA B 339 8.43 0.78 22.22
CA ALA B 339 8.98 -0.23 21.31
C ALA B 339 7.96 -0.61 20.25
N GLU B 340 6.90 0.17 20.11
CA GLU B 340 5.96 0.08 19.01
C GLU B 340 5.76 1.45 18.36
N GLU C 15 16.75 49.61 -12.47
CA GLU C 15 17.21 48.84 -13.61
C GLU C 15 17.27 47.37 -13.28
N ARG C 16 16.94 46.54 -14.28
CA ARG C 16 16.91 45.09 -14.19
C ARG C 16 16.02 44.62 -13.03
N LYS C 17 14.73 44.92 -13.16
CA LYS C 17 13.77 44.52 -12.15
C LYS C 17 13.55 43.01 -12.17
N LEU C 18 12.96 42.50 -11.11
CA LEU C 18 12.75 41.07 -10.97
C LEU C 18 11.67 40.58 -11.94
N ASP C 19 11.68 39.29 -12.19
CA ASP C 19 10.79 38.73 -13.19
C ASP C 19 9.38 38.58 -12.60
N PRO C 20 8.34 38.90 -13.37
CA PRO C 20 6.99 38.46 -12.99
C PRO C 20 6.72 37.01 -13.31
N SER C 21 7.65 36.34 -13.99
CA SER C 21 7.48 34.95 -14.40
C SER C 21 8.86 34.34 -14.57
N ASP C 22 9.21 33.42 -13.67
CA ASP C 22 10.47 32.71 -13.75
C ASP C 22 10.20 31.21 -13.74
N ALA C 23 11.11 30.45 -14.35
CA ALA C 23 11.05 29.00 -14.35
C ALA C 23 12.44 28.46 -14.62
N LEU C 24 12.80 27.38 -13.95
CA LEU C 24 14.07 26.73 -14.19
C LEU C 24 13.88 25.22 -14.19
N MET C 25 14.45 24.56 -15.20
CA MET C 25 14.23 23.14 -15.43
C MET C 25 14.99 22.29 -14.42
N SER C 26 14.35 21.20 -13.98
CA SER C 26 14.90 20.36 -12.92
C SER C 26 15.99 19.47 -13.49
N ALA C 27 17.19 20.05 -13.64
CA ALA C 27 18.34 19.28 -14.07
C ALA C 27 18.80 18.35 -12.96
N GLY C 28 19.40 17.24 -13.37
CA GLY C 28 19.76 16.22 -12.41
C GLY C 28 18.54 15.56 -11.82
N ALA C 29 17.54 15.29 -12.65
CA ALA C 29 16.33 14.62 -12.19
C ALA C 29 16.57 13.13 -12.02
N TRP C 30 15.51 12.43 -11.64
CA TRP C 30 15.64 11.06 -11.18
C TRP C 30 14.56 10.16 -11.78
N ALA C 31 14.76 8.86 -11.63
CA ALA C 31 13.88 7.82 -12.14
C ALA C 31 13.15 7.13 -10.99
N GLN C 32 12.40 6.09 -11.33
CA GLN C 32 11.63 5.33 -10.36
C GLN C 32 12.44 4.17 -9.83
N ARG C 33 11.86 3.47 -8.85
CA ARG C 33 12.54 2.41 -8.13
C ARG C 33 11.96 1.06 -8.50
N ASP C 34 12.77 0.03 -8.33
CA ASP C 34 12.41 -1.31 -8.78
C ASP C 34 12.60 -2.29 -7.63
N ALA C 35 11.60 -2.38 -6.76
CA ALA C 35 11.68 -3.33 -5.66
C ALA C 35 11.53 -4.75 -6.20
N SER C 36 12.60 -5.51 -6.09
CA SER C 36 12.62 -6.89 -6.56
C SER C 36 13.65 -7.62 -5.73
N GLN C 37 13.40 -8.89 -5.43
CA GLN C 37 14.05 -9.52 -4.29
C GLN C 37 14.92 -10.71 -4.68
N GLU C 38 16.04 -10.83 -3.99
CA GLU C 38 17.21 -11.59 -4.41
C GLU C 38 17.87 -12.11 -3.13
N TRP C 39 18.96 -12.88 -3.25
CA TRP C 39 19.64 -13.34 -2.06
C TRP C 39 21.10 -12.89 -2.10
N PRO C 40 21.69 -12.52 -0.95
CA PRO C 40 23.10 -12.13 -0.95
C PRO C 40 23.99 -13.34 -1.16
N ALA C 41 25.14 -13.07 -1.80
CA ALA C 41 26.03 -13.99 -2.51
C ALA C 41 25.38 -14.63 -3.73
N VAL C 42 24.16 -14.22 -4.09
CA VAL C 42 23.60 -14.44 -5.42
C VAL C 42 23.39 -13.00 -5.90
N THR C 43 24.19 -12.11 -5.33
CA THR C 43 24.09 -10.67 -5.52
C THR C 43 24.36 -10.25 -6.97
N VAL C 44 25.40 -10.83 -7.58
CA VAL C 44 25.86 -10.37 -8.88
C VAL C 44 24.92 -10.79 -10.00
N ARG C 45 24.03 -11.75 -9.75
CA ARG C 45 23.19 -12.36 -10.78
C ARG C 45 21.87 -11.66 -10.95
N GLU C 46 21.85 -10.34 -10.80
CA GLU C 46 20.62 -9.56 -10.96
C GLU C 46 20.26 -9.52 -12.43
N LYS C 47 19.53 -10.54 -12.87
CA LYS C 47 18.83 -10.46 -14.14
C LYS C 47 17.33 -10.71 -13.98
N SER C 48 16.97 -11.84 -13.39
CA SER C 48 15.59 -12.29 -13.26
C SER C 48 15.12 -12.17 -11.82
N VAL C 49 15.51 -11.08 -11.17
CA VAL C 49 15.19 -10.88 -9.77
C VAL C 49 13.72 -10.55 -9.65
N ARG C 50 12.99 -11.41 -8.93
CA ARG C 50 11.53 -11.40 -8.99
C ARG C 50 10.97 -10.20 -8.26
N GLY C 51 10.08 -9.47 -8.93
CA GLY C 51 9.54 -8.26 -8.38
C GLY C 51 8.38 -8.50 -7.43
N THR C 52 8.13 -7.51 -6.58
CA THR C 52 7.23 -7.65 -5.45
C THR C 52 5.97 -6.84 -5.66
N ILE C 53 4.83 -7.37 -5.25
CA ILE C 53 3.54 -6.73 -5.45
C ILE C 53 2.89 -6.50 -4.09
N SER C 54 2.27 -5.33 -3.92
CA SER C 54 1.64 -4.91 -2.69
C SER C 54 0.47 -5.81 -2.34
N ASN C 55 0.70 -6.72 -1.41
CA ASN C 55 -0.34 -7.53 -0.80
C ASN C 55 -1.19 -6.65 0.13
N ARG C 56 -2.41 -7.09 0.42
CA ARG C 56 -3.32 -6.31 1.26
C ARG C 56 -3.55 -6.97 2.61
N LEU C 57 -3.39 -6.19 3.67
CA LEU C 57 -3.70 -6.58 5.04
C LEU C 57 -5.07 -6.06 5.44
N LYS C 58 -5.54 -6.53 6.59
CA LYS C 58 -6.68 -5.96 7.28
C LYS C 58 -6.36 -5.91 8.77
N THR C 59 -6.75 -4.84 9.44
CA THR C 59 -6.39 -4.55 10.82
C THR C 59 -7.62 -4.27 11.65
N LYS C 60 -7.48 -4.44 12.97
CA LYS C 60 -8.48 -3.97 13.93
C LYS C 60 -7.85 -2.86 14.74
N ASP C 61 -8.32 -1.64 14.53
CA ASP C 61 -7.61 -0.49 15.08
C ASP C 61 -7.89 -0.31 16.56
N ARG C 62 -6.84 -0.14 17.33
CA ARG C 62 -6.97 0.29 18.70
C ARG C 62 -7.05 1.80 18.71
N ASP C 63 -6.96 2.40 19.90
CA ASP C 63 -7.07 3.85 20.05
C ASP C 63 -5.86 4.41 20.78
N PRO C 64 -4.82 4.80 20.06
CA PRO C 64 -3.70 5.53 20.67
C PRO C 64 -3.83 7.03 20.53
N ALA C 65 -4.85 7.49 19.81
CA ALA C 65 -5.00 8.91 19.56
C ALA C 65 -5.33 9.63 20.85
N LYS C 66 -4.51 10.62 21.18
CA LYS C 66 -4.70 11.39 22.39
C LYS C 66 -6.01 12.16 22.30
N LEU C 67 -6.89 11.92 23.26
CA LEU C 67 -8.18 12.57 23.28
C LEU C 67 -8.04 14.04 23.58
N ASP C 68 -8.99 14.81 23.08
CA ASP C 68 -9.03 16.22 23.45
C ASP C 68 -9.46 16.37 24.90
N ALA C 69 -9.01 17.46 25.53
CA ALA C 69 -9.26 17.73 26.94
C ALA C 69 -9.85 19.13 27.16
N SER C 70 -10.59 19.65 26.19
CA SER C 70 -11.25 20.95 26.37
C SER C 70 -12.60 20.81 27.08
N ILE C 71 -13.58 20.15 26.45
CA ILE C 71 -14.80 19.75 27.14
C ILE C 71 -15.24 18.39 26.60
N GLN C 72 -14.89 17.32 27.32
CA GLN C 72 -15.17 15.94 26.91
C GLN C 72 -15.62 15.14 28.11
N SER C 73 -15.93 13.87 27.89
CA SER C 73 -16.42 13.07 28.99
C SER C 73 -15.61 11.79 29.15
N PRO C 74 -15.45 11.30 30.38
CA PRO C 74 -14.75 10.03 30.60
C PRO C 74 -15.61 8.79 30.45
N ASN C 75 -16.80 8.89 29.86
CA ASN C 75 -17.56 7.69 29.53
C ASN C 75 -17.42 7.31 28.07
N LEU C 76 -17.18 8.28 27.20
CA LEU C 76 -17.04 8.00 25.78
C LEU C 76 -15.78 7.21 25.48
N GLN C 77 -14.68 7.50 26.18
CA GLN C 77 -13.43 6.80 25.94
C GLN C 77 -13.53 5.35 26.34
N THR C 78 -14.39 5.04 27.30
CA THR C 78 -14.65 3.65 27.67
C THR C 78 -15.22 2.88 26.49
N VAL C 79 -16.28 3.41 25.88
CA VAL C 79 -16.98 2.71 24.82
C VAL C 79 -16.14 2.69 23.56
N ASP C 80 -15.52 3.82 23.22
CA ASP C 80 -14.76 3.92 21.98
C ASP C 80 -13.50 3.07 22.03
N VAL C 81 -12.79 3.12 23.16
CA VAL C 81 -11.60 2.29 23.33
C VAL C 81 -11.98 0.83 23.44
N ALA C 82 -13.20 0.55 23.91
CA ALA C 82 -13.74 -0.79 23.77
C ALA C 82 -13.99 -1.13 22.31
N ASN C 83 -14.49 -0.18 21.52
CA ASN C 83 -14.89 -0.53 20.17
C ASN C 83 -13.69 -0.67 19.21
N LEU C 84 -13.97 -1.14 18.00
CA LEU C 84 -12.96 -1.37 16.98
C LEU C 84 -13.29 -0.61 15.71
N PRO C 85 -12.59 0.50 15.41
CA PRO C 85 -12.73 1.16 14.08
C PRO C 85 -11.78 0.56 13.05
N SER C 86 -12.11 -0.64 12.60
CA SER C 86 -11.22 -1.43 11.78
C SER C 86 -11.18 -0.90 10.36
N ASP C 87 -10.12 -1.28 9.63
CA ASP C 87 -9.92 -0.91 8.23
C ASP C 87 -8.76 -1.73 7.67
N ALA C 88 -8.61 -1.65 6.35
CA ALA C 88 -7.64 -2.46 5.61
C ALA C 88 -6.53 -1.60 5.05
N ASP C 89 -5.35 -2.19 4.88
CA ASP C 89 -4.13 -1.46 4.56
C ASP C 89 -3.30 -2.29 3.61
N THR C 90 -2.89 -1.68 2.51
CA THR C 90 -2.33 -2.42 1.37
C THR C 90 -0.82 -2.47 1.55
N LEU C 91 -0.35 -3.37 2.40
CA LEU C 91 0.99 -3.30 2.92
C LEU C 91 1.84 -4.42 2.36
N LYS C 92 2.96 -4.06 1.76
CA LYS C 92 3.73 -4.95 0.92
C LYS C 92 4.74 -5.75 1.72
N VAL C 93 4.97 -6.98 1.29
CA VAL C 93 5.67 -7.99 2.08
C VAL C 93 6.84 -8.44 1.24
N ARG C 94 7.96 -8.80 1.89
CA ARG C 94 9.00 -9.45 1.10
C ARG C 94 8.59 -10.84 0.68
N PHE C 95 9.41 -11.44 -0.17
CA PHE C 95 9.17 -12.83 -0.54
C PHE C 95 9.76 -13.75 0.51
N THR C 96 9.66 -15.05 0.23
CA THR C 96 9.82 -16.04 1.28
C THR C 96 11.27 -16.29 1.62
N LEU C 97 12.13 -16.47 0.61
CA LEU C 97 13.51 -16.87 0.84
C LEU C 97 14.51 -15.85 0.31
N ARG C 98 14.03 -14.77 -0.29
CA ARG C 98 14.91 -13.76 -0.87
C ARG C 98 15.23 -12.71 0.18
N VAL C 99 16.52 -12.51 0.43
CA VAL C 99 16.98 -11.67 1.52
C VAL C 99 17.46 -10.32 1.02
N LEU C 100 18.09 -10.27 -0.14
CA LEU C 100 18.41 -8.98 -0.73
C LEU C 100 17.14 -8.26 -1.16
N GLY C 101 17.21 -6.95 -1.18
CA GLY C 101 16.27 -6.14 -1.89
C GLY C 101 16.67 -5.97 -3.34
N GLY C 102 16.44 -4.78 -3.85
CA GLY C 102 16.82 -4.48 -5.21
C GLY C 102 16.39 -3.08 -5.52
N ALA C 103 17.22 -2.32 -6.21
CA ALA C 103 16.85 -0.95 -6.53
C ALA C 103 17.52 -0.58 -7.86
N GLY C 104 16.75 -0.67 -8.94
CA GLY C 104 17.18 -0.13 -10.20
C GLY C 104 16.67 1.28 -10.35
N THR C 105 17.48 2.27 -10.04
CA THR C 105 17.08 3.67 -10.15
C THR C 105 18.04 4.40 -11.07
N PRO C 106 17.73 4.50 -12.34
CA PRO C 106 18.60 5.22 -13.28
C PRO C 106 18.31 6.72 -13.40
N SER C 107 18.82 7.49 -12.45
CA SER C 107 18.71 8.95 -12.54
C SER C 107 19.68 9.46 -13.59
N ALA C 108 19.29 10.52 -14.27
CA ALA C 108 20.11 11.11 -15.31
C ALA C 108 20.30 12.60 -15.03
N CYS C 109 21.48 13.09 -15.33
CA CYS C 109 21.82 14.48 -15.07
C CYS C 109 21.58 15.30 -16.32
N ASN C 110 21.00 16.47 -16.16
CA ASN C 110 20.89 17.37 -17.30
C ASN C 110 21.89 18.51 -17.16
N ASP C 111 22.28 19.06 -18.31
CA ASP C 111 23.35 20.03 -18.39
C ASP C 111 22.79 21.43 -18.08
N ALA C 112 23.66 22.45 -18.23
CA ALA C 112 23.28 23.86 -18.40
C ALA C 112 22.42 24.36 -17.23
N ALA C 113 23.09 24.51 -16.09
CA ALA C 113 22.43 24.49 -14.78
C ALA C 113 21.45 25.65 -14.60
N TYR C 114 21.70 26.80 -15.20
CA TYR C 114 20.81 27.93 -15.07
C TYR C 114 20.10 28.29 -16.38
N ARG C 115 20.20 27.43 -17.39
CA ARG C 115 19.52 27.67 -18.66
C ARG C 115 18.02 27.59 -18.43
N ASP C 116 17.36 28.74 -18.46
CA ASP C 116 15.99 28.83 -18.03
C ASP C 116 15.03 28.18 -19.01
N LYS C 117 13.76 28.19 -18.62
CA LYS C 117 12.67 27.91 -19.54
C LYS C 117 11.89 29.16 -19.91
N LEU C 118 11.78 30.11 -19.01
CA LEU C 118 11.04 31.33 -19.26
C LEU C 118 11.95 32.53 -19.04
N LEU C 119 11.63 33.63 -19.73
CA LEU C 119 12.47 34.83 -19.73
C LEU C 119 11.54 36.03 -19.69
N GLN C 120 11.17 36.49 -18.49
CA GLN C 120 10.40 37.73 -18.42
C GLN C 120 11.23 38.94 -18.82
N THR C 121 12.54 38.88 -18.58
CA THR C 121 13.48 39.84 -19.12
C THR C 121 14.72 39.07 -19.55
N VAL C 122 15.07 39.17 -20.83
CA VAL C 122 16.21 38.42 -21.35
C VAL C 122 17.50 38.94 -20.76
N ALA C 123 17.55 40.23 -20.40
CA ALA C 123 18.71 40.79 -19.74
C ALA C 123 18.92 40.17 -18.36
N THR C 124 17.84 39.89 -17.64
CA THR C 124 17.93 39.19 -16.38
C THR C 124 18.44 37.76 -16.60
N TYR C 125 18.01 37.13 -17.69
CA TYR C 125 18.52 35.81 -18.07
C TYR C 125 20.01 35.84 -18.35
N VAL C 126 20.48 36.89 -19.03
CA VAL C 126 21.90 37.04 -19.33
C VAL C 126 22.69 37.26 -18.05
N ASN C 127 22.12 38.03 -17.12
CA ASN C 127 22.72 38.19 -15.81
C ASN C 127 22.90 36.85 -15.11
N ASP C 128 21.80 36.09 -15.02
CA ASP C 128 21.80 34.82 -14.30
C ASP C 128 22.70 33.79 -14.96
N GLN C 129 22.83 33.86 -16.28
CA GLN C 129 23.81 33.02 -16.94
C GLN C 129 25.22 33.47 -16.61
N GLY C 130 25.42 34.78 -16.45
CA GLY C 130 26.69 35.26 -15.96
C GLY C 130 26.99 34.77 -14.56
N PHE C 131 25.97 34.72 -13.71
CA PHE C 131 26.12 34.12 -12.40
C PHE C 131 26.38 32.63 -12.48
N ALA C 132 25.83 31.95 -13.48
CA ALA C 132 26.11 30.54 -13.65
C ALA C 132 27.55 30.32 -14.05
N GLU C 133 28.10 31.24 -14.83
CA GLU C 133 29.54 31.18 -15.11
C GLU C 133 30.35 31.56 -13.88
N LEU C 134 29.78 32.34 -12.98
CA LEU C 134 30.49 32.67 -11.75
C LEU C 134 30.56 31.47 -10.82
N ALA C 135 29.42 30.90 -10.49
CA ALA C 135 29.41 29.76 -9.59
C ALA C 135 29.74 28.46 -10.30
N ARG C 136 30.03 28.50 -11.59
CA ARG C 136 30.43 27.32 -12.34
C ARG C 136 31.87 27.36 -12.78
N ARG C 137 32.32 28.47 -13.36
CA ARG C 137 33.73 28.66 -13.71
C ARG C 137 34.52 29.16 -12.51
N TYR C 138 33.98 30.13 -11.78
CA TYR C 138 34.64 30.63 -10.58
C TYR C 138 34.55 29.60 -9.46
N ALA C 139 33.34 29.29 -9.00
CA ALA C 139 33.16 28.27 -7.98
C ALA C 139 33.05 26.92 -8.67
N HIS C 140 33.60 25.89 -8.05
CA HIS C 140 33.65 24.57 -8.65
C HIS C 140 32.59 23.68 -8.01
N ASN C 141 32.37 22.51 -8.61
CA ASN C 141 31.41 21.55 -8.10
C ASN C 141 32.05 20.22 -7.69
N LEU C 142 33.30 20.26 -7.21
CA LEU C 142 33.88 19.09 -6.56
C LEU C 142 33.07 18.72 -5.33
N ALA C 143 33.00 19.63 -4.36
CA ALA C 143 32.31 19.34 -3.13
C ALA C 143 30.80 19.41 -3.27
N ASN C 144 30.28 20.05 -4.31
CA ASN C 144 28.86 19.98 -4.58
C ASN C 144 28.45 18.58 -5.00
N ALA C 145 29.17 18.01 -5.96
CA ALA C 145 28.95 16.62 -6.31
C ALA C 145 29.39 15.66 -5.23
N ARG C 146 30.27 16.08 -4.34
CA ARG C 146 30.58 15.26 -3.17
C ARG C 146 29.51 15.36 -2.11
N PHE C 147 28.68 16.40 -2.14
CA PHE C 147 27.41 16.30 -1.43
C PHE C 147 26.50 15.29 -2.14
N LEU C 148 26.39 15.39 -3.47
CA LEU C 148 25.46 14.51 -4.18
C LEU C 148 25.93 13.07 -4.26
N TRP C 149 27.14 12.76 -3.85
CA TRP C 149 27.57 11.38 -3.73
C TRP C 149 27.86 11.03 -2.28
N ARG C 150 28.83 11.71 -1.66
CA ARG C 150 29.27 11.43 -0.29
C ARG C 150 28.20 11.64 0.75
N ASN C 151 27.11 12.32 0.40
CA ASN C 151 25.93 12.38 1.24
C ASN C 151 24.69 11.88 0.48
N ARG C 152 24.90 11.05 -0.54
CA ARG C 152 23.83 10.27 -1.13
C ARG C 152 24.22 8.84 -1.49
N VAL C 153 25.51 8.50 -1.57
CA VAL C 153 25.89 7.10 -1.72
C VAL C 153 25.59 6.35 -0.44
N GLY C 154 25.84 6.99 0.70
CA GLY C 154 25.20 6.61 1.95
C GLY C 154 23.73 6.69 1.66
N ALA C 155 23.11 5.53 1.50
CA ALA C 155 21.84 5.43 0.79
C ALA C 155 20.70 5.97 1.62
N GLU C 156 20.65 7.29 1.80
CA GLU C 156 19.39 7.93 2.09
C GLU C 156 18.39 7.72 0.98
N ALA C 157 18.89 7.45 -0.23
CA ALA C 157 18.18 6.78 -1.32
C ALA C 157 17.11 5.80 -0.87
N VAL C 158 17.52 4.72 -0.21
CA VAL C 158 16.57 3.71 0.22
C VAL C 158 16.07 4.14 1.59
N GLU C 159 15.03 4.98 1.61
CA GLU C 159 14.79 5.85 2.77
C GLU C 159 14.43 5.09 4.04
N VAL C 160 13.27 4.47 4.07
CA VAL C 160 12.77 3.93 5.32
C VAL C 160 13.35 2.54 5.53
N ARG C 161 13.85 1.93 4.48
CA ARG C 161 14.39 0.59 4.58
C ARG C 161 15.83 0.60 5.09
N ILE C 162 16.44 1.78 5.24
CA ILE C 162 17.83 1.88 5.69
C ILE C 162 17.99 1.45 7.14
N ASN C 163 16.90 1.35 7.90
CA ASN C 163 16.96 1.01 9.31
C ASN C 163 17.39 -0.43 9.47
N HIS C 164 18.62 -0.61 9.95
CA HIS C 164 19.24 -1.90 10.23
C HIS C 164 19.28 -2.79 8.99
N ILE C 165 20.00 -2.31 8.02
CA ILE C 165 20.38 -3.13 6.89
C ILE C 165 21.39 -4.15 7.38
N ARG C 166 21.33 -5.36 6.83
CA ARG C 166 22.45 -6.28 7.05
C ARG C 166 23.70 -5.80 6.33
N GLN C 167 23.58 -5.49 5.04
CA GLN C 167 24.70 -4.94 4.28
C GLN C 167 24.15 -4.18 3.08
N GLY C 168 24.22 -2.85 3.13
CA GLY C 168 23.68 -2.06 2.04
C GLY C 168 24.68 -1.84 0.94
N GLU C 169 24.61 -2.68 -0.10
CA GLU C 169 25.54 -2.63 -1.22
C GLU C 169 25.02 -1.67 -2.28
N VAL C 170 25.85 -0.71 -2.67
CA VAL C 170 25.48 0.34 -3.59
C VAL C 170 26.41 0.24 -4.79
N ALA C 171 25.89 -0.19 -5.92
CA ALA C 171 26.67 -0.33 -7.15
C ALA C 171 26.13 0.66 -8.17
N ARG C 172 26.62 1.89 -8.11
CA ARG C 172 26.17 2.98 -8.97
C ARG C 172 26.83 2.80 -10.33
N ALA C 173 26.18 2.04 -11.20
CA ALA C 173 26.74 1.77 -12.52
C ALA C 173 26.34 2.83 -13.52
N TRP C 174 27.04 2.84 -14.66
CA TRP C 174 26.76 3.82 -15.70
C TRP C 174 27.15 3.25 -17.06
N ARG C 175 26.37 3.59 -18.07
CA ARG C 175 26.54 3.13 -19.43
C ARG C 175 26.62 4.30 -20.40
N PHE C 176 27.52 4.19 -21.39
CA PHE C 176 27.40 5.00 -22.59
C PHE C 176 26.07 4.80 -23.27
N ASP C 177 25.70 3.54 -23.42
CA ASP C 177 24.78 2.99 -24.41
C ASP C 177 24.14 1.81 -23.73
N ALA C 178 23.78 0.78 -24.49
CA ALA C 178 23.64 -0.54 -23.86
C ALA C 178 24.92 -0.95 -23.13
N LEU C 179 26.09 -0.58 -23.67
CA LEU C 179 27.37 -0.92 -23.06
C LEU C 179 27.61 -0.11 -21.80
N ALA C 180 27.86 -0.81 -20.70
CA ALA C 180 28.09 -0.21 -19.40
C ALA C 180 29.58 -0.10 -19.13
N ILE C 181 30.04 1.12 -18.82
CA ILE C 181 31.45 1.39 -18.57
C ILE C 181 31.66 2.05 -17.21
N GLY C 182 30.85 3.06 -16.89
CA GLY C 182 30.91 3.68 -15.58
C GLY C 182 30.50 2.68 -14.52
N LEU C 183 31.47 2.20 -13.75
CA LEU C 183 31.26 1.07 -12.85
C LEU C 183 32.04 1.31 -11.57
N ARG C 184 31.35 1.23 -10.43
CA ARG C 184 31.96 1.39 -9.13
C ARG C 184 31.06 0.79 -8.05
N ASP C 185 31.70 0.30 -6.99
CA ASP C 185 31.06 -0.47 -5.93
C ASP C 185 31.20 0.28 -4.59
N PHE C 186 30.24 0.08 -3.70
CA PHE C 186 30.24 0.80 -2.43
C PHE C 186 29.67 -0.06 -1.32
N LYS C 187 29.57 0.53 -0.14
CA LYS C 187 28.89 -0.06 1.01
C LYS C 187 28.35 1.13 1.81
N ALA C 188 27.04 1.38 1.67
CA ALA C 188 26.45 2.55 2.31
C ALA C 188 26.45 2.44 3.83
N ASP C 189 26.44 1.21 4.35
CA ASP C 189 26.59 1.02 5.78
C ASP C 189 27.99 1.35 6.25
N ALA C 190 28.98 1.29 5.37
CA ALA C 190 30.34 1.72 5.68
C ALA C 190 30.53 3.21 5.50
N GLU C 191 29.45 3.99 5.53
CA GLU C 191 29.50 5.43 5.31
C GLU C 191 28.61 6.12 6.34
N LEU C 192 28.97 7.37 6.65
CA LEU C 192 28.23 8.19 7.58
C LEU C 192 26.96 8.71 6.93
N ASP C 193 26.00 9.11 7.78
CA ASP C 193 24.78 9.76 7.30
C ASP C 193 24.53 11.07 8.02
N ALA C 194 25.53 11.61 8.70
CA ALA C 194 25.48 12.99 9.16
C ALA C 194 26.66 13.81 8.66
N LEU C 195 27.71 13.18 8.13
CA LEU C 195 28.88 13.87 7.62
C LEU C 195 29.33 13.21 6.34
N ALA C 196 30.20 13.92 5.61
CA ALA C 196 30.81 13.41 4.39
C ALA C 196 32.30 13.25 4.63
N GLU C 197 32.87 12.13 4.19
CA GLU C 197 34.29 11.86 4.36
C GLU C 197 34.97 11.68 3.01
N LEU C 198 36.29 11.87 3.03
CA LEU C 198 37.11 11.82 1.83
C LEU C 198 37.29 10.36 1.41
N ILE C 199 36.77 10.02 0.23
CA ILE C 199 36.86 8.68 -0.34
C ILE C 199 37.23 8.81 -1.80
N ALA C 200 38.20 8.01 -2.26
CA ALA C 200 38.72 8.13 -3.62
C ALA C 200 37.69 7.71 -4.67
N SER C 201 37.04 6.56 -4.47
CA SER C 201 36.03 6.12 -5.43
C SER C 201 34.77 6.98 -5.35
N GLY C 202 34.47 7.52 -4.17
CA GLY C 202 33.43 8.53 -4.07
C GLY C 202 33.78 9.78 -4.86
N LEU C 203 35.07 10.08 -4.99
CA LEU C 203 35.48 11.13 -5.91
C LEU C 203 35.51 10.66 -7.35
N SER C 204 35.54 9.36 -7.61
CA SER C 204 35.39 8.91 -8.98
C SER C 204 33.96 9.12 -9.44
N GLY C 205 33.00 8.75 -8.60
CA GLY C 205 31.60 8.99 -8.95
C GLY C 205 31.24 10.46 -8.95
N SER C 206 31.77 11.23 -7.98
CA SER C 206 31.41 12.63 -7.94
C SER C 206 32.13 13.43 -9.01
N GLY C 207 33.35 13.03 -9.38
CA GLY C 207 33.99 13.62 -10.54
C GLY C 207 33.32 13.19 -11.82
N HIS C 208 32.63 12.05 -11.79
CA HIS C 208 31.85 11.63 -12.93
C HIS C 208 30.60 12.50 -13.05
N VAL C 209 30.01 12.89 -11.92
CA VAL C 209 28.89 13.83 -11.97
C VAL C 209 29.39 15.23 -12.33
N LEU C 210 30.63 15.54 -11.98
CA LEU C 210 31.29 16.72 -12.55
C LEU C 210 31.38 16.62 -14.05
N LEU C 211 31.64 15.42 -14.57
CA LEU C 211 31.54 15.21 -16.00
C LEU C 211 30.10 15.21 -16.50
N GLU C 212 29.11 15.23 -15.61
CA GLU C 212 27.72 15.25 -16.03
C GLU C 212 27.14 16.67 -16.12
N VAL C 213 27.12 17.38 -14.99
CA VAL C 213 26.21 18.50 -14.80
C VAL C 213 26.58 19.70 -15.66
N VAL C 214 27.85 19.84 -15.99
CA VAL C 214 28.36 21.10 -16.51
C VAL C 214 28.63 20.90 -18.00
N ALA C 215 27.81 20.04 -18.63
CA ALA C 215 27.78 19.81 -20.08
C ALA C 215 29.10 19.25 -20.61
N PHE C 216 29.36 17.99 -20.26
CA PHE C 216 30.48 17.27 -20.85
C PHE C 216 30.07 15.96 -21.49
N ALA C 217 29.31 15.13 -20.77
CA ALA C 217 28.89 13.85 -21.31
C ALA C 217 27.53 13.51 -20.74
N ARG C 218 26.67 12.95 -21.59
CA ARG C 218 25.34 12.57 -21.16
C ARG C 218 25.40 11.34 -20.28
N ILE C 219 24.93 11.47 -19.05
CA ILE C 219 25.13 10.47 -18.01
C ILE C 219 23.80 10.13 -17.36
N GLY C 220 23.34 8.91 -17.55
CA GLY C 220 22.20 8.38 -16.83
C GLY C 220 22.59 7.14 -16.06
N ASP C 221 22.61 7.25 -14.73
CA ASP C 221 23.30 6.29 -13.87
C ASP C 221 22.38 5.15 -13.47
N GLY C 222 22.42 4.07 -14.23
CA GLY C 222 21.68 2.88 -13.87
C GLY C 222 22.24 2.27 -12.61
N GLN C 223 21.51 2.42 -11.51
CA GLN C 223 21.97 2.04 -10.20
C GLN C 223 21.45 0.68 -9.81
N GLU C 224 22.25 -0.03 -9.02
CA GLU C 224 21.84 -1.31 -8.46
C GLU C 224 22.18 -1.26 -6.97
N VAL C 225 21.18 -0.96 -6.15
CA VAL C 225 21.36 -0.82 -4.71
C VAL C 225 20.66 -1.99 -4.03
N PHE C 226 21.41 -2.70 -3.19
CA PHE C 226 20.96 -3.98 -2.63
C PHE C 226 21.00 -3.99 -1.12
N PRO C 227 19.85 -3.91 -0.44
CA PRO C 227 19.83 -4.16 1.01
C PRO C 227 19.70 -5.65 1.30
N SER C 228 20.72 -6.23 1.94
CA SER C 228 20.80 -7.67 2.16
C SER C 228 20.12 -8.09 3.45
N GLN C 229 19.06 -7.37 3.83
CA GLN C 229 18.63 -7.22 5.21
C GLN C 229 18.19 -8.50 5.90
N GLU C 230 17.08 -9.08 5.46
CA GLU C 230 16.47 -10.17 6.20
C GLU C 230 15.48 -10.87 5.28
N LEU C 231 14.77 -11.83 5.85
CA LEU C 231 13.68 -12.53 5.19
C LEU C 231 12.42 -11.70 5.20
N ILE C 232 11.28 -12.37 5.16
CA ILE C 232 9.98 -12.00 4.58
C ILE C 232 9.38 -10.68 5.06
N LEU C 233 10.15 -9.87 5.80
CA LEU C 233 9.76 -8.60 6.40
C LEU C 233 9.05 -7.59 5.52
N ASP C 234 8.44 -6.59 6.14
CA ASP C 234 7.70 -5.60 5.40
C ASP C 234 8.67 -4.55 4.86
N LYS C 235 8.13 -3.45 4.32
CA LYS C 235 8.93 -2.36 3.80
C LYS C 235 8.27 -1.05 4.18
N GLY C 236 8.73 0.02 3.56
CA GLY C 236 8.20 1.37 3.76
C GLY C 236 7.93 2.02 2.42
N ASP C 237 7.37 1.27 1.48
CA ASP C 237 7.30 1.64 0.09
C ASP C 237 6.34 2.79 -0.13
N LYS C 238 6.41 3.39 -1.33
CA LYS C 238 5.79 4.69 -1.56
C LYS C 238 4.28 4.58 -1.59
N LYS C 239 3.62 5.61 -1.10
CA LYS C 239 2.18 5.57 -0.86
C LYS C 239 1.42 6.49 -1.79
N GLY C 240 0.10 6.49 -1.63
CA GLY C 240 -0.78 7.36 -2.36
C GLY C 240 -1.65 8.19 -1.44
N GLN C 241 -2.80 8.60 -1.95
CA GLN C 241 -3.70 9.50 -1.24
C GLN C 241 -5.12 8.96 -1.26
N LYS C 242 -5.96 9.59 -0.44
CA LYS C 242 -7.36 9.23 -0.29
C LYS C 242 -8.25 10.43 -0.51
N SER C 243 -7.87 11.31 -1.42
CA SER C 243 -8.70 12.45 -1.79
C SER C 243 -9.60 12.02 -2.93
N LYS C 244 -10.91 11.96 -2.66
CA LYS C 244 -11.97 11.56 -3.61
C LYS C 244 -11.77 10.15 -4.14
N THR C 245 -11.11 9.31 -3.35
CA THR C 245 -11.07 7.87 -3.56
C THR C 245 -11.48 7.10 -2.31
N LEU C 246 -11.76 7.78 -1.20
CA LEU C 246 -12.13 7.15 0.06
C LEU C 246 -13.64 6.97 0.21
N TYR C 247 -14.41 7.32 -0.81
CA TYR C 247 -15.85 7.12 -0.81
C TYR C 247 -16.24 5.82 -1.48
N SER C 248 -15.70 5.56 -2.68
CA SER C 248 -15.94 4.31 -3.38
C SER C 248 -15.15 3.15 -2.79
N VAL C 249 -14.07 3.42 -2.06
CA VAL C 249 -13.26 2.37 -1.43
C VAL C 249 -13.57 2.27 0.06
N ARG C 250 -13.21 3.29 0.84
CA ARG C 250 -13.41 3.43 2.29
C ARG C 250 -12.83 2.28 3.12
N ASP C 251 -12.09 1.36 2.51
CA ASP C 251 -11.61 0.16 3.18
C ASP C 251 -10.09 0.11 3.19
N ALA C 252 -9.47 0.18 2.02
CA ALA C 252 -8.07 0.56 1.95
C ALA C 252 -7.94 2.01 2.37
N ALA C 253 -6.97 2.31 3.19
CA ALA C 253 -6.69 3.68 3.59
C ALA C 253 -5.22 4.04 3.40
N ALA C 254 -4.44 3.18 2.76
CA ALA C 254 -3.05 3.48 2.46
C ALA C 254 -2.74 2.79 1.13
N ILE C 255 -2.82 3.55 0.05
CA ILE C 255 -2.67 3.00 -1.30
C ILE C 255 -1.20 3.09 -1.68
N HIS C 256 -0.55 1.95 -1.83
CA HIS C 256 0.80 1.96 -2.37
C HIS C 256 0.76 2.10 -3.87
N SER C 257 1.54 3.05 -4.39
CA SER C 257 1.59 3.23 -5.83
C SER C 257 2.45 2.14 -6.46
N GLN C 258 1.99 1.64 -7.61
CA GLN C 258 2.62 0.52 -8.28
C GLN C 258 3.16 0.91 -9.63
N LYS C 259 4.30 0.33 -9.98
CA LYS C 259 4.70 0.19 -11.37
C LYS C 259 3.98 -1.03 -11.93
N ILE C 260 4.40 -1.48 -13.11
CA ILE C 260 3.71 -2.57 -13.78
C ILE C 260 3.99 -3.86 -13.04
N GLY C 261 3.07 -4.24 -12.16
CA GLY C 261 3.24 -5.42 -11.34
C GLY C 261 4.38 -5.33 -10.36
N ASN C 262 4.66 -4.13 -9.82
CA ASN C 262 5.80 -3.95 -8.93
C ASN C 262 5.49 -2.91 -7.86
N ALA C 263 6.50 -2.63 -7.04
CA ALA C 263 6.39 -1.77 -5.88
C ALA C 263 7.23 -0.53 -6.09
N LEU C 264 6.57 0.61 -6.27
CA LEU C 264 7.28 1.86 -6.47
C LEU C 264 7.91 2.36 -5.18
N ARG C 265 9.04 3.02 -5.33
CA ARG C 265 9.39 4.15 -4.50
C ARG C 265 9.53 5.31 -5.46
N THR C 266 8.57 6.22 -5.42
CA THR C 266 8.35 7.21 -6.45
C THR C 266 9.50 8.23 -6.51
N ILE C 267 9.47 9.06 -7.55
CA ILE C 267 10.57 10.00 -7.75
C ILE C 267 10.46 11.14 -6.76
N ASP C 268 9.27 11.39 -6.24
CA ASP C 268 9.07 12.55 -5.39
C ASP C 268 9.69 12.38 -4.02
N THR C 269 9.77 11.17 -3.48
CA THR C 269 10.57 11.02 -2.27
C THR C 269 12.03 10.88 -2.64
N TRP C 270 12.30 10.36 -3.82
CA TRP C 270 13.65 10.00 -4.20
C TRP C 270 14.51 11.21 -4.51
N TYR C 271 13.95 12.27 -5.03
CA TYR C 271 14.74 13.45 -5.35
C TYR C 271 15.20 14.20 -4.10
N PRO C 272 14.45 14.24 -3.00
CA PRO C 272 15.06 14.63 -1.73
C PRO C 272 15.86 13.54 -1.04
N ASP C 273 16.29 12.50 -1.72
CA ASP C 273 17.45 11.79 -1.23
C ASP C 273 18.72 12.39 -1.79
N GLU C 274 18.62 12.98 -2.96
CA GLU C 274 19.72 13.71 -3.56
C GLU C 274 19.37 15.18 -3.63
N ASP C 275 18.59 15.67 -2.67
CA ASP C 275 18.49 17.07 -2.36
C ASP C 275 18.78 17.34 -0.89
N GLY C 276 18.75 16.31 -0.04
CA GLY C 276 19.18 16.48 1.33
C GLY C 276 20.69 16.62 1.41
N LEU C 277 21.17 17.84 1.18
CA LEU C 277 22.59 18.13 1.28
C LEU C 277 22.88 19.15 2.37
N GLY C 278 22.22 20.31 2.32
CA GLY C 278 22.75 21.54 2.82
C GLY C 278 22.98 21.62 4.32
N PRO C 279 24.27 21.65 4.73
CA PRO C 279 24.63 22.02 6.10
C PRO C 279 24.87 23.52 6.18
N ILE C 280 24.05 24.28 5.46
CA ILE C 280 24.23 25.72 5.35
C ILE C 280 22.92 26.26 5.89
N ALA C 281 22.28 25.44 6.71
CA ALA C 281 21.07 25.82 7.41
C ALA C 281 21.41 26.90 8.44
N VAL C 282 20.41 27.67 8.84
CA VAL C 282 20.66 28.83 9.68
C VAL C 282 20.98 28.41 11.10
N GLU C 283 20.05 27.73 11.75
CA GLU C 283 20.21 27.35 13.15
C GLU C 283 21.18 26.20 13.41
N PRO C 284 21.00 24.97 12.88
CA PRO C 284 21.74 23.84 13.45
C PRO C 284 23.18 23.78 12.94
N TYR C 285 23.89 22.79 13.45
CA TYR C 285 25.29 22.58 13.08
C TYR C 285 25.52 21.26 12.36
N GLY C 286 25.24 20.14 13.02
CA GLY C 286 25.50 18.83 12.45
C GLY C 286 24.33 17.91 12.71
N SER C 287 23.28 18.48 13.29
CA SER C 287 22.06 17.73 13.56
C SER C 287 21.31 17.42 12.27
N VAL C 288 21.18 18.42 11.40
CA VAL C 288 20.16 18.42 10.36
C VAL C 288 20.84 18.54 8.99
N THR C 289 20.72 17.49 8.19
CA THR C 289 21.13 17.51 6.78
C THR C 289 19.85 17.68 5.96
N SER C 290 19.31 18.90 5.95
CA SER C 290 18.00 19.13 5.38
C SER C 290 18.06 19.12 3.86
N GLN C 291 16.89 19.17 3.23
CA GLN C 291 16.75 19.17 1.79
C GLN C 291 16.75 20.61 1.29
N GLY C 292 17.74 20.94 0.46
CA GLY C 292 17.94 22.31 0.05
C GLY C 292 16.85 22.78 -0.89
N LYS C 293 15.96 23.62 -0.39
CA LYS C 293 14.78 24.01 -1.13
C LYS C 293 14.59 25.50 -1.05
N ALA C 294 13.61 25.99 -1.81
CA ALA C 294 13.10 27.33 -1.60
C ALA C 294 12.38 27.33 -0.26
N TYR C 295 12.74 28.31 0.59
CA TYR C 295 12.34 28.48 1.99
C TYR C 295 12.78 27.37 2.91
N ARG C 296 13.49 26.35 2.41
CA ARG C 296 14.20 25.33 3.19
C ARG C 296 13.31 24.62 4.21
N GLN C 297 12.13 24.20 3.77
CA GLN C 297 11.18 23.58 4.68
C GLN C 297 11.29 22.06 4.60
N PRO C 298 11.57 21.37 5.71
CA PRO C 298 11.38 19.93 5.73
C PRO C 298 9.94 19.60 6.11
N LYS C 299 9.39 18.61 5.40
CA LYS C 299 7.97 18.30 5.57
C LYS C 299 7.71 17.55 6.86
N GLN C 300 8.73 16.90 7.41
CA GLN C 300 8.56 16.18 8.67
C GLN C 300 8.36 17.14 9.82
N LYS C 301 9.38 17.92 10.14
CA LYS C 301 9.43 18.66 11.38
C LYS C 301 8.56 19.91 11.34
N LEU C 302 8.02 20.26 10.18
CA LEU C 302 7.19 21.45 9.95
C LEU C 302 7.92 22.72 10.33
N ASP C 303 9.23 22.72 10.16
CA ASP C 303 10.06 23.85 10.49
C ASP C 303 10.38 24.64 9.24
N PHE C 304 10.75 25.89 9.45
CA PHE C 304 11.19 26.75 8.36
C PHE C 304 12.54 27.29 8.75
N TYR C 305 13.58 26.48 8.49
CA TYR C 305 14.92 27.02 8.35
C TYR C 305 14.87 28.03 7.22
N THR C 306 15.64 29.11 7.35
CA THR C 306 15.59 30.26 6.43
C THR C 306 14.17 30.81 6.32
N LEU C 307 13.70 31.34 7.44
CA LEU C 307 12.42 32.02 7.47
C LEU C 307 12.55 33.36 6.74
N LEU C 308 11.40 34.03 6.56
CA LEU C 308 11.36 35.39 6.03
C LEU C 308 12.22 36.36 6.83
N ASP C 309 12.26 36.17 8.16
CA ASP C 309 12.94 37.14 9.00
C ASP C 309 14.45 37.06 8.83
N ASN C 310 14.97 35.88 8.57
CA ASN C 310 16.34 35.78 8.10
C ASN C 310 16.40 36.20 6.64
N TRP C 311 17.57 36.65 6.23
CA TRP C 311 17.79 37.03 4.84
C TRP C 311 18.37 35.88 4.03
N VAL C 312 18.00 34.65 4.37
CA VAL C 312 18.57 33.46 3.77
C VAL C 312 17.55 32.78 2.82
N LEU C 313 16.65 33.58 2.26
CA LEU C 313 15.61 33.08 1.37
C LEU C 313 16.15 32.86 -0.04
N ARG C 314 15.69 31.77 -0.68
CA ARG C 314 16.00 31.59 -2.09
C ARG C 314 15.26 32.61 -2.95
N ASP C 315 14.13 33.12 -2.46
CA ASP C 315 13.51 34.25 -3.12
C ASP C 315 14.10 35.59 -2.67
N GLU C 316 15.27 35.58 -2.02
CA GLU C 316 16.01 36.81 -1.76
C GLU C 316 17.47 36.73 -2.15
N ALA C 317 17.98 35.54 -2.38
CA ALA C 317 19.34 35.37 -2.87
C ALA C 317 19.61 35.94 -4.26
N PRO C 318 18.63 36.08 -5.20
CA PRO C 318 18.89 36.91 -6.37
C PRO C 318 18.41 38.34 -6.20
N ALA C 319 17.53 38.58 -5.23
CA ALA C 319 17.21 39.96 -4.88
C ALA C 319 18.38 40.63 -4.19
N VAL C 320 19.28 39.83 -3.61
CA VAL C 320 20.56 40.31 -3.16
C VAL C 320 21.65 40.09 -4.19
N GLU C 321 21.74 38.90 -4.78
CA GLU C 321 22.91 38.62 -5.60
C GLU C 321 22.80 39.24 -6.97
N GLN C 322 21.58 39.33 -7.53
CA GLN C 322 21.40 39.91 -8.86
C GLN C 322 21.69 41.39 -8.92
N GLN C 323 21.79 42.08 -7.79
CA GLN C 323 22.20 43.48 -7.80
C GLN C 323 23.37 43.78 -6.90
N HIS C 324 23.80 42.83 -6.07
CA HIS C 324 24.67 43.14 -4.95
C HIS C 324 25.81 42.16 -4.73
N TYR C 325 25.76 40.96 -5.33
CA TYR C 325 26.90 40.07 -5.54
C TYR C 325 27.51 39.52 -4.26
N VAL C 326 26.79 39.52 -3.14
CA VAL C 326 27.35 39.09 -1.86
C VAL C 326 26.48 37.98 -1.31
N ILE C 327 26.95 36.73 -1.39
CA ILE C 327 26.36 35.65 -0.62
C ILE C 327 27.46 34.95 0.18
N ALA C 328 28.60 34.72 -0.49
CA ALA C 328 29.84 34.19 0.10
C ALA C 328 29.65 32.79 0.68
N ASN C 329 29.51 31.84 -0.25
CA ASN C 329 29.62 30.38 -0.08
C ASN C 329 28.41 29.76 0.59
N LEU C 330 27.41 30.56 0.94
CA LEU C 330 26.03 30.11 1.00
C LEU C 330 25.40 30.14 -0.38
N ILE C 331 26.19 30.54 -1.39
CA ILE C 331 25.85 30.43 -2.81
C ILE C 331 25.41 29.03 -3.16
N ARG C 332 26.07 28.03 -2.55
CA ARG C 332 25.89 26.63 -2.92
C ARG C 332 24.48 26.15 -2.63
N GLY C 333 23.94 26.49 -1.47
CA GLY C 333 22.54 26.32 -1.15
C GLY C 333 21.63 27.42 -1.64
N GLY C 334 22.12 28.24 -2.57
CA GLY C 334 21.31 29.23 -3.25
C GLY C 334 21.36 28.94 -4.74
N VAL C 335 22.27 28.06 -5.11
CA VAL C 335 22.35 27.58 -6.50
C VAL C 335 21.67 26.22 -6.65
N PHE C 336 21.91 25.29 -5.72
CA PHE C 336 21.14 24.05 -5.71
C PHE C 336 19.66 24.27 -5.39
N GLY C 337 19.28 25.47 -4.98
CA GLY C 337 17.91 25.88 -5.16
C GLY C 337 17.53 26.01 -6.63
N GLU C 338 18.50 26.22 -7.51
CA GLU C 338 18.22 26.25 -8.93
C GLU C 338 18.73 25.05 -9.68
N ALA C 339 19.24 24.04 -8.99
CA ALA C 339 19.39 22.72 -9.60
C ALA C 339 18.10 21.92 -9.48
N GLU C 340 17.00 22.57 -9.14
CA GLU C 340 15.66 22.02 -9.20
C GLU C 340 14.73 22.95 -9.96
N GLU D 15 -10.47 53.65 -52.62
CA GLU D 15 -10.72 52.46 -53.42
C GLU D 15 -10.07 51.25 -52.77
N ARG D 16 -10.76 50.11 -52.88
CA ARG D 16 -10.34 48.82 -52.32
C ARG D 16 -10.07 48.92 -50.82
N LYS D 17 -11.13 49.22 -50.08
CA LYS D 17 -11.02 49.34 -48.63
C LYS D 17 -10.80 47.96 -48.01
N LEU D 18 -10.38 47.98 -46.75
CA LEU D 18 -10.07 46.74 -46.04
C LEU D 18 -11.34 45.97 -45.72
N ASP D 19 -11.18 44.68 -45.46
CA ASP D 19 -12.31 43.81 -45.25
C ASP D 19 -12.87 44.01 -43.84
N PRO D 20 -14.19 44.05 -43.67
CA PRO D 20 -14.76 43.89 -42.33
C PRO D 20 -14.79 42.45 -41.87
N SER D 21 -14.42 41.51 -42.73
CA SER D 21 -14.47 40.09 -42.41
C SER D 21 -13.46 39.37 -43.28
N ASP D 22 -12.38 38.89 -42.69
CA ASP D 22 -11.36 38.13 -43.40
C ASP D 22 -11.17 36.79 -42.71
N ALA D 23 -10.75 35.80 -43.49
CA ALA D 23 -10.42 34.48 -42.97
C ALA D 23 -9.50 33.79 -43.96
N LEU D 24 -8.52 33.07 -43.44
CA LEU D 24 -7.62 32.30 -44.28
C LEU D 24 -7.37 30.93 -43.66
N MET D 25 -7.49 29.89 -44.47
CA MET D 25 -7.42 28.51 -44.00
C MET D 25 -6.01 28.11 -43.63
N SER D 26 -5.88 27.33 -42.55
CA SER D 26 -4.57 26.97 -42.01
C SER D 26 -3.96 25.86 -42.86
N ALA D 27 -3.38 26.25 -43.98
CA ALA D 27 -2.67 25.32 -44.83
C ALA D 27 -1.37 24.89 -44.17
N GLY D 28 -0.93 23.68 -44.48
CA GLY D 28 0.22 23.13 -43.82
C GLY D 28 -0.06 22.83 -42.35
N ALA D 29 -1.25 22.31 -42.07
CA ALA D 29 -1.61 21.97 -40.70
C ALA D 29 -0.95 20.66 -40.27
N TRP D 30 -1.25 20.25 -39.05
CA TRP D 30 -0.50 19.19 -38.41
C TRP D 30 -1.42 18.19 -37.72
N ALA D 31 -0.85 17.05 -37.35
CA ALA D 31 -1.55 15.95 -36.69
C ALA D 31 -1.11 15.84 -35.24
N GLN D 32 -1.60 14.80 -34.56
CA GLN D 32 -1.28 14.56 -33.17
C GLN D 32 -0.06 13.66 -33.03
N ARG D 33 0.36 13.47 -31.79
CA ARG D 33 1.59 12.77 -31.49
C ARG D 33 1.29 11.42 -30.85
N ASP D 34 2.23 10.50 -30.98
CA ASP D 34 2.02 9.13 -30.57
C ASP D 34 3.17 8.70 -29.68
N ALA D 35 3.08 9.02 -28.40
CA ALA D 35 4.12 8.61 -27.47
C ALA D 35 4.02 7.11 -27.23
N SER D 36 5.04 6.38 -27.67
CA SER D 36 5.08 4.95 -27.53
C SER D 36 6.55 4.56 -27.51
N GLN D 37 6.90 3.55 -26.73
CA GLN D 37 8.28 3.40 -26.29
C GLN D 37 8.92 2.10 -26.74
N GLU D 38 10.20 2.21 -27.09
CA GLU D 38 10.94 1.28 -27.93
C GLU D 38 12.38 1.28 -27.44
N TRP D 39 13.25 0.47 -28.04
CA TRP D 39 14.65 0.51 -27.64
C TRP D 39 15.53 0.80 -28.86
N PRO D 40 16.60 1.58 -28.69
CA PRO D 40 17.48 1.85 -29.83
C PRO D 40 18.27 0.61 -30.20
N ALA D 41 18.59 0.51 -31.50
CA ALA D 41 18.97 -0.66 -32.27
C ALA D 41 17.86 -1.70 -32.36
N VAL D 42 16.66 -1.41 -31.84
CA VAL D 42 15.44 -2.12 -32.19
C VAL D 42 14.61 -1.00 -32.81
N THR D 43 15.31 0.00 -33.33
CA THR D 43 14.74 1.24 -33.84
C THR D 43 13.86 1.00 -35.06
N VAL D 44 14.32 0.17 -35.99
CA VAL D 44 13.66 0.01 -37.28
C VAL D 44 12.35 -0.76 -37.15
N ARG D 45 12.15 -1.47 -36.05
CA ARG D 45 11.03 -2.41 -35.90
C ARG D 45 9.81 -1.76 -35.27
N GLU D 46 9.56 -0.50 -35.61
CA GLU D 46 8.41 0.22 -35.08
C GLU D 46 7.15 -0.33 -35.76
N LYS D 47 6.61 -1.38 -35.17
CA LYS D 47 5.25 -1.80 -35.48
C LYS D 47 4.38 -1.87 -34.23
N SER D 48 4.81 -2.63 -33.23
CA SER D 48 4.05 -2.89 -32.02
C SER D 48 4.65 -2.17 -30.83
N VAL D 49 5.08 -0.94 -31.06
CA VAL D 49 5.75 -0.15 -30.04
C VAL D 49 4.72 0.29 -29.02
N ARG D 50 4.90 -0.17 -27.77
CA ARG D 50 3.85 -0.09 -26.77
C ARG D 50 3.64 1.34 -26.32
N GLY D 51 2.39 1.77 -26.34
CA GLY D 51 2.07 3.15 -26.01
C GLY D 51 1.96 3.39 -24.51
N THR D 52 2.09 4.65 -24.12
CA THR D 52 2.27 5.04 -22.73
C THR D 52 1.03 5.76 -22.24
N ILE D 53 0.66 5.52 -20.98
CA ILE D 53 -0.53 6.11 -20.40
C ILE D 53 -0.14 6.91 -19.18
N SER D 54 -0.77 8.08 -19.03
CA SER D 54 -0.54 9.01 -17.94
C SER D 54 -1.06 8.41 -16.66
N ASN D 55 -0.18 7.68 -15.97
CA ASN D 55 -0.37 7.23 -14.62
C ASN D 55 -0.56 8.42 -13.68
N ARG D 56 -1.20 8.18 -12.54
CA ARG D 56 -1.46 9.20 -11.52
C ARG D 56 -0.57 8.92 -10.32
N LEU D 57 0.35 9.82 -10.05
CA LEU D 57 0.99 9.74 -8.74
C LEU D 57 0.39 10.77 -7.82
N LYS D 58 0.81 10.70 -6.55
CA LYS D 58 0.04 11.26 -5.45
C LYS D 58 1.01 11.91 -4.50
N THR D 59 1.21 13.22 -4.64
CA THR D 59 2.39 13.87 -4.09
C THR D 59 2.08 14.64 -2.84
N LYS D 60 3.13 14.88 -2.07
CA LYS D 60 3.16 15.88 -1.03
C LYS D 60 4.18 16.92 -1.43
N ASP D 61 4.29 17.99 -0.64
CA ASP D 61 5.08 19.10 -1.13
C ASP D 61 5.61 19.98 0.00
N ARG D 62 6.31 21.02 -0.38
CA ARG D 62 6.61 22.17 0.45
C ARG D 62 6.11 23.38 -0.31
N ASP D 63 6.47 24.58 0.15
CA ASP D 63 6.02 25.81 -0.48
C ASP D 63 7.19 26.63 -1.02
N PRO D 64 7.47 26.53 -2.32
CA PRO D 64 8.51 27.35 -2.95
C PRO D 64 8.02 28.66 -3.56
N ALA D 65 6.84 29.13 -3.23
CA ALA D 65 6.30 30.31 -3.86
C ALA D 65 6.58 31.54 -3.03
N LYS D 66 6.85 32.65 -3.72
CA LYS D 66 6.95 33.93 -3.04
C LYS D 66 5.62 34.32 -2.45
N LEU D 67 5.70 35.27 -1.52
CA LEU D 67 4.52 35.88 -0.94
C LEU D 67 4.53 37.37 -1.18
N ASP D 68 3.33 37.92 -1.36
CA ASP D 68 3.14 39.35 -1.15
C ASP D 68 3.63 39.71 0.24
N ALA D 69 4.50 40.69 0.31
CA ALA D 69 5.19 40.99 1.55
C ALA D 69 4.84 42.39 2.05
N SER D 70 3.64 42.87 1.73
CA SER D 70 3.32 44.26 2.03
C SER D 70 2.85 44.42 3.47
N ILE D 71 1.65 43.93 3.78
CA ILE D 71 1.10 44.03 5.12
C ILE D 71 0.39 42.72 5.42
N GLN D 72 1.08 41.83 6.12
CA GLN D 72 0.57 40.51 6.42
C GLN D 72 0.92 40.22 7.86
N SER D 73 0.05 39.45 8.51
CA SER D 73 0.51 39.04 9.83
C SER D 73 1.56 37.98 9.68
N PRO D 74 2.62 38.05 10.48
CA PRO D 74 3.71 37.09 10.34
C PRO D 74 3.30 35.67 10.67
N ASN D 75 2.31 35.49 11.53
CA ASN D 75 1.86 34.16 11.89
C ASN D 75 1.16 33.46 10.75
N LEU D 76 0.75 34.18 9.71
CA LEU D 76 0.36 33.54 8.47
C LEU D 76 1.51 32.72 7.91
N GLN D 77 2.58 33.41 7.51
CA GLN D 77 3.60 32.82 6.66
C GLN D 77 4.40 31.76 7.40
N THR D 78 4.56 31.94 8.71
CA THR D 78 5.26 30.97 9.53
C THR D 78 4.53 29.64 9.58
N VAL D 79 3.21 29.69 9.42
CA VAL D 79 2.48 28.44 9.37
C VAL D 79 2.26 28.04 7.91
N ASP D 80 2.41 28.99 6.98
CA ASP D 80 2.25 28.71 5.57
C ASP D 80 3.35 27.81 5.06
N VAL D 81 4.60 28.19 5.32
CA VAL D 81 5.74 27.45 4.80
C VAL D 81 5.84 26.07 5.42
N ALA D 82 5.30 25.91 6.63
CA ALA D 82 5.61 24.77 7.47
C ALA D 82 5.04 23.46 6.94
N ASN D 83 3.86 23.52 6.34
CA ASN D 83 2.95 22.38 6.28
C ASN D 83 3.12 21.56 5.00
N LEU D 84 2.16 20.69 4.74
CA LEU D 84 2.11 19.98 3.47
C LEU D 84 1.01 20.53 2.58
N PRO D 85 1.34 20.99 1.39
CA PRO D 85 0.41 21.08 0.25
C PRO D 85 0.39 19.85 -0.64
N SER D 86 -0.36 18.84 -0.24
CA SER D 86 -0.18 17.51 -0.80
C SER D 86 -1.25 17.16 -1.82
N ASP D 87 -1.01 17.49 -3.09
CA ASP D 87 -1.96 17.17 -4.14
C ASP D 87 -1.43 16.04 -5.00
N ALA D 88 -2.36 15.30 -5.61
CA ALA D 88 -2.03 14.16 -6.47
C ALA D 88 -1.78 14.62 -7.89
N ASP D 89 -0.74 14.09 -8.52
CA ASP D 89 -0.30 14.57 -9.82
C ASP D 89 -0.22 13.44 -10.81
N THR D 90 -1.01 13.55 -11.87
CA THR D 90 -1.00 12.60 -12.97
C THR D 90 0.36 12.67 -13.65
N LEU D 91 1.21 11.68 -13.40
CA LEU D 91 2.58 11.73 -13.91
C LEU D 91 2.74 10.70 -14.99
N LYS D 92 2.93 11.16 -16.21
CA LYS D 92 3.35 10.28 -17.28
C LYS D 92 4.78 9.85 -17.03
N VAL D 93 5.04 8.56 -17.16
CA VAL D 93 6.30 7.92 -16.85
C VAL D 93 6.68 7.10 -18.06
N ARG D 94 7.98 6.96 -18.35
CA ARG D 94 8.36 6.00 -19.36
C ARG D 94 8.14 4.57 -18.88
N PHE D 95 8.30 3.63 -19.79
CA PHE D 95 8.23 2.24 -19.40
C PHE D 95 9.58 1.78 -18.87
N THR D 96 9.66 0.50 -18.53
CA THR D 96 10.72 0.02 -17.67
C THR D 96 12.04 -0.16 -18.43
N LEU D 97 11.99 -0.79 -19.60
CA LEU D 97 13.22 -1.13 -20.31
C LEU D 97 13.30 -0.50 -21.69
N ARG D 98 12.29 0.28 -22.08
CA ARG D 98 12.25 0.90 -23.39
C ARG D 98 12.91 2.26 -23.31
N VAL D 99 13.92 2.47 -24.14
CA VAL D 99 14.76 3.66 -24.07
C VAL D 99 14.42 4.66 -25.17
N LEU D 100 14.07 4.18 -26.36
CA LEU D 100 13.55 5.09 -27.37
C LEU D 100 12.20 5.64 -26.97
N GLY D 101 11.91 6.83 -27.47
CA GLY D 101 10.56 7.32 -27.49
C GLY D 101 9.84 6.86 -28.72
N GLY D 102 9.02 7.75 -29.27
CA GLY D 102 8.30 7.44 -30.47
C GLY D 102 7.43 8.62 -30.82
N ALA D 103 7.35 8.96 -32.09
CA ALA D 103 6.53 10.10 -32.48
C ALA D 103 6.00 9.85 -33.89
N GLY D 104 4.78 9.37 -33.98
CA GLY D 104 4.09 9.31 -35.25
C GLY D 104 3.27 10.56 -35.44
N THR D 105 3.80 11.54 -36.15
CA THR D 105 3.09 12.80 -36.39
C THR D 105 2.95 13.03 -37.88
N PRO D 106 1.86 12.61 -38.47
CA PRO D 106 1.65 12.84 -39.92
C PRO D 106 0.98 14.16 -40.28
N SER D 107 1.78 15.22 -40.31
CA SER D 107 1.28 16.52 -40.76
C SER D 107 1.10 16.49 -42.26
N ALA D 108 0.11 17.21 -42.76
CA ALA D 108 -0.16 17.27 -44.18
C ALA D 108 -0.23 18.71 -44.63
N CYS D 109 0.27 18.97 -45.82
CA CYS D 109 0.32 20.31 -46.36
C CYS D 109 -0.90 20.56 -47.23
N ASN D 110 -1.49 21.74 -47.10
CA ASN D 110 -2.55 22.09 -48.02
C ASN D 110 -2.06 23.12 -49.02
N ASP D 111 -2.70 23.13 -50.18
CA ASP D 111 -2.25 23.92 -51.33
C ASP D 111 -2.79 25.34 -51.19
N ALA D 112 -2.56 26.16 -52.23
CA ALA D 112 -3.29 27.39 -52.52
C ALA D 112 -3.24 28.38 -51.35
N ALA D 113 -2.05 28.94 -51.17
CA ALA D 113 -1.63 29.51 -49.90
C ALA D 113 -2.48 30.69 -49.45
N TYR D 114 -3.00 31.48 -50.39
CA TYR D 114 -3.83 32.62 -50.04
C TYR D 114 -5.28 32.45 -50.45
N ARG D 115 -5.67 31.24 -50.87
CA ARG D 115 -7.05 30.98 -51.25
C ARG D 115 -7.94 31.09 -50.01
N ASP D 116 -8.71 32.17 -49.94
CA ASP D 116 -9.40 32.52 -48.72
C ASP D 116 -10.56 31.58 -48.43
N LYS D 117 -11.19 31.82 -47.28
CA LYS D 117 -12.49 31.25 -46.98
C LYS D 117 -13.59 32.28 -47.07
N LEU D 118 -13.31 33.54 -46.74
CA LEU D 118 -14.32 34.58 -46.77
C LEU D 118 -13.84 35.71 -47.67
N LEU D 119 -14.80 36.44 -48.23
CA LEU D 119 -14.52 37.48 -49.21
C LEU D 119 -15.46 38.64 -48.93
N GLN D 120 -15.03 39.59 -48.07
CA GLN D 120 -15.84 40.78 -47.88
C GLN D 120 -15.82 41.66 -49.12
N THR D 121 -14.75 41.63 -49.90
CA THR D 121 -14.70 42.23 -51.22
C THR D 121 -13.92 41.28 -52.10
N VAL D 122 -14.56 40.81 -53.18
CA VAL D 122 -13.93 39.85 -54.07
C VAL D 122 -12.77 40.49 -54.81
N ALA D 123 -12.82 41.81 -55.03
CA ALA D 123 -11.71 42.51 -55.64
C ALA D 123 -10.49 42.51 -54.74
N THR D 124 -10.70 42.62 -53.43
CA THR D 124 -9.60 42.48 -52.48
C THR D 124 -9.02 41.08 -52.51
N TYR D 125 -9.89 40.07 -52.68
CA TYR D 125 -9.46 38.69 -52.83
C TYR D 125 -8.62 38.50 -54.09
N VAL D 126 -9.00 39.16 -55.19
CA VAL D 126 -8.25 39.08 -56.44
C VAL D 126 -6.90 39.75 -56.28
N ASN D 127 -6.88 40.87 -55.54
CA ASN D 127 -5.61 41.53 -55.22
C ASN D 127 -4.69 40.58 -54.48
N ASP D 128 -5.19 40.00 -53.39
CA ASP D 128 -4.38 39.14 -52.53
C ASP D 128 -3.93 37.87 -53.24
N GLN D 129 -4.74 37.38 -54.18
CA GLN D 129 -4.29 36.28 -55.01
C GLN D 129 -3.20 36.75 -55.96
N GLY D 130 -3.29 37.99 -56.43
CA GLY D 130 -2.19 38.56 -57.20
C GLY D 130 -0.92 38.66 -56.38
N PHE D 131 -1.05 39.05 -55.12
CA PHE D 131 0.08 39.02 -54.21
C PHE D 131 0.59 37.62 -53.95
N ALA D 132 -0.30 36.62 -53.96
CA ALA D 132 0.14 35.24 -53.80
C ALA D 132 0.95 34.80 -55.01
N GLU D 133 0.57 35.27 -56.19
CA GLU D 133 1.40 35.03 -57.36
C GLU D 133 2.68 35.83 -57.32
N LEU D 134 2.69 36.95 -56.60
CA LEU D 134 3.92 37.71 -56.45
C LEU D 134 4.91 36.99 -55.54
N ALA D 135 4.48 36.68 -54.33
CA ALA D 135 5.36 36.01 -53.40
C ALA D 135 5.46 34.51 -53.64
N ARG D 136 4.78 34.00 -54.66
CA ARG D 136 4.85 32.60 -55.03
C ARG D 136 5.57 32.36 -56.34
N ARG D 137 5.21 33.10 -57.39
CA ARG D 137 5.90 33.04 -58.66
C ARG D 137 7.14 33.95 -58.65
N TYR D 138 6.99 35.16 -58.14
CA TYR D 138 8.14 36.06 -58.03
C TYR D 138 9.08 35.60 -56.94
N ALA D 139 8.63 35.59 -55.69
CA ALA D 139 9.45 35.09 -54.60
C ALA D 139 9.25 33.58 -54.50
N HIS D 140 10.32 32.87 -54.17
CA HIS D 140 10.29 31.41 -54.15
C HIS D 140 10.20 30.94 -52.71
N ASN D 141 9.95 29.64 -52.53
CA ASN D 141 9.86 29.03 -51.22
C ASN D 141 10.92 27.96 -50.98
N LEU D 142 12.10 28.11 -51.59
CA LEU D 142 13.24 27.28 -51.21
C LEU D 142 13.61 27.50 -49.76
N ALA D 143 13.97 28.73 -49.41
CA ALA D 143 14.39 29.01 -48.05
C ALA D 143 13.23 29.10 -47.09
N ASN D 144 12.00 29.30 -47.57
CA ASN D 144 10.84 29.22 -46.70
C ASN D 144 10.65 27.79 -46.21
N ALA D 145 10.65 26.84 -47.13
CA ALA D 145 10.61 25.44 -46.74
C ALA D 145 11.89 24.98 -46.06
N ARG D 146 13.00 25.68 -46.28
CA ARG D 146 14.20 25.40 -45.52
C ARG D 146 14.13 25.98 -44.13
N PHE D 147 13.27 26.97 -43.89
CA PHE D 147 12.88 27.24 -42.51
C PHE D 147 12.03 26.10 -41.97
N LEU D 148 11.04 25.65 -42.75
CA LEU D 148 10.15 24.61 -42.23
C LEU D 148 10.79 23.23 -42.14
N TRP D 149 11.99 23.05 -42.66
CA TRP D 149 12.72 21.82 -42.44
C TRP D 149 13.99 22.07 -41.63
N ARG D 150 14.89 22.89 -42.16
CA ARG D 150 16.19 23.17 -41.55
C ARG D 150 16.09 23.86 -40.20
N ASN D 151 14.92 24.40 -39.87
CA ASN D 151 14.64 24.86 -38.52
C ASN D 151 13.40 24.18 -37.94
N ARG D 152 13.07 22.99 -38.44
CA ARG D 152 12.14 22.10 -37.80
C ARG D 152 12.54 20.63 -37.83
N VAL D 153 13.47 20.22 -38.69
CA VAL D 153 13.99 18.85 -38.60
C VAL D 153 14.84 18.71 -37.34
N GLY D 154 15.60 19.75 -37.02
CA GLY D 154 16.09 19.95 -35.67
C GLY D 154 14.85 20.01 -34.82
N ALA D 155 14.61 18.92 -34.10
CA ALA D 155 13.28 18.62 -33.60
C ALA D 155 12.91 19.51 -32.44
N GLU D 156 12.65 20.79 -32.74
CA GLU D 156 11.80 21.57 -31.87
C GLU D 156 10.41 20.98 -31.78
N ALA D 157 10.01 20.20 -32.79
CA ALA D 157 8.97 19.19 -32.73
C ALA D 157 8.78 18.55 -31.37
N VAL D 158 9.78 17.82 -30.90
CA VAL D 158 9.66 17.13 -29.63
C VAL D 158 10.12 18.13 -28.57
N GLU D 159 9.20 18.96 -28.08
CA GLU D 159 9.58 20.24 -27.47
C GLU D 159 10.37 20.09 -26.19
N VAL D 160 9.73 19.61 -25.14
CA VAL D 160 10.37 19.67 -23.83
C VAL D 160 11.28 18.45 -23.65
N ARG D 161 11.08 17.43 -24.46
CA ARG D 161 11.87 16.23 -24.35
C ARG D 161 13.20 16.35 -25.07
N ILE D 162 13.43 17.46 -25.80
CA ILE D 162 14.67 17.65 -26.55
C ILE D 162 15.87 17.84 -25.61
N ASN D 163 15.63 18.13 -24.34
CA ASN D 163 16.72 18.40 -23.41
C ASN D 163 17.49 17.12 -23.13
N HIS D 164 18.71 17.08 -23.66
CA HIS D 164 19.67 15.99 -23.51
C HIS D 164 19.09 14.67 -24.00
N ILE D 165 18.82 14.66 -25.28
CA ILE D 165 18.53 13.42 -25.98
C ILE D 165 19.82 12.64 -26.07
N ARG D 166 19.74 11.32 -25.97
CA ARG D 166 20.89 10.51 -26.33
C ARG D 166 21.16 10.57 -27.82
N GLN D 167 20.13 10.33 -28.65
CA GLN D 167 20.27 10.45 -30.09
C GLN D 167 18.89 10.68 -30.69
N GLY D 168 18.62 11.89 -31.14
CA GLY D 168 17.32 12.21 -31.69
C GLY D 168 17.22 11.89 -33.16
N GLU D 169 16.69 10.70 -33.47
CA GLU D 169 16.57 10.24 -34.85
C GLU D 169 15.25 10.71 -35.44
N VAL D 170 15.33 11.36 -36.59
CA VAL D 170 14.18 11.96 -37.24
C VAL D 170 14.06 11.32 -38.62
N ALA D 171 13.04 10.49 -38.80
CA ALA D 171 12.81 9.82 -40.07
C ALA D 171 11.49 10.33 -40.65
N ARG D 172 11.56 11.44 -41.36
CA ARG D 172 10.38 12.10 -41.93
C ARG D 172 9.98 11.34 -43.18
N ALA D 173 9.13 10.34 -43.01
CA ALA D 173 8.72 9.51 -44.13
C ALA D 173 7.49 10.10 -44.81
N TRP D 174 7.22 9.60 -46.01
CA TRP D 174 6.08 10.06 -46.79
C TRP D 174 5.59 8.96 -47.72
N ARG D 175 4.27 8.91 -47.89
CA ARG D 175 3.61 7.92 -48.71
C ARG D 175 2.71 8.58 -49.75
N PHE D 176 2.69 8.01 -50.97
CA PHE D 176 1.60 8.27 -51.91
C PHE D 176 0.27 7.88 -51.29
N ASP D 177 0.24 6.69 -50.71
CA ASP D 177 -0.93 5.86 -50.48
C ASP D 177 -0.61 5.10 -49.21
N ALA D 178 -1.11 3.87 -49.09
CA ALA D 178 -0.44 2.94 -48.18
C ALA D 178 1.04 2.78 -48.50
N LEU D 179 1.39 2.82 -49.79
CA LEU D 179 2.78 2.69 -50.23
C LEU D 179 3.60 3.94 -49.88
N ALA D 180 4.69 3.73 -49.15
CA ALA D 180 5.56 4.80 -48.70
C ALA D 180 6.75 4.92 -49.64
N ILE D 181 6.96 6.12 -50.17
CA ILE D 181 8.05 6.38 -51.11
C ILE D 181 8.93 7.53 -50.64
N GLY D 182 8.32 8.64 -50.20
CA GLY D 182 9.08 9.72 -49.63
C GLY D 182 9.76 9.27 -48.35
N LEU D 183 11.09 9.10 -48.42
CA LEU D 183 11.83 8.47 -47.34
C LEU D 183 13.17 9.16 -47.18
N ARG D 184 13.47 9.61 -45.96
CA ARG D 184 14.74 10.25 -45.64
C ARG D 184 14.97 10.20 -44.14
N ASP D 185 16.25 10.14 -43.77
CA ASP D 185 16.71 9.92 -42.41
C ASP D 185 17.52 11.13 -41.93
N PHE D 186 17.49 11.39 -40.63
CA PHE D 186 18.17 12.56 -40.08
C PHE D 186 18.73 12.26 -38.70
N LYS D 187 19.30 13.30 -38.10
CA LYS D 187 19.74 13.28 -36.70
C LYS D 187 19.60 14.72 -36.21
N ALA D 188 18.54 14.98 -35.45
CA ALA D 188 18.25 16.34 -35.01
C ALA D 188 19.29 16.86 -34.04
N ASP D 189 19.94 15.97 -33.30
CA ASP D 189 21.06 16.36 -32.46
C ASP D 189 22.27 16.78 -33.28
N ALA D 190 22.39 16.29 -34.52
CA ALA D 190 23.42 16.73 -35.43
C ALA D 190 23.05 18.01 -36.18
N GLU D 191 22.12 18.79 -35.64
CA GLU D 191 21.64 20.01 -36.27
C GLU D 191 21.54 21.11 -35.24
N LEU D 192 21.68 22.35 -35.71
CA LEU D 192 21.58 23.52 -34.86
C LEU D 192 20.12 23.81 -34.53
N ASP D 193 19.92 24.57 -33.46
CA ASP D 193 18.58 25.04 -33.10
C ASP D 193 18.54 26.55 -32.90
N ALA D 194 19.56 27.27 -33.36
CA ALA D 194 19.49 28.70 -33.50
C ALA D 194 19.76 29.17 -34.92
N LEU D 195 20.30 28.32 -35.79
CA LEU D 195 20.59 28.67 -37.17
C LEU D 195 20.22 27.51 -38.08
N ALA D 196 20.16 27.80 -39.37
CA ALA D 196 19.90 26.81 -40.41
C ALA D 196 21.14 26.67 -41.26
N GLU D 197 21.52 25.43 -41.57
CA GLU D 197 22.69 25.17 -42.39
C GLU D 197 22.32 24.42 -43.66
N LEU D 198 23.20 24.51 -44.64
CA LEU D 198 23.00 23.92 -45.96
C LEU D 198 23.19 22.41 -45.87
N ILE D 199 22.13 21.65 -46.12
CA ILE D 199 22.17 20.19 -46.09
C ILE D 199 21.39 19.68 -47.31
N ALA D 200 21.98 18.71 -48.03
CA ALA D 200 21.40 18.23 -49.27
C ALA D 200 20.08 17.48 -49.04
N SER D 201 20.05 16.55 -48.09
CA SER D 201 18.83 15.82 -47.82
C SER D 201 17.78 16.71 -47.14
N GLY D 202 18.23 17.71 -46.37
CA GLY D 202 17.31 18.72 -45.90
C GLY D 202 16.70 19.50 -47.05
N LEU D 203 17.44 19.66 -48.15
CA LEU D 203 16.85 20.20 -49.35
C LEU D 203 16.01 19.19 -50.11
N SER D 204 16.21 17.89 -49.87
CA SER D 204 15.29 16.93 -50.47
C SER D 204 13.92 17.02 -49.80
N GLY D 205 13.91 17.09 -48.47
CA GLY D 205 12.65 17.26 -47.76
C GLY D 205 12.02 18.61 -47.98
N SER D 206 12.84 19.67 -48.01
CA SER D 206 12.25 20.99 -48.19
C SER D 206 11.85 21.23 -49.63
N GLY D 207 12.55 20.64 -50.60
CA GLY D 207 12.06 20.66 -51.97
C GLY D 207 10.85 19.78 -52.14
N HIS D 208 10.69 18.81 -51.26
CA HIS D 208 9.48 18.01 -51.26
C HIS D 208 8.30 18.82 -50.73
N VAL D 209 8.55 19.67 -49.74
CA VAL D 209 7.50 20.57 -49.28
C VAL D 209 7.24 21.67 -50.31
N LEU D 210 8.26 22.03 -51.09
CA LEU D 210 8.04 22.82 -52.30
C LEU D 210 7.12 22.10 -53.27
N LEU D 211 7.26 20.78 -53.37
CA LEU D 211 6.28 20.02 -54.12
C LEU D 211 4.95 19.89 -53.40
N GLU D 212 4.85 20.33 -52.14
CA GLU D 212 3.59 20.27 -51.42
C GLU D 212 2.78 21.55 -51.53
N VAL D 213 3.33 22.67 -51.05
CA VAL D 213 2.52 23.83 -50.63
C VAL D 213 1.90 24.53 -51.83
N VAL D 214 2.54 24.44 -52.99
CA VAL D 214 2.22 25.34 -54.09
C VAL D 214 1.46 24.54 -55.13
N ALA D 215 0.69 23.55 -54.66
CA ALA D 215 -0.25 22.75 -55.47
C ALA D 215 0.47 21.94 -56.54
N PHE D 216 1.21 20.92 -56.10
CA PHE D 216 1.77 19.95 -57.04
C PHE D 216 1.40 18.52 -56.71
N ALA D 217 1.57 18.11 -55.45
CA ALA D 217 1.23 16.75 -55.05
C ALA D 217 0.75 16.76 -53.62
N ARG D 218 -0.26 15.96 -53.35
CA ARG D 218 -0.82 15.87 -52.01
C ARG D 218 0.14 15.10 -51.11
N ILE D 219 0.60 15.76 -50.05
CA ILE D 219 1.68 15.26 -49.23
C ILE D 219 1.29 15.31 -47.76
N GLY D 220 1.14 14.14 -47.15
CA GLY D 220 0.97 14.03 -45.71
C GLY D 220 2.09 13.20 -45.12
N ASP D 221 2.95 13.84 -44.35
CA ASP D 221 4.25 13.27 -43.99
C ASP D 221 4.18 12.46 -42.71
N GLY D 222 3.97 11.16 -42.86
CA GLY D 222 4.00 10.27 -41.72
C GLY D 222 5.39 10.21 -41.14
N GLN D 223 5.58 10.84 -39.99
CA GLN D 223 6.88 11.01 -39.38
C GLN D 223 7.12 9.95 -38.32
N GLU D 224 8.39 9.59 -38.17
CA GLU D 224 8.82 8.68 -37.11
C GLU D 224 10.03 9.31 -36.45
N VAL D 225 9.81 9.98 -35.33
CA VAL D 225 10.86 10.69 -34.61
C VAL D 225 11.13 9.96 -33.31
N PHE D 226 12.40 9.60 -33.09
CA PHE D 226 12.78 8.70 -32.00
C PHE D 226 13.83 9.32 -31.09
N PRO D 227 13.46 9.75 -29.87
CA PRO D 227 14.48 10.10 -28.89
C PRO D 227 14.97 8.88 -28.12
N SER D 228 16.26 8.54 -28.27
CA SER D 228 16.82 7.32 -27.72
C SER D 228 17.32 7.51 -26.31
N GLN D 229 16.66 8.39 -25.55
CA GLN D 229 17.24 9.12 -24.43
C GLN D 229 17.72 8.27 -23.27
N GLU D 230 16.81 7.63 -22.57
CA GLU D 230 17.16 6.97 -21.32
C GLU D 230 16.03 6.03 -20.94
N LEU D 231 16.16 5.42 -19.77
CA LEU D 231 15.14 4.58 -19.17
C LEU D 231 14.05 5.43 -18.54
N ILE D 232 13.40 4.87 -17.52
CA ILE D 232 12.02 5.04 -17.09
C ILE D 232 11.59 6.48 -16.79
N LEU D 233 12.40 7.47 -17.14
CA LEU D 233 12.21 8.90 -16.90
C LEU D 233 10.86 9.50 -17.28
N ASP D 234 10.61 10.69 -16.78
CA ASP D 234 9.33 11.34 -17.04
C ASP D 234 9.38 12.02 -18.41
N LYS D 235 8.36 12.81 -18.71
CA LYS D 235 8.29 13.55 -19.96
C LYS D 235 7.75 14.95 -19.69
N GLY D 236 7.38 15.64 -20.76
CA GLY D 236 6.81 16.96 -20.70
C GLY D 236 5.55 17.03 -21.54
N ASP D 237 4.72 15.99 -21.47
CA ASP D 237 3.64 15.76 -22.40
C ASP D 237 2.53 16.78 -22.23
N LYS D 238 1.63 16.83 -23.21
CA LYS D 238 0.71 17.94 -23.34
C LYS D 238 -0.34 17.93 -22.25
N LYS D 239 -0.74 19.11 -21.81
CA LYS D 239 -1.56 19.26 -20.63
C LYS D 239 -2.96 19.76 -20.96
N GLY D 240 -3.77 19.90 -19.91
CA GLY D 240 -5.10 20.46 -20.02
C GLY D 240 -5.29 21.64 -19.11
N GLN D 241 -6.55 21.87 -18.73
CA GLN D 241 -6.93 23.04 -17.95
C GLN D 241 -7.79 22.62 -16.77
N LYS D 242 -7.99 23.57 -15.87
CA LYS D 242 -8.77 23.39 -14.65
C LYS D 242 -9.86 24.46 -14.54
N SER D 243 -10.42 24.86 -15.67
CA SER D 243 -11.54 25.80 -15.67
C SER D 243 -12.82 24.98 -15.60
N LYS D 244 -13.54 25.13 -14.48
CA LYS D 244 -14.81 24.44 -14.18
C LYS D 244 -14.66 22.92 -14.18
N THR D 245 -13.45 22.43 -13.90
CA THR D 245 -13.19 21.04 -13.58
C THR D 245 -12.46 20.89 -12.25
N LEU D 246 -12.07 21.98 -11.60
CA LEU D 246 -11.34 21.94 -10.35
C LEU D 246 -12.23 21.94 -9.12
N TYR D 247 -13.55 21.88 -9.31
CA TYR D 247 -14.50 21.79 -8.21
C TYR D 247 -14.88 20.35 -7.93
N SER D 248 -15.25 19.60 -8.97
CA SER D 248 -15.57 18.19 -8.83
C SER D 248 -14.33 17.32 -8.65
N VAL D 249 -13.15 17.81 -9.05
CA VAL D 249 -11.90 17.06 -8.89
C VAL D 249 -11.08 17.59 -7.72
N ARG D 250 -10.57 18.82 -7.84
CA ARG D 250 -9.78 19.55 -6.83
C ARG D 250 -8.52 18.82 -6.35
N ASP D 251 -8.18 17.68 -6.96
CA ASP D 251 -7.09 16.84 -6.51
C ASP D 251 -6.01 16.71 -7.56
N ALA D 252 -6.38 16.26 -8.76
CA ALA D 252 -5.53 16.48 -9.91
C ALA D 252 -5.56 17.97 -10.22
N ALA D 253 -4.39 18.52 -10.51
CA ALA D 253 -4.29 19.91 -10.92
C ALA D 253 -3.49 20.08 -12.21
N ALA D 254 -3.15 18.98 -12.88
CA ALA D 254 -2.45 19.04 -14.15
C ALA D 254 -2.95 17.85 -14.96
N ILE D 255 -3.93 18.10 -15.82
CA ILE D 255 -4.58 17.05 -16.58
C ILE D 255 -3.84 16.86 -17.90
N HIS D 256 -3.19 15.73 -18.08
CA HIS D 256 -2.61 15.44 -19.38
C HIS D 256 -3.69 14.96 -20.33
N SER D 257 -3.72 15.55 -21.52
CA SER D 257 -4.70 15.12 -22.51
C SER D 257 -4.26 13.82 -23.15
N GLN D 258 -5.21 12.92 -23.37
CA GLN D 258 -4.93 11.59 -23.87
C GLN D 258 -5.56 11.36 -25.23
N LYS D 259 -4.85 10.61 -26.06
CA LYS D 259 -5.48 9.89 -27.16
C LYS D 259 -6.04 8.60 -26.60
N ILE D 260 -6.41 7.68 -27.47
CA ILE D 260 -7.07 6.46 -27.04
C ILE D 260 -6.05 5.55 -26.36
N GLY D 261 -6.00 5.63 -25.03
CA GLY D 261 -5.03 4.90 -24.26
C GLY D 261 -3.60 5.31 -24.50
N ASN D 262 -3.35 6.60 -24.75
CA ASN D 262 -2.01 7.06 -25.07
C ASN D 262 -1.77 8.47 -24.54
N ALA D 263 -0.60 9.00 -24.84
CA ALA D 263 -0.11 10.27 -24.32
C ALA D 263 0.01 11.26 -25.46
N LEU D 264 -0.86 12.26 -25.48
CA LEU D 264 -0.82 13.27 -26.51
C LEU D 264 0.35 14.21 -26.33
N ARG D 265 0.87 14.68 -27.46
CA ARG D 265 1.39 16.03 -27.56
C ARG D 265 0.54 16.68 -28.64
N THR D 266 -0.33 17.60 -28.21
CA THR D 266 -1.43 18.08 -29.03
C THR D 266 -0.93 18.91 -30.21
N ILE D 267 -1.86 19.24 -31.11
CA ILE D 267 -1.47 19.94 -32.32
C ILE D 267 -1.17 21.39 -32.01
N ASP D 268 -1.71 21.90 -30.92
CA ASP D 268 -1.58 23.32 -30.63
C ASP D 268 -0.19 23.70 -30.17
N THR D 269 0.53 22.81 -29.49
CA THR D 269 1.94 23.12 -29.27
C THR D 269 2.75 22.76 -30.49
N TRP D 270 2.28 21.78 -31.24
CA TRP D 270 3.05 21.21 -32.33
C TRP D 270 3.15 22.13 -33.53
N TYR D 271 2.12 22.92 -33.80
CA TYR D 271 2.16 23.81 -34.96
C TYR D 271 3.13 24.97 -34.75
N PRO D 272 3.33 25.52 -33.55
CA PRO D 272 4.51 26.35 -33.32
C PRO D 272 5.81 25.60 -33.11
N ASP D 273 5.90 24.34 -33.51
CA ASP D 273 7.24 23.84 -33.80
C ASP D 273 7.59 24.08 -35.25
N GLU D 274 6.58 24.13 -36.09
CA GLU D 274 6.76 24.49 -37.48
C GLU D 274 6.10 25.82 -37.77
N ASP D 275 6.07 26.69 -36.77
CA ASP D 275 5.85 28.11 -36.96
C ASP D 275 6.97 28.94 -36.35
N GLY D 276 7.77 28.35 -35.47
CA GLY D 276 8.95 29.05 -34.98
C GLY D 276 10.02 29.12 -36.06
N LEU D 277 9.89 30.10 -36.94
CA LEU D 277 10.87 30.31 -37.99
C LEU D 277 11.54 31.67 -37.87
N GLY D 278 10.75 32.75 -37.79
CA GLY D 278 11.15 34.05 -38.27
C GLY D 278 12.29 34.72 -37.54
N PRO D 279 13.45 34.84 -38.21
CA PRO D 279 14.53 35.72 -37.75
C PRO D 279 14.36 37.09 -38.36
N ILE D 280 13.13 37.55 -38.46
CA ILE D 280 12.80 38.79 -39.14
C ILE D 280 12.11 39.58 -38.04
N ALA D 281 12.42 39.22 -36.81
CA ALA D 281 11.95 39.94 -35.64
C ALA D 281 12.60 41.31 -35.60
N VAL D 282 11.98 42.24 -34.88
CA VAL D 282 12.41 43.62 -34.92
C VAL D 282 13.70 43.80 -34.13
N GLU D 283 13.65 43.51 -32.85
CA GLU D 283 14.80 43.73 -31.98
C GLU D 283 15.95 42.73 -32.13
N PRO D 284 15.78 41.41 -31.93
CA PRO D 284 16.96 40.56 -31.74
C PRO D 284 17.65 40.21 -33.05
N TYR D 285 18.74 39.48 -32.92
CA TYR D 285 19.51 39.06 -34.08
C TYR D 285 19.54 37.54 -34.26
N GLY D 286 20.08 36.81 -33.29
CA GLY D 286 20.20 35.37 -33.39
C GLY D 286 19.80 34.71 -32.09
N SER D 287 19.31 35.53 -31.17
CA SER D 287 18.83 35.03 -29.89
C SER D 287 17.53 34.27 -30.05
N VAL D 288 16.60 34.82 -30.82
CA VAL D 288 15.18 34.47 -30.74
C VAL D 288 14.71 33.97 -32.11
N THR D 289 14.36 32.70 -32.18
CA THR D 289 13.69 32.11 -33.34
C THR D 289 12.21 32.00 -32.98
N SER D 290 11.52 33.13 -33.01
CA SER D 290 10.16 33.20 -32.51
C SER D 290 9.19 32.56 -33.48
N GLN D 291 7.95 32.40 -33.04
CA GLN D 291 6.87 31.83 -33.85
C GLN D 291 6.17 32.93 -34.63
N GLY D 292 6.23 32.83 -35.96
CA GLY D 292 5.74 33.90 -36.79
C GLY D 292 4.24 34.00 -36.76
N LYS D 293 3.73 35.03 -36.08
CA LYS D 293 2.31 35.14 -35.84
C LYS D 293 1.84 36.56 -36.14
N ALA D 294 0.53 36.73 -36.07
CA ALA D 294 -0.01 38.07 -36.00
C ALA D 294 0.38 38.68 -34.67
N TYR D 295 0.94 39.88 -34.71
CA TYR D 295 1.54 40.65 -33.63
C TYR D 295 2.76 39.99 -33.00
N ARG D 296 3.18 38.81 -33.48
CA ARG D 296 4.46 38.16 -33.18
C ARG D 296 4.71 37.99 -31.68
N GLN D 297 3.70 37.50 -30.97
CA GLN D 297 3.80 37.37 -29.52
C GLN D 297 4.22 35.96 -29.16
N PRO D 298 5.32 35.77 -28.44
CA PRO D 298 5.58 34.46 -27.82
C PRO D 298 4.92 34.40 -26.45
N LYS D 299 4.31 33.26 -26.17
CA LYS D 299 3.51 33.13 -24.96
C LYS D 299 4.40 32.99 -23.72
N GLN D 300 5.64 32.56 -23.90
CA GLN D 300 6.55 32.44 -22.76
C GLN D 300 6.92 33.80 -22.22
N LYS D 301 7.66 34.57 -23.01
CA LYS D 301 8.33 35.76 -22.52
C LYS D 301 7.39 36.93 -22.33
N LEU D 302 6.13 36.80 -22.78
CA LEU D 302 5.10 37.84 -22.72
C LEU D 302 5.54 39.12 -23.42
N ASP D 303 6.33 38.95 -24.47
CA ASP D 303 6.85 40.07 -25.22
C ASP D 303 6.03 40.26 -26.49
N PHE D 304 6.10 41.45 -27.03
CA PHE D 304 5.45 41.77 -28.29
C PHE D 304 6.53 42.33 -29.20
N TYR D 305 7.28 41.43 -29.83
CA TYR D 305 7.97 41.78 -31.04
C TYR D 305 6.92 42.23 -32.05
N THR D 306 7.27 43.22 -32.87
CA THR D 306 6.34 43.90 -33.78
C THR D 306 5.13 44.44 -33.01
N LEU D 307 5.42 45.40 -32.16
CA LEU D 307 4.37 46.11 -31.45
C LEU D 307 3.63 47.03 -32.42
N LEU D 308 2.54 47.63 -31.94
CA LEU D 308 1.80 48.65 -32.69
C LEU D 308 2.69 49.81 -33.11
N ASP D 309 3.65 50.18 -32.27
CA ASP D 309 4.45 51.37 -32.55
C ASP D 309 5.40 51.14 -33.71
N ASN D 310 5.89 49.92 -33.86
CA ASN D 310 6.56 49.56 -35.09
C ASN D 310 5.52 49.34 -36.16
N TRP D 311 5.94 49.50 -37.42
CA TRP D 311 5.07 49.26 -38.56
C TRP D 311 5.23 47.84 -39.09
N VAL D 312 5.51 46.89 -38.21
CA VAL D 312 5.81 45.52 -38.60
C VAL D 312 4.63 44.59 -38.24
N LEU D 313 3.43 45.14 -38.20
CA LEU D 313 2.24 44.37 -37.84
C LEU D 313 1.73 43.56 -39.03
N ARG D 314 1.25 42.34 -38.74
CA ARG D 314 0.57 41.57 -39.78
C ARG D 314 -0.78 42.20 -40.11
N ASP D 315 -1.36 42.92 -39.17
CA ASP D 315 -2.53 43.73 -39.50
C ASP D 315 -2.16 45.09 -40.09
N GLU D 316 -0.92 45.28 -40.52
CA GLU D 316 -0.54 46.46 -41.28
C GLU D 316 0.24 46.14 -42.55
N ALA D 317 0.76 44.93 -42.67
CA ALA D 317 1.41 44.50 -43.89
C ALA D 317 0.53 44.42 -45.13
N PRO D 318 -0.82 44.21 -45.05
CA PRO D 318 -1.63 44.48 -46.24
C PRO D 318 -2.23 45.87 -46.24
N ALA D 319 -2.25 46.55 -45.10
CA ALA D 319 -2.60 47.96 -45.10
C ALA D 319 -1.48 48.78 -45.74
N VAL D 320 -0.28 48.25 -45.75
CA VAL D 320 0.81 48.79 -46.54
C VAL D 320 0.93 48.09 -47.89
N GLU D 321 0.90 46.77 -47.94
CA GLU D 321 1.24 46.10 -49.19
C GLU D 321 0.08 46.11 -50.17
N GLN D 322 -1.15 46.03 -49.67
CA GLN D 322 -2.33 46.03 -50.54
C GLN D 322 -2.54 47.34 -51.28
N GLN D 323 -1.89 48.43 -50.87
CA GLN D 323 -1.98 49.66 -51.63
C GLN D 323 -0.63 50.23 -52.02
N HIS D 324 0.46 49.68 -51.50
CA HIS D 324 1.75 50.37 -51.53
C HIS D 324 2.93 49.49 -51.88
N TYR D 325 2.80 48.17 -51.82
CA TYR D 325 3.70 47.20 -52.48
C TYR D 325 5.12 47.19 -51.93
N VAL D 326 5.36 47.70 -50.73
CA VAL D 326 6.72 47.80 -50.20
C VAL D 326 6.76 47.06 -48.87
N ILE D 327 7.36 45.87 -48.86
CA ILE D 327 7.74 45.24 -47.60
C ILE D 327 9.22 44.86 -47.67
N ALA D 328 9.63 44.31 -48.82
CA ALA D 328 11.03 44.00 -49.17
C ALA D 328 11.64 42.97 -48.21
N ASN D 329 11.16 41.73 -48.37
CA ASN D 329 11.71 40.47 -47.87
C ASN D 329 11.48 40.26 -46.39
N LEU D 330 10.83 41.19 -45.72
CA LEU D 330 10.01 40.90 -44.55
C LEU D 330 8.64 40.39 -44.97
N ILE D 331 8.42 40.28 -46.28
CA ILE D 331 7.26 39.63 -46.88
C ILE D 331 7.09 38.23 -46.33
N ARG D 332 8.20 37.54 -46.09
CA ARG D 332 8.18 36.12 -45.74
C ARG D 332 7.51 35.89 -44.39
N GLY D 333 7.83 36.71 -43.39
CA GLY D 333 7.12 36.77 -42.14
C GLY D 333 5.88 37.63 -42.15
N GLY D 334 5.38 37.96 -43.34
CA GLY D 334 4.10 38.62 -43.51
C GLY D 334 3.22 37.75 -44.37
N VAL D 335 3.82 36.73 -44.97
CA VAL D 335 3.08 35.73 -45.72
C VAL D 335 2.85 34.47 -44.90
N PHE D 336 3.88 33.99 -44.18
CA PHE D 336 3.66 32.91 -43.21
C PHE D 336 2.79 33.33 -42.04
N GLY D 337 2.49 34.62 -41.90
CA GLY D 337 1.32 35.00 -41.17
C GLY D 337 0.03 34.54 -41.85
N GLU D 338 0.07 34.31 -43.15
CA GLU D 338 -1.10 33.77 -43.85
C GLU D 338 -0.93 32.33 -44.28
N ALA D 339 0.16 31.67 -43.88
CA ALA D 339 0.18 30.21 -43.94
C ALA D 339 -0.44 29.61 -42.68
N GLU D 340 -1.13 30.42 -41.89
CA GLU D 340 -1.96 29.96 -40.79
C GLU D 340 -3.37 30.56 -40.91
N MET F 1 -7.58 40.00 9.30
CA MET F 1 -8.30 40.57 10.43
C MET F 1 -8.36 39.57 11.57
N LYS F 2 -7.44 39.72 12.53
CA LYS F 2 -7.36 38.94 13.76
C LYS F 2 -7.19 37.44 13.45
N PHE F 3 -6.01 37.14 12.92
CA PHE F 3 -5.73 35.82 12.37
C PHE F 3 -5.46 34.78 13.44
N ILE F 4 -6.03 33.60 13.25
CA ILE F 4 -5.71 32.46 14.12
C ILE F 4 -5.34 31.27 13.26
N LYS F 5 -5.22 30.11 13.88
CA LYS F 5 -4.65 28.90 13.29
C LYS F 5 -5.45 28.31 12.13
N TYR F 6 -4.93 27.24 11.56
CA TYR F 6 -5.49 26.54 10.42
C TYR F 6 -6.37 25.38 10.85
N LEU F 7 -6.73 24.55 9.89
CA LEU F 7 -7.36 23.28 10.16
C LEU F 7 -6.56 22.15 9.49
N SER F 8 -5.52 21.70 10.21
CA SER F 8 -4.92 20.38 10.09
C SER F 8 -4.41 20.08 8.68
N THR F 9 -3.31 20.79 8.35
CA THR F 9 -2.42 20.48 7.22
C THR F 9 -3.14 20.64 5.89
N ALA F 10 -3.54 21.87 5.61
CA ALA F 10 -4.49 22.09 4.55
C ALA F 10 -3.84 22.71 3.32
N HIS F 11 -3.45 21.83 2.40
CA HIS F 11 -3.52 22.00 0.96
C HIS F 11 -3.22 20.60 0.48
N LEU F 12 -2.93 20.38 -0.79
CA LEU F 12 -3.69 19.55 -1.72
C LEU F 12 -4.45 20.40 -2.69
N ASN F 13 -4.43 21.67 -2.48
CA ASN F 13 -4.98 22.51 -3.53
C ASN F 13 -4.26 23.82 -3.64
N TYR F 14 -3.21 24.03 -2.86
CA TYR F 14 -2.78 25.35 -2.39
C TYR F 14 -3.95 26.13 -1.79
N MET F 15 -4.82 25.42 -1.10
CA MET F 15 -6.04 25.95 -0.50
C MET F 15 -6.21 25.40 0.91
N ASN F 16 -7.10 26.01 1.67
CA ASN F 16 -7.13 25.83 3.10
C ASN F 16 -8.51 26.23 3.58
N ILE F 17 -8.80 25.96 4.85
CA ILE F 17 -9.95 26.58 5.47
C ILE F 17 -9.59 27.94 6.02
N ALA F 18 -8.40 28.03 6.62
CA ALA F 18 -7.74 29.28 7.01
C ALA F 18 -8.60 30.11 7.96
N VAL F 19 -8.78 29.54 9.15
CA VAL F 19 -9.70 30.12 10.12
C VAL F 19 -9.08 31.36 10.73
N TYR F 20 -9.84 32.46 10.75
CA TYR F 20 -9.39 33.66 11.44
C TYR F 20 -10.58 34.51 11.86
N GLU F 21 -10.54 34.91 13.12
CA GLU F 21 -11.75 35.34 13.80
C GLU F 21 -12.19 36.73 13.38
N ASN F 22 -13.50 36.95 13.43
CA ASN F 22 -14.10 38.27 13.39
C ASN F 22 -14.27 38.73 14.83
N GLY F 23 -14.65 40.00 15.01
CA GLY F 23 -14.81 40.55 16.36
C GLY F 23 -15.94 39.89 17.14
N SER F 24 -17.00 39.49 16.46
CA SER F 24 -18.08 38.74 17.08
C SER F 24 -18.20 37.34 16.51
N LYS F 25 -18.24 37.23 15.19
CA LYS F 25 -18.33 35.95 14.53
C LYS F 25 -16.93 35.43 14.28
N ILE F 26 -16.81 34.40 13.46
CA ILE F 26 -15.51 33.84 13.09
C ILE F 26 -15.51 33.62 11.60
N LYS F 27 -14.50 34.15 10.92
CA LYS F 27 -14.37 33.90 9.50
C LYS F 27 -13.46 32.71 9.23
N ALA F 28 -13.92 31.80 8.39
CA ALA F 28 -13.09 30.69 7.96
C ALA F 28 -12.96 30.86 6.47
N ARG F 29 -12.04 31.71 6.04
CA ARG F 29 -12.00 32.12 4.64
C ARG F 29 -11.20 31.07 3.88
N VAL F 30 -11.92 30.26 3.11
CA VAL F 30 -11.27 29.29 2.25
C VAL F 30 -10.52 30.04 1.17
N GLU F 31 -9.20 29.95 1.21
CA GLU F 31 -8.37 30.87 0.45
C GLU F 31 -7.10 30.18 -0.01
N ASN F 32 -6.35 30.91 -0.80
CA ASN F 32 -5.03 30.49 -1.22
C ASN F 32 -4.03 30.65 -0.08
N VAL F 33 -3.11 29.68 0.01
CA VAL F 33 -1.85 29.87 0.73
C VAL F 33 -0.88 30.70 -0.08
N VAL F 34 -1.20 30.98 -1.33
CA VAL F 34 -0.51 31.86 -2.26
C VAL F 34 -1.45 33.04 -2.37
N ASN F 35 -1.31 33.81 -3.46
CA ASN F 35 -1.54 35.24 -3.64
C ASN F 35 -2.52 35.91 -2.67
N GLY F 36 -3.62 35.25 -2.34
CA GLY F 36 -4.50 35.78 -1.33
C GLY F 36 -5.88 35.83 -1.93
N LYS F 37 -5.97 35.39 -3.18
CA LYS F 37 -7.23 35.26 -3.86
C LYS F 37 -8.04 34.15 -3.20
N SER F 38 -9.22 34.50 -2.69
CA SER F 38 -10.04 33.57 -1.96
C SER F 38 -11.33 33.28 -2.71
N VAL F 39 -12.01 32.23 -2.27
CA VAL F 39 -13.38 31.95 -2.68
C VAL F 39 -14.22 32.27 -1.45
N GLY F 40 -15.52 32.03 -1.52
CA GLY F 40 -16.40 32.52 -0.47
C GLY F 40 -16.18 31.82 0.85
N ALA F 41 -16.39 32.58 1.93
CA ALA F 41 -16.11 32.21 3.30
C ALA F 41 -17.40 31.83 4.03
N ARG F 42 -17.31 31.61 5.34
CA ARG F 42 -18.51 31.43 6.15
C ARG F 42 -18.26 31.96 7.55
N ASP F 43 -19.18 32.80 8.03
CA ASP F 43 -19.09 33.44 9.33
C ASP F 43 -20.14 32.83 10.25
N PHE F 44 -19.72 32.44 11.46
CA PHE F 44 -20.62 31.78 12.39
C PHE F 44 -20.04 31.89 13.81
N ASP F 45 -20.54 31.04 14.71
CA ASP F 45 -20.22 31.02 16.13
C ASP F 45 -18.81 30.45 16.32
N SER F 46 -18.42 30.18 17.57
CA SER F 46 -17.03 30.04 17.92
C SER F 46 -16.49 28.65 17.53
N THR F 47 -15.28 28.38 18.04
CA THR F 47 -14.59 27.10 17.83
C THR F 47 -15.42 25.94 18.36
N GLU F 48 -16.24 26.19 19.37
CA GLU F 48 -17.18 25.20 19.87
C GLU F 48 -18.23 24.84 18.81
N GLN F 49 -18.46 25.70 17.82
CA GLN F 49 -19.20 25.23 16.65
C GLN F 49 -18.27 24.69 15.58
N LEU F 50 -17.17 25.42 15.33
CA LEU F 50 -16.25 25.14 14.23
C LEU F 50 -15.75 23.71 14.24
N GLU F 51 -15.20 23.26 15.37
CA GLU F 51 -14.77 21.89 15.46
C GLU F 51 -15.95 20.94 15.44
N SER F 52 -17.13 21.40 15.85
CA SER F 52 -18.24 20.49 16.03
C SER F 52 -18.86 20.10 14.69
N TRP F 53 -19.00 21.06 13.78
CA TRP F 53 -19.44 20.64 12.45
C TRP F 53 -18.27 20.16 11.59
N PHE F 54 -17.06 20.70 11.84
CA PHE F 54 -15.91 20.26 11.07
C PHE F 54 -15.63 18.78 11.31
N TYR F 55 -15.72 18.35 12.56
CA TYR F 55 -15.79 16.94 12.89
C TYR F 55 -17.01 16.27 12.27
N GLY F 56 -18.12 16.98 12.15
CA GLY F 56 -19.36 16.36 11.76
C GLY F 56 -19.51 16.08 10.29
N LEU F 57 -18.50 16.31 9.49
CA LEU F 57 -18.61 16.05 8.08
C LEU F 57 -17.91 14.74 7.74
N PRO F 58 -18.35 14.01 6.71
CA PRO F 58 -17.70 12.74 6.40
C PRO F 58 -16.33 12.91 5.79
N GLY F 59 -15.65 11.80 5.56
CA GLY F 59 -14.26 11.81 5.17
C GLY F 59 -13.37 11.41 6.33
N SER F 60 -12.18 10.92 5.99
CA SER F 60 -11.22 10.43 6.97
C SER F 60 -10.00 11.32 6.96
N GLY F 61 -9.88 12.17 7.97
CA GLY F 61 -8.73 13.04 8.05
C GLY F 61 -8.79 14.12 7.00
N LEU F 62 -8.00 13.91 5.95
CA LEU F 62 -7.92 14.84 4.82
C LEU F 62 -9.27 15.01 4.14
N GLY F 63 -10.11 13.98 4.17
CA GLY F 63 -11.46 14.10 3.67
C GLY F 63 -12.30 15.10 4.42
N ARG F 64 -12.02 15.33 5.71
CA ARG F 64 -12.77 16.37 6.42
C ARG F 64 -12.37 17.75 5.93
N ILE F 65 -11.10 17.92 5.57
CA ILE F 65 -10.66 19.16 4.92
C ILE F 65 -11.33 19.29 3.56
N GLU F 66 -11.49 18.17 2.87
CA GLU F 66 -11.96 18.19 1.49
C GLU F 66 -13.45 18.54 1.42
N ASN F 67 -14.29 17.70 2.03
CA ASN F 67 -15.72 17.96 2.09
C ASN F 67 -16.02 19.24 2.85
N ALA F 68 -15.13 19.63 3.77
CA ALA F 68 -15.22 20.96 4.37
C ALA F 68 -15.08 22.05 3.33
N MET F 69 -14.11 21.92 2.42
CA MET F 69 -13.88 22.98 1.44
C MET F 69 -15.02 23.06 0.44
N ASN F 70 -15.50 21.91 -0.04
CA ASN F 70 -16.65 21.95 -0.94
C ASN F 70 -17.92 22.36 -0.21
N GLU F 71 -17.96 22.24 1.11
CA GLU F 71 -19.11 22.72 1.87
C GLU F 71 -19.10 24.22 2.02
N ILE F 72 -17.95 24.80 2.35
CA ILE F 72 -17.88 26.24 2.47
C ILE F 72 -17.99 26.89 1.10
N SER F 73 -17.45 26.25 0.08
CA SER F 73 -17.26 26.86 -1.24
C SER F 73 -18.56 27.03 -2.02
N ARG F 74 -19.61 26.28 -1.70
CA ARG F 74 -20.91 26.42 -2.36
C ARG F 74 -21.86 27.23 -1.50
N ARG F 75 -21.29 28.27 -0.88
CA ARG F 75 -21.80 28.98 0.28
C ARG F 75 -23.23 29.51 0.20
N GLU F 76 -23.81 29.69 1.38
CA GLU F 76 -25.04 30.42 1.58
C GLU F 76 -24.80 31.82 2.09
N ASN F 77 -23.68 32.06 2.76
CA ASN F 77 -23.51 33.24 3.60
C ASN F 77 -22.74 34.32 2.88
N PRO F 78 -23.34 35.50 2.60
CA PRO F 78 -22.57 36.67 2.16
C PRO F 78 -22.34 37.65 3.31
#